data_1S7I
# 
_entry.id   1S7I 
# 
_audit_conform.dict_name       mmcif_pdbx.dic 
_audit_conform.dict_version    5.386 
_audit_conform.dict_location   http://mmcif.pdb.org/dictionaries/ascii/mmcif_pdbx.dic 
# 
loop_
_database_2.database_id 
_database_2.database_code 
_database_2.pdbx_database_accession 
_database_2.pdbx_DOI 
PDB   1S7I         pdb_00001s7i 10.2210/pdb1s7i/pdb 
RCSB  RCSB021464   ?            ?                   
WWPDB D_1000021464 ?            ?                   
# 
loop_
_pdbx_audit_revision_history.ordinal 
_pdbx_audit_revision_history.data_content_type 
_pdbx_audit_revision_history.major_revision 
_pdbx_audit_revision_history.minor_revision 
_pdbx_audit_revision_history.revision_date 
1 'Structure model' 1 0 2004-08-24 
2 'Structure model' 1 1 2008-04-29 
3 'Structure model' 1 2 2011-07-13 
4 'Structure model' 1 3 2024-02-14 
# 
_pdbx_audit_revision_details.ordinal             1 
_pdbx_audit_revision_details.revision_ordinal    1 
_pdbx_audit_revision_details.data_content_type   'Structure model' 
_pdbx_audit_revision_details.provider            repository 
_pdbx_audit_revision_details.type                'Initial release' 
_pdbx_audit_revision_details.description         ? 
_pdbx_audit_revision_details.details             ? 
# 
loop_
_pdbx_audit_revision_group.ordinal 
_pdbx_audit_revision_group.revision_ordinal 
_pdbx_audit_revision_group.data_content_type 
_pdbx_audit_revision_group.group 
1 2 'Structure model' 'Version format compliance' 
2 3 'Structure model' 'Derived calculations'      
3 3 'Structure model' 'Version format compliance' 
4 4 'Structure model' 'Data collection'           
5 4 'Structure model' 'Database references'       
# 
loop_
_pdbx_audit_revision_category.ordinal 
_pdbx_audit_revision_category.revision_ordinal 
_pdbx_audit_revision_category.data_content_type 
_pdbx_audit_revision_category.category 
1 4 'Structure model' chem_comp_atom     
2 4 'Structure model' chem_comp_bond     
3 4 'Structure model' database_2         
4 4 'Structure model' struct_ref_seq_dif 
# 
loop_
_pdbx_audit_revision_item.ordinal 
_pdbx_audit_revision_item.revision_ordinal 
_pdbx_audit_revision_item.data_content_type 
_pdbx_audit_revision_item.item 
1 4 'Structure model' '_database_2.pdbx_DOI'                
2 4 'Structure model' '_database_2.pdbx_database_accession' 
3 4 'Structure model' '_struct_ref_seq_dif.details'         
# 
_pdbx_database_status.status_code                     REL 
_pdbx_database_status.entry_id                        1S7I 
_pdbx_database_status.recvd_initial_deposition_date   2004-01-29 
_pdbx_database_status.deposit_site                    RCSB 
_pdbx_database_status.process_site                    RCSB 
_pdbx_database_status.SG_entry                        Y 
_pdbx_database_status.status_code_sf                  REL 
_pdbx_database_status.pdb_format_compatible           Y 
_pdbx_database_status.status_code_mr                  ? 
_pdbx_database_status.status_code_cs                  ? 
_pdbx_database_status.status_code_nmr_data            ? 
_pdbx_database_status.methods_development_category    ? 
# 
_pdbx_database_related.db_name        TargetDB 
_pdbx_database_related.db_id          APC5031 
_pdbx_database_related.details        . 
_pdbx_database_related.content_type   unspecified 
# 
loop_
_audit_author.name 
_audit_author.pdbx_ordinal 
'Zhang, R.'                                     1 
'Skarina, T.'                                   2 
'Savchenko, A.'                                 3 
'Edwards, A.'                                   4 
'Joachimiak, A.'                                5 
'Midwest Center for Structural Genomics (MCSG)' 6 
# 
_citation.id                        primary 
_citation.title                     '1.8A crystal structure of a hypothetical protein PA1349 from Pseudomonas aeruginosa' 
_citation.journal_abbrev            'To be Published' 
_citation.journal_volume            ? 
_citation.page_first                ? 
_citation.page_last                 ? 
_citation.year                      ? 
_citation.journal_id_ASTM           ? 
_citation.country                   ? 
_citation.journal_id_ISSN           ? 
_citation.journal_id_CSD            0353 
_citation.book_publisher            ? 
_citation.pdbx_database_id_PubMed   ? 
_citation.pdbx_database_id_DOI      ? 
# 
loop_
_citation_author.citation_id 
_citation_author.name 
_citation_author.ordinal 
_citation_author.identifier_ORCID 
primary 'Zhang, R.'      1 ? 
primary 'Skarina, T.'    2 ? 
primary 'Savchenko, A.'  3 ? 
primary 'Edwards, A.'    4 ? 
primary 'Joachimiak, A.' 5 ? 
# 
loop_
_entity.id 
_entity.type 
_entity.src_method 
_entity.pdbx_description 
_entity.formula_weight 
_entity.pdbx_number_of_molecules 
_entity.pdbx_ec 
_entity.pdbx_mutation 
_entity.pdbx_fragment 
_entity.details 
1 polymer man 'hypothetical protein PA1349' 13633.543 1  ? ? ? ? 
2 water   nat water                         18.015    57 ? ? ? ? 
# 
_entity_poly.entity_id                      1 
_entity_poly.type                           'polypeptide(L)' 
_entity_poly.nstd_linkage                   no 
_entity_poly.nstd_monomer                   no 
_entity_poly.pdbx_seq_one_letter_code       
;LYFQGNMKYLCLIYFDEAKLAAVPAEELAAIVDECMTYSDQLGKAGHYIASHALQSVQTATTLRHQGGRLAMTDGPFAET
KEQLGGFYLIEARDLNQALQIAAKIPPGRLGCVEVRPVKEWEGS
;
_entity_poly.pdbx_seq_one_letter_code_can   
;LYFQGNMKYLCLIYFDEAKLAAVPAEELAAIVDECMTYSDQLGKAGHYIASHALQSVQTATTLRHQGGRLAMTDGPFAET
KEQLGGFYLIEARDLNQALQIAAKIPPGRLGCVEVRPVKEWEGS
;
_entity_poly.pdbx_strand_id                 A 
_entity_poly.pdbx_target_identifier         APC5031 
# 
_pdbx_entity_nonpoly.entity_id   2 
_pdbx_entity_nonpoly.name        water 
_pdbx_entity_nonpoly.comp_id     HOH 
# 
loop_
_entity_poly_seq.entity_id 
_entity_poly_seq.num 
_entity_poly_seq.mon_id 
_entity_poly_seq.hetero 
1 1   LEU n 
1 2   TYR n 
1 3   PHE n 
1 4   GLN n 
1 5   GLY n 
1 6   ASN n 
1 7   MET n 
1 8   LYS n 
1 9   TYR n 
1 10  LEU n 
1 11  CYS n 
1 12  LEU n 
1 13  ILE n 
1 14  TYR n 
1 15  PHE n 
1 16  ASP n 
1 17  GLU n 
1 18  ALA n 
1 19  LYS n 
1 20  LEU n 
1 21  ALA n 
1 22  ALA n 
1 23  VAL n 
1 24  PRO n 
1 25  ALA n 
1 26  GLU n 
1 27  GLU n 
1 28  LEU n 
1 29  ALA n 
1 30  ALA n 
1 31  ILE n 
1 32  VAL n 
1 33  ASP n 
1 34  GLU n 
1 35  CYS n 
1 36  MET n 
1 37  THR n 
1 38  TYR n 
1 39  SER n 
1 40  ASP n 
1 41  GLN n 
1 42  LEU n 
1 43  GLY n 
1 44  LYS n 
1 45  ALA n 
1 46  GLY n 
1 47  HIS n 
1 48  TYR n 
1 49  ILE n 
1 50  ALA n 
1 51  SER n 
1 52  HIS n 
1 53  ALA n 
1 54  LEU n 
1 55  GLN n 
1 56  SER n 
1 57  VAL n 
1 58  GLN n 
1 59  THR n 
1 60  ALA n 
1 61  THR n 
1 62  THR n 
1 63  LEU n 
1 64  ARG n 
1 65  HIS n 
1 66  GLN n 
1 67  GLY n 
1 68  GLY n 
1 69  ARG n 
1 70  LEU n 
1 71  ALA n 
1 72  MET n 
1 73  THR n 
1 74  ASP n 
1 75  GLY n 
1 76  PRO n 
1 77  PHE n 
1 78  ALA n 
1 79  GLU n 
1 80  THR n 
1 81  LYS n 
1 82  GLU n 
1 83  GLN n 
1 84  LEU n 
1 85  GLY n 
1 86  GLY n 
1 87  PHE n 
1 88  TYR n 
1 89  LEU n 
1 90  ILE n 
1 91  GLU n 
1 92  ALA n 
1 93  ARG n 
1 94  ASP n 
1 95  LEU n 
1 96  ASN n 
1 97  GLN n 
1 98  ALA n 
1 99  LEU n 
1 100 GLN n 
1 101 ILE n 
1 102 ALA n 
1 103 ALA n 
1 104 LYS n 
1 105 ILE n 
1 106 PRO n 
1 107 PRO n 
1 108 GLY n 
1 109 ARG n 
1 110 LEU n 
1 111 GLY n 
1 112 CYS n 
1 113 VAL n 
1 114 GLU n 
1 115 VAL n 
1 116 ARG n 
1 117 PRO n 
1 118 VAL n 
1 119 LYS n 
1 120 GLU n 
1 121 TRP n 
1 122 GLU n 
1 123 GLY n 
1 124 SER n 
# 
_entity_src_gen.entity_id                          1 
_entity_src_gen.pdbx_src_id                        1 
_entity_src_gen.pdbx_alt_source_flag               sample 
_entity_src_gen.pdbx_seq_type                      ? 
_entity_src_gen.pdbx_beg_seq_num                   ? 
_entity_src_gen.pdbx_end_seq_num                   ? 
_entity_src_gen.gene_src_common_name               ? 
_entity_src_gen.gene_src_genus                     Pseudomonas 
_entity_src_gen.pdbx_gene_src_gene                 ? 
_entity_src_gen.gene_src_species                   ? 
_entity_src_gen.gene_src_strain                    PA1349 
_entity_src_gen.gene_src_tissue                    ? 
_entity_src_gen.gene_src_tissue_fraction           ? 
_entity_src_gen.gene_src_details                   ? 
_entity_src_gen.pdbx_gene_src_fragment             ? 
_entity_src_gen.pdbx_gene_src_scientific_name      'Pseudomonas aeruginosa' 
_entity_src_gen.pdbx_gene_src_ncbi_taxonomy_id     287 
_entity_src_gen.pdbx_gene_src_variant              ? 
_entity_src_gen.pdbx_gene_src_cell_line            ? 
_entity_src_gen.pdbx_gene_src_atcc                 ? 
_entity_src_gen.pdbx_gene_src_organ                ? 
_entity_src_gen.pdbx_gene_src_organelle            ? 
_entity_src_gen.pdbx_gene_src_cell                 ? 
_entity_src_gen.pdbx_gene_src_cellular_location    ? 
_entity_src_gen.host_org_common_name               ? 
_entity_src_gen.pdbx_host_org_scientific_name      'Escherichia coli BL21(DE3)' 
_entity_src_gen.pdbx_host_org_ncbi_taxonomy_id     469008 
_entity_src_gen.host_org_genus                     Escherichia 
_entity_src_gen.pdbx_host_org_gene                 ? 
_entity_src_gen.pdbx_host_org_organ                ? 
_entity_src_gen.host_org_species                   'Escherichia coli' 
_entity_src_gen.pdbx_host_org_tissue               ? 
_entity_src_gen.pdbx_host_org_tissue_fraction      ? 
_entity_src_gen.pdbx_host_org_strain               'BL21 (DE3)' 
_entity_src_gen.pdbx_host_org_variant              ? 
_entity_src_gen.pdbx_host_org_cell_line            ? 
_entity_src_gen.pdbx_host_org_atcc                 ? 
_entity_src_gen.pdbx_host_org_culture_collection   ? 
_entity_src_gen.pdbx_host_org_cell                 ? 
_entity_src_gen.pdbx_host_org_organelle            ? 
_entity_src_gen.pdbx_host_org_cellular_location    ? 
_entity_src_gen.pdbx_host_org_vector_type          plasmid 
_entity_src_gen.pdbx_host_org_vector               ? 
_entity_src_gen.host_org_details                   ? 
_entity_src_gen.expression_system_id               ? 
_entity_src_gen.plasmid_name                       pET15b 
_entity_src_gen.plasmid_details                    ? 
_entity_src_gen.pdbx_description                   ? 
# 
loop_
_chem_comp.id 
_chem_comp.type 
_chem_comp.mon_nstd_flag 
_chem_comp.name 
_chem_comp.pdbx_synonyms 
_chem_comp.formula 
_chem_comp.formula_weight 
ALA 'L-peptide linking' y ALANINE         ? 'C3 H7 N O2'     89.093  
ARG 'L-peptide linking' y ARGININE        ? 'C6 H15 N4 O2 1' 175.209 
ASN 'L-peptide linking' y ASPARAGINE      ? 'C4 H8 N2 O3'    132.118 
ASP 'L-peptide linking' y 'ASPARTIC ACID' ? 'C4 H7 N O4'     133.103 
CYS 'L-peptide linking' y CYSTEINE        ? 'C3 H7 N O2 S'   121.158 
GLN 'L-peptide linking' y GLUTAMINE       ? 'C5 H10 N2 O3'   146.144 
GLU 'L-peptide linking' y 'GLUTAMIC ACID' ? 'C5 H9 N O4'     147.129 
GLY 'peptide linking'   y GLYCINE         ? 'C2 H5 N O2'     75.067  
HIS 'L-peptide linking' y HISTIDINE       ? 'C6 H10 N3 O2 1' 156.162 
HOH non-polymer         . WATER           ? 'H2 O'           18.015  
ILE 'L-peptide linking' y ISOLEUCINE      ? 'C6 H13 N O2'    131.173 
LEU 'L-peptide linking' y LEUCINE         ? 'C6 H13 N O2'    131.173 
LYS 'L-peptide linking' y LYSINE          ? 'C6 H15 N2 O2 1' 147.195 
MET 'L-peptide linking' y METHIONINE      ? 'C5 H11 N O2 S'  149.211 
PHE 'L-peptide linking' y PHENYLALANINE   ? 'C9 H11 N O2'    165.189 
PRO 'L-peptide linking' y PROLINE         ? 'C5 H9 N O2'     115.130 
SER 'L-peptide linking' y SERINE          ? 'C3 H7 N O3'     105.093 
THR 'L-peptide linking' y THREONINE       ? 'C4 H9 N O3'     119.119 
TRP 'L-peptide linking' y TRYPTOPHAN      ? 'C11 H12 N2 O2'  204.225 
TYR 'L-peptide linking' y TYROSINE        ? 'C9 H11 N O3'    181.189 
VAL 'L-peptide linking' y VALINE          ? 'C5 H11 N O2'    117.146 
# 
loop_
_pdbx_poly_seq_scheme.asym_id 
_pdbx_poly_seq_scheme.entity_id 
_pdbx_poly_seq_scheme.seq_id 
_pdbx_poly_seq_scheme.mon_id 
_pdbx_poly_seq_scheme.ndb_seq_num 
_pdbx_poly_seq_scheme.pdb_seq_num 
_pdbx_poly_seq_scheme.auth_seq_num 
_pdbx_poly_seq_scheme.pdb_mon_id 
_pdbx_poly_seq_scheme.auth_mon_id 
_pdbx_poly_seq_scheme.pdb_strand_id 
_pdbx_poly_seq_scheme.pdb_ins_code 
_pdbx_poly_seq_scheme.hetero 
A 1 1   LEU 1   1   1   LEU LEU A . n 
A 1 2   TYR 2   2   2   TYR TYR A . n 
A 1 3   PHE 3   3   3   PHE PHE A . n 
A 1 4   GLN 4   4   4   GLN GLN A . n 
A 1 5   GLY 5   5   5   GLY GLY A . n 
A 1 6   ASN 6   6   6   ASN ASN A . n 
A 1 7   MET 7   7   7   MET MET A . n 
A 1 8   LYS 8   8   8   LYS LYS A . n 
A 1 9   TYR 9   9   9   TYR TYR A . n 
A 1 10  LEU 10  10  10  LEU LEU A . n 
A 1 11  CYS 11  11  11  CYS CYS A . n 
A 1 12  LEU 12  12  12  LEU LEU A . n 
A 1 13  ILE 13  13  13  ILE ILE A . n 
A 1 14  TYR 14  14  14  TYR TYR A . n 
A 1 15  PHE 15  15  15  PHE PHE A . n 
A 1 16  ASP 16  16  16  ASP ASP A . n 
A 1 17  GLU 17  17  17  GLU GLU A . n 
A 1 18  ALA 18  18  18  ALA ALA A . n 
A 1 19  LYS 19  19  19  LYS LYS A . n 
A 1 20  LEU 20  20  20  LEU LEU A . n 
A 1 21  ALA 21  21  21  ALA ALA A . n 
A 1 22  ALA 22  22  22  ALA ALA A . n 
A 1 23  VAL 23  23  23  VAL VAL A . n 
A 1 24  PRO 24  24  24  PRO PRO A . n 
A 1 25  ALA 25  25  25  ALA ALA A . n 
A 1 26  GLU 26  26  26  GLU GLU A . n 
A 1 27  GLU 27  27  27  GLU GLU A . n 
A 1 28  LEU 28  28  28  LEU LEU A . n 
A 1 29  ALA 29  29  29  ALA ALA A . n 
A 1 30  ALA 30  30  30  ALA ALA A . n 
A 1 31  ILE 31  31  31  ILE ILE A . n 
A 1 32  VAL 32  32  32  VAL VAL A . n 
A 1 33  ASP 33  33  33  ASP ASP A . n 
A 1 34  GLU 34  34  34  GLU GLU A . n 
A 1 35  CYS 35  35  35  CYS CYS A . n 
A 1 36  MET 36  36  36  MET MET A . n 
A 1 37  THR 37  37  37  THR THR A . n 
A 1 38  TYR 38  38  38  TYR TYR A . n 
A 1 39  SER 39  39  39  SER SER A . n 
A 1 40  ASP 40  40  40  ASP ASP A . n 
A 1 41  GLN 41  41  41  GLN GLN A . n 
A 1 42  LEU 42  42  42  LEU LEU A . n 
A 1 43  GLY 43  43  43  GLY GLY A . n 
A 1 44  LYS 44  44  44  LYS LYS A . n 
A 1 45  ALA 45  45  45  ALA ALA A . n 
A 1 46  GLY 46  46  46  GLY GLY A . n 
A 1 47  HIS 47  47  47  HIS HIS A . n 
A 1 48  TYR 48  48  48  TYR TYR A . n 
A 1 49  ILE 49  49  49  ILE ILE A . n 
A 1 50  ALA 50  50  50  ALA ALA A . n 
A 1 51  SER 51  51  51  SER SER A . n 
A 1 52  HIS 52  52  52  HIS HIS A . n 
A 1 53  ALA 53  53  53  ALA ALA A . n 
A 1 54  LEU 54  54  54  LEU LEU A . n 
A 1 55  GLN 55  55  55  GLN GLN A . n 
A 1 56  SER 56  56  56  SER SER A . n 
A 1 57  VAL 57  57  57  VAL VAL A . n 
A 1 58  GLN 58  58  58  GLN GLN A . n 
A 1 59  THR 59  59  59  THR THR A . n 
A 1 60  ALA 60  60  60  ALA ALA A . n 
A 1 61  THR 61  61  61  THR THR A . n 
A 1 62  THR 62  62  62  THR THR A . n 
A 1 63  LEU 63  63  63  LEU LEU A . n 
A 1 64  ARG 64  64  64  ARG ARG A . n 
A 1 65  HIS 65  65  65  HIS HIS A . n 
A 1 66  GLN 66  66  66  GLN GLN A . n 
A 1 67  GLY 67  67  67  GLY GLY A . n 
A 1 68  GLY 68  68  68  GLY GLY A . n 
A 1 69  ARG 69  69  69  ARG ARG A . n 
A 1 70  LEU 70  70  70  LEU LEU A . n 
A 1 71  ALA 71  71  71  ALA ALA A . n 
A 1 72  MET 72  72  72  MET MET A . n 
A 1 73  THR 73  73  73  THR THR A . n 
A 1 74  ASP 74  74  74  ASP ASP A . n 
A 1 75  GLY 75  75  75  GLY GLY A . n 
A 1 76  PRO 76  76  76  PRO PRO A . n 
A 1 77  PHE 77  77  77  PHE PHE A . n 
A 1 78  ALA 78  78  78  ALA ALA A . n 
A 1 79  GLU 79  79  79  GLU GLU A . n 
A 1 80  THR 80  80  80  THR THR A . n 
A 1 81  LYS 81  81  81  LYS LYS A . n 
A 1 82  GLU 82  82  82  GLU GLU A . n 
A 1 83  GLN 83  83  83  GLN GLN A . n 
A 1 84  LEU 84  84  84  LEU LEU A . n 
A 1 85  GLY 85  85  85  GLY GLY A . n 
A 1 86  GLY 86  86  86  GLY GLY A . n 
A 1 87  PHE 87  87  87  PHE PHE A . n 
A 1 88  TYR 88  88  88  TYR TYR A . n 
A 1 89  LEU 89  89  89  LEU LEU A . n 
A 1 90  ILE 90  90  90  ILE ILE A . n 
A 1 91  GLU 91  91  91  GLU GLU A . n 
A 1 92  ALA 92  92  92  ALA ALA A . n 
A 1 93  ARG 93  93  93  ARG ARG A . n 
A 1 94  ASP 94  94  94  ASP ASP A . n 
A 1 95  LEU 95  95  95  LEU LEU A . n 
A 1 96  ASN 96  96  96  ASN ASN A . n 
A 1 97  GLN 97  97  97  GLN GLN A . n 
A 1 98  ALA 98  98  98  ALA ALA A . n 
A 1 99  LEU 99  99  99  LEU LEU A . n 
A 1 100 GLN 100 100 100 GLN GLN A . n 
A 1 101 ILE 101 101 101 ILE ILE A . n 
A 1 102 ALA 102 102 102 ALA ALA A . n 
A 1 103 ALA 103 103 103 ALA ALA A . n 
A 1 104 LYS 104 104 104 LYS LYS A . n 
A 1 105 ILE 105 105 105 ILE ILE A . n 
A 1 106 PRO 106 106 106 PRO PRO A . n 
A 1 107 PRO 107 107 107 PRO PRO A . n 
A 1 108 GLY 108 108 108 GLY GLY A . n 
A 1 109 ARG 109 109 109 ARG ARG A . n 
A 1 110 LEU 110 110 110 LEU LEU A . n 
A 1 111 GLY 111 111 111 GLY GLY A . n 
A 1 112 CYS 112 112 112 CYS CYS A . n 
A 1 113 VAL 113 113 113 VAL VAL A . n 
A 1 114 GLU 114 114 114 GLU GLU A . n 
A 1 115 VAL 115 115 115 VAL VAL A . n 
A 1 116 ARG 116 116 116 ARG ARG A . n 
A 1 117 PRO 117 117 117 PRO PRO A . n 
A 1 118 VAL 118 118 118 VAL VAL A . n 
A 1 119 LYS 119 119 119 LYS LYS A . n 
A 1 120 GLU 120 120 120 GLU GLU A . n 
A 1 121 TRP 121 121 121 TRP TRP A . n 
A 1 122 GLU 122 122 122 GLU GLU A . n 
A 1 123 GLY 123 123 123 GLY GLY A . n 
A 1 124 SER 124 124 124 SER SER A . n 
# 
loop_
_pdbx_nonpoly_scheme.asym_id 
_pdbx_nonpoly_scheme.entity_id 
_pdbx_nonpoly_scheme.mon_id 
_pdbx_nonpoly_scheme.ndb_seq_num 
_pdbx_nonpoly_scheme.pdb_seq_num 
_pdbx_nonpoly_scheme.auth_seq_num 
_pdbx_nonpoly_scheme.pdb_mon_id 
_pdbx_nonpoly_scheme.auth_mon_id 
_pdbx_nonpoly_scheme.pdb_strand_id 
_pdbx_nonpoly_scheme.pdb_ins_code 
B 2 HOH 1  201 201 HOH TIP A . 
B 2 HOH 2  202 202 HOH TIP A . 
B 2 HOH 3  203 203 HOH TIP A . 
B 2 HOH 4  204 204 HOH TIP A . 
B 2 HOH 5  205 205 HOH TIP A . 
B 2 HOH 6  206 206 HOH TIP A . 
B 2 HOH 7  207 207 HOH TIP A . 
B 2 HOH 8  208 208 HOH TIP A . 
B 2 HOH 9  209 209 HOH TIP A . 
B 2 HOH 10 210 210 HOH TIP A . 
B 2 HOH 11 211 211 HOH TIP A . 
B 2 HOH 12 212 212 HOH TIP A . 
B 2 HOH 13 213 213 HOH TIP A . 
B 2 HOH 14 214 214 HOH TIP A . 
B 2 HOH 15 215 215 HOH TIP A . 
B 2 HOH 16 216 216 HOH TIP A . 
B 2 HOH 17 217 217 HOH TIP A . 
B 2 HOH 18 218 218 HOH TIP A . 
B 2 HOH 19 220 220 HOH TIP A . 
B 2 HOH 20 221 221 HOH TIP A . 
B 2 HOH 21 222 222 HOH TIP A . 
B 2 HOH 22 223 223 HOH TIP A . 
B 2 HOH 23 224 224 HOH TIP A . 
B 2 HOH 24 225 225 HOH TIP A . 
B 2 HOH 25 226 226 HOH TIP A . 
B 2 HOH 26 227 227 HOH TIP A . 
B 2 HOH 27 228 228 HOH TIP A . 
B 2 HOH 28 229 229 HOH TIP A . 
B 2 HOH 29 230 230 HOH TIP A . 
B 2 HOH 30 231 231 HOH TIP A . 
B 2 HOH 31 232 232 HOH TIP A . 
B 2 HOH 32 233 233 HOH TIP A . 
B 2 HOH 33 235 235 HOH TIP A . 
B 2 HOH 34 236 236 HOH TIP A . 
B 2 HOH 35 237 237 HOH TIP A . 
B 2 HOH 36 238 238 HOH TIP A . 
B 2 HOH 37 239 239 HOH TIP A . 
B 2 HOH 38 240 240 HOH TIP A . 
B 2 HOH 39 241 241 HOH TIP A . 
B 2 HOH 40 242 242 HOH TIP A . 
B 2 HOH 41 243 243 HOH TIP A . 
B 2 HOH 42 244 244 HOH TIP A . 
B 2 HOH 43 245 245 HOH TIP A . 
B 2 HOH 44 246 246 HOH TIP A . 
B 2 HOH 45 247 247 HOH TIP A . 
B 2 HOH 46 248 248 HOH TIP A . 
B 2 HOH 47 249 249 HOH TIP A . 
B 2 HOH 48 250 250 HOH TIP A . 
B 2 HOH 49 251 251 HOH TIP A . 
B 2 HOH 50 252 252 HOH TIP A . 
B 2 HOH 51 253 253 HOH TIP A . 
B 2 HOH 52 254 254 HOH TIP A . 
B 2 HOH 53 255 255 HOH TIP A . 
B 2 HOH 54 256 256 HOH TIP A . 
B 2 HOH 55 257 257 HOH TIP A . 
B 2 HOH 56 258 258 HOH TIP A . 
B 2 HOH 57 259 259 HOH TIP A . 
# 
loop_
_software.name 
_software.classification 
_software.version 
_software.citation_id 
_software.pdbx_ordinal 
CNS         refinement        1.1 ? 1 
SBC-Collect 'data collection' .   ? 2 
HKL-2000    'data scaling'    .   ? 3 
CNS         phasing           .   ? 4 
# 
_cell.entry_id           1S7I 
_cell.length_a           103.437 
_cell.length_b           103.437 
_cell.length_c           103.437 
_cell.angle_alpha        90.00 
_cell.angle_beta         90.00 
_cell.angle_gamma        90.00 
_cell.Z_PDB              24 
_cell.pdbx_unique_axis   ? 
# 
_symmetry.entry_id                         1S7I 
_symmetry.space_group_name_H-M             'P 41 3 2' 
_symmetry.pdbx_full_space_group_name_H-M   ? 
_symmetry.cell_setting                     ? 
_symmetry.Int_Tables_number                213 
_symmetry.space_group_name_Hall            ? 
# 
_exptl.entry_id          1S7I 
_exptl.method            'X-RAY DIFFRACTION' 
_exptl.crystals_number   1 
# 
_exptl_crystal.id                    1 
_exptl_crystal.density_meas          ? 
_exptl_crystal.density_percent_sol   63.98 
_exptl_crystal.description           ? 
_exptl_crystal.density_Matthews      3.44 
_exptl_crystal.F_000                 ? 
_exptl_crystal.preparation           ? 
# 
_exptl_crystal_grow.crystal_id      1 
_exptl_crystal_grow.method          'VAPOR DIFFUSION, HANGING DROP' 
_exptl_crystal_grow.temp            298 
_exptl_crystal_grow.temp_details    ? 
_exptl_crystal_grow.pH              8.5 
_exptl_crystal_grow.pdbx_details    '1.5M Amm. Sulph., 0.1M Tris, pH 8.5, VAPOR DIFFUSION, HANGING DROP, temperature 298K' 
_exptl_crystal_grow.pdbx_pH_range   . 
# 
_diffrn.id                     1 
_diffrn.ambient_temp           100 
_diffrn.ambient_temp_details   ? 
_diffrn.crystal_id             1 
# 
_diffrn_detector.diffrn_id              1 
_diffrn_detector.detector               CCD 
_diffrn_detector.type                   SBC-2 
_diffrn_detector.pdbx_collection_date   2003-12-11 
_diffrn_detector.details                mirrors 
# 
_diffrn_radiation.diffrn_id                        1 
_diffrn_radiation.wavelength_id                    1 
_diffrn_radiation.pdbx_monochromatic_or_laue_m_l   M 
_diffrn_radiation.monochromator                    'Si 111 channel' 
_diffrn_radiation.pdbx_diffrn_protocol             MAD 
_diffrn_radiation.pdbx_scattering_type             x-ray 
# 
loop_
_diffrn_radiation_wavelength.id 
_diffrn_radiation_wavelength.wavelength 
_diffrn_radiation_wavelength.wt 
1 0.9795  1.0 
2 0.9797  1.0 
3 0.94656 1.0 
# 
_diffrn_source.diffrn_id                   1 
_diffrn_source.source                      SYNCHROTRON 
_diffrn_source.type                        'APS BEAMLINE 19-ID' 
_diffrn_source.pdbx_synchrotron_site       APS 
_diffrn_source.pdbx_synchrotron_beamline   19-ID 
_diffrn_source.pdbx_wavelength             ? 
_diffrn_source.pdbx_wavelength_list        '0.9795, 0.9797, 0.94656' 
# 
_reflns.entry_id                     1S7I 
_reflns.observed_criterion_sigma_I   4.0 
_reflns.observed_criterion_sigma_F   4.0 
_reflns.d_resolution_low             50 
_reflns.d_resolution_high            1.8 
_reflns.number_obs                   17179 
_reflns.number_all                   18121 
_reflns.percent_possible_obs         94.8 
_reflns.pdbx_Rmerge_I_obs            0.048 
_reflns.pdbx_Rsym_value              ? 
_reflns.pdbx_netI_over_sigmaI        41.33 
_reflns.B_iso_Wilson_estimate        22.6 
_reflns.pdbx_redundancy              9.12 
_reflns.R_free_details               ? 
_reflns.limit_h_max                  ? 
_reflns.limit_h_min                  ? 
_reflns.limit_k_max                  ? 
_reflns.limit_k_min                  ? 
_reflns.limit_l_max                  ? 
_reflns.limit_l_min                  ? 
_reflns.observed_criterion_F_max     ? 
_reflns.observed_criterion_F_min     ? 
_reflns.pdbx_chi_squared             ? 
_reflns.pdbx_scaling_rejects         ? 
_reflns.pdbx_ordinal                 1 
_reflns.pdbx_diffrn_id               1 
# 
_reflns_shell.d_res_high             1.8 
_reflns_shell.d_res_low              1.86 
_reflns_shell.percent_possible_all   76.8 
_reflns_shell.Rmerge_I_obs           0.68 
_reflns_shell.pdbx_Rsym_value        ? 
_reflns_shell.meanI_over_sigI_obs    1.71 
_reflns_shell.pdbx_redundancy        5.6 
_reflns_shell.percent_possible_obs   ? 
_reflns_shell.number_unique_all      1759 
_reflns_shell.number_measured_all    ? 
_reflns_shell.number_measured_obs    ? 
_reflns_shell.number_unique_obs      ? 
_reflns_shell.pdbx_chi_squared       ? 
_reflns_shell.pdbx_ordinal           1 
_reflns_shell.pdbx_diffrn_id         1 
# 
_refine.entry_id                                 1S7I 
_refine.ls_number_reflns_obs                     29975 
_refine.ls_number_reflns_all                     ? 
_refine.pdbx_ls_sigma_I                          ? 
_refine.pdbx_ls_sigma_F                          0.0 
_refine.pdbx_data_cutoff_high_absF               827357.77 
_refine.pdbx_data_cutoff_low_absF                0.000000 
_refine.pdbx_data_cutoff_high_rms_absF           ? 
_refine.ls_d_res_low                             28.69 
_refine.ls_d_res_high                            1.80 
_refine.ls_percent_reflns_obs                    90.5 
_refine.ls_R_factor_obs                          0.218 
_refine.ls_R_factor_all                          ? 
_refine.ls_R_factor_R_work                       0.218 
_refine.ls_R_factor_R_free                       0.262 
_refine.ls_R_factor_R_free_error                 0.007 
_refine.ls_R_factor_R_free_error_details         ? 
_refine.ls_percent_reflns_R_free                 5.0 
_refine.ls_number_reflns_R_free                  1503 
_refine.ls_number_parameters                     ? 
_refine.ls_number_restraints                     ? 
_refine.occupancy_min                            ? 
_refine.occupancy_max                            ? 
_refine.correlation_coeff_Fo_to_Fc               ? 
_refine.correlation_coeff_Fo_to_Fc_free          ? 
_refine.B_iso_mean                               33.4 
_refine.aniso_B[1][1]                            0.00 
_refine.aniso_B[2][2]                            0.00 
_refine.aniso_B[3][3]                            0.00 
_refine.aniso_B[1][2]                            0.00 
_refine.aniso_B[1][3]                            0.00 
_refine.aniso_B[2][3]                            0.00 
_refine.solvent_model_details                    'FLAT MODEL' 
_refine.solvent_model_param_ksol                 0.376487 
_refine.solvent_model_param_bsol                 56.9607 
_refine.pdbx_solvent_vdw_probe_radii             ? 
_refine.pdbx_solvent_ion_probe_radii             ? 
_refine.pdbx_solvent_shrinkage_radii             ? 
_refine.pdbx_ls_cross_valid_method               THROUGHOUT 
_refine.details                                  ? 
_refine.pdbx_starting_model                      ? 
_refine.pdbx_method_to_determine_struct          MAD 
_refine.pdbx_isotropic_thermal_model             RESTRAINED 
_refine.pdbx_stereochemistry_target_values       'Engh & Huber' 
_refine.pdbx_stereochem_target_val_spec_case     ? 
_refine.pdbx_R_Free_selection_details            RANDOM 
_refine.pdbx_overall_ESU_R                       ? 
_refine.pdbx_overall_ESU_R_Free                  ? 
_refine.overall_SU_ML                            ? 
_refine.overall_SU_B                             ? 
_refine.ls_redundancy_reflns_obs                 ? 
_refine.B_iso_min                                ? 
_refine.B_iso_max                                ? 
_refine.overall_SU_R_Cruickshank_DPI             ? 
_refine.overall_SU_R_free                        ? 
_refine.ls_wR_factor_R_free                      ? 
_refine.ls_wR_factor_R_work                      ? 
_refine.overall_FOM_free_R_set                   ? 
_refine.overall_FOM_work_R_set                   ? 
_refine.pdbx_refine_id                           'X-RAY DIFFRACTION' 
_refine.pdbx_diffrn_id                           1 
_refine.pdbx_TLS_residual_ADP_flag               ? 
_refine.pdbx_overall_phase_error                 ? 
_refine.pdbx_overall_SU_R_free_Cruickshank_DPI   ? 
_refine.pdbx_overall_SU_R_Blow_DPI               ? 
_refine.pdbx_overall_SU_R_free_Blow_DPI          ? 
# 
_refine_analyze.entry_id                        1S7I 
_refine_analyze.Luzzati_coordinate_error_obs    0.24 
_refine_analyze.Luzzati_sigma_a_obs             0.22 
_refine_analyze.Luzzati_d_res_low_obs           5.00 
_refine_analyze.Luzzati_coordinate_error_free   0.27 
_refine_analyze.Luzzati_sigma_a_free            0.12 
_refine_analyze.Luzzati_d_res_low_free          ? 
_refine_analyze.number_disordered_residues      ? 
_refine_analyze.occupancy_sum_hydrogen          ? 
_refine_analyze.occupancy_sum_non_hydrogen      ? 
_refine_analyze.pdbx_Luzzati_d_res_high_obs     ? 
_refine_analyze.pdbx_refine_id                  'X-RAY DIFFRACTION' 
# 
_refine_hist.pdbx_refine_id                   'X-RAY DIFFRACTION' 
_refine_hist.cycle_id                         LAST 
_refine_hist.pdbx_number_atoms_protein        957 
_refine_hist.pdbx_number_atoms_nucleic_acid   0 
_refine_hist.pdbx_number_atoms_ligand         0 
_refine_hist.number_atoms_solvent             57 
_refine_hist.number_atoms_total               1014 
_refine_hist.d_res_high                       1.80 
_refine_hist.d_res_low                        28.69 
# 
loop_
_refine_ls_restr.type 
_refine_ls_restr.dev_ideal 
_refine_ls_restr.dev_ideal_target 
_refine_ls_restr.weight 
_refine_ls_restr.number 
_refine_ls_restr.pdbx_refine_id 
_refine_ls_restr.pdbx_restraint_function 
c_bond_d           0.006 ? ? ? 'X-RAY DIFFRACTION' ? 
c_angle_deg        1.4   ? ? ? 'X-RAY DIFFRACTION' ? 
c_dihedral_angle_d 24.1  ? ? ? 'X-RAY DIFFRACTION' ? 
c_improper_angle_d 0.74  ? ? ? 'X-RAY DIFFRACTION' ? 
# 
_refine_ls_shell.pdbx_total_number_of_bins_used   6 
_refine_ls_shell.d_res_high                       1.80 
_refine_ls_shell.d_res_low                        1.91 
_refine_ls_shell.number_reflns_R_work             3464 
_refine_ls_shell.R_factor_R_work                  0.301 
_refine_ls_shell.percent_reflns_obs               66.1 
_refine_ls_shell.R_factor_R_free                  0.301 
_refine_ls_shell.R_factor_R_free_error            0.021 
_refine_ls_shell.percent_reflns_R_free            5.7 
_refine_ls_shell.number_reflns_R_free             208 
_refine_ls_shell.number_reflns_obs                ? 
_refine_ls_shell.redundancy_reflns_obs            ? 
_refine_ls_shell.number_reflns_all                ? 
_refine_ls_shell.pdbx_refine_id                   'X-RAY DIFFRACTION' 
_refine_ls_shell.R_factor_all                     ? 
# 
loop_
_pdbx_xplor_file.serial_no 
_pdbx_xplor_file.param_file 
_pdbx_xplor_file.topol_file 
_pdbx_xplor_file.pdbx_refine_id 
1 PROTEIN_REP.PARAM PROTEIN.TOP 'X-RAY DIFFRACTION' 
2 WATER_REP.PARAM   ?           'X-RAY DIFFRACTION' 
3 ION.PARAM         ?           'X-RAY DIFFRACTION' 
# 
_struct.entry_id                  1S7I 
_struct.title                     '1.8 A Crystal Structure of a Protein of Unknown Function PA1349 from Pseudomonas aeruginosa' 
_struct.pdbx_model_details        ? 
_struct.pdbx_CASP_flag            ? 
_struct.pdbx_model_type_details   ? 
# 
_struct_keywords.entry_id        1S7I 
_struct_keywords.pdbx_keywords   'STRUCTURAL GENOMICS, UNKNOWN FUNCTION' 
_struct_keywords.text            
;Structural Genomics, protein structure initiative, Pseudomonas aeruginosa, MCSG, PSI, Midwest Center for Structural Genomics, UNKNOWN FUNCTION
;
# 
loop_
_struct_asym.id 
_struct_asym.pdbx_blank_PDB_chainid_flag 
_struct_asym.pdbx_modified 
_struct_asym.entity_id 
_struct_asym.details 
A N N 1 ? 
B N N 2 ? 
# 
_struct_ref.id                         1 
_struct_ref.db_name                    UNP 
_struct_ref.db_code                    Q9I3Z5_PSEAE 
_struct_ref.pdbx_db_accession          Q9I3Z5 
_struct_ref.entity_id                  1 
_struct_ref.pdbx_seq_one_letter_code   
;MKYLCLIYFDEAKLAAVPAEELAAIVDECMTYSDQLGKAGHYIASHALQSVQTATTLRHQGGRLAMTDGPFAETKEQLGG
FYLIEARDLNQALQIAAKIPPGRLGCVEVRPVKEWE
;
_struct_ref.pdbx_align_begin           1 
_struct_ref.pdbx_db_isoform            ? 
# 
_struct_ref_seq.align_id                      1 
_struct_ref_seq.ref_id                        1 
_struct_ref_seq.pdbx_PDB_id_code              1S7I 
_struct_ref_seq.pdbx_strand_id                A 
_struct_ref_seq.seq_align_beg                 7 
_struct_ref_seq.pdbx_seq_align_beg_ins_code   ? 
_struct_ref_seq.seq_align_end                 122 
_struct_ref_seq.pdbx_seq_align_end_ins_code   ? 
_struct_ref_seq.pdbx_db_accession             Q9I3Z5 
_struct_ref_seq.db_align_beg                  1 
_struct_ref_seq.pdbx_db_align_beg_ins_code    ? 
_struct_ref_seq.db_align_end                  116 
_struct_ref_seq.pdbx_db_align_end_ins_code    ? 
_struct_ref_seq.pdbx_auth_seq_align_beg       7 
_struct_ref_seq.pdbx_auth_seq_align_end       122 
# 
loop_
_struct_ref_seq_dif.align_id 
_struct_ref_seq_dif.pdbx_pdb_id_code 
_struct_ref_seq_dif.mon_id 
_struct_ref_seq_dif.pdbx_pdb_strand_id 
_struct_ref_seq_dif.seq_num 
_struct_ref_seq_dif.pdbx_pdb_ins_code 
_struct_ref_seq_dif.pdbx_seq_db_name 
_struct_ref_seq_dif.pdbx_seq_db_accession_code 
_struct_ref_seq_dif.db_mon_id 
_struct_ref_seq_dif.pdbx_seq_db_seq_num 
_struct_ref_seq_dif.details 
_struct_ref_seq_dif.pdbx_auth_seq_num 
_struct_ref_seq_dif.pdbx_ordinal 
1 1S7I LEU A 1   ? UNP Q9I3Z5 ? ? 'cloning artifact' 1   1 
1 1S7I TYR A 2   ? UNP Q9I3Z5 ? ? 'cloning artifact' 2   2 
1 1S7I PHE A 3   ? UNP Q9I3Z5 ? ? 'cloning artifact' 3   3 
1 1S7I GLN A 4   ? UNP Q9I3Z5 ? ? 'cloning artifact' 4   4 
1 1S7I GLY A 5   ? UNP Q9I3Z5 ? ? 'cloning artifact' 5   5 
1 1S7I ASN A 6   ? UNP Q9I3Z5 ? ? 'cloning artifact' 6   6 
1 1S7I GLY A 123 ? UNP Q9I3Z5 ? ? 'cloning artifact' 123 7 
1 1S7I SER A 124 ? UNP Q9I3Z5 ? ? 'cloning artifact' 124 8 
# 
_pdbx_struct_assembly.id                   1 
_pdbx_struct_assembly.details              author_and_software_defined_assembly 
_pdbx_struct_assembly.method_details       PISA,PQS 
_pdbx_struct_assembly.oligomeric_details   dimeric 
_pdbx_struct_assembly.oligomeric_count     2 
# 
loop_
_pdbx_struct_assembly_prop.biol_id 
_pdbx_struct_assembly_prop.type 
_pdbx_struct_assembly_prop.value 
_pdbx_struct_assembly_prop.details 
1 'ABSA (A^2)' 4050  ? 
1 MORE         -24   ? 
1 'SSA (A^2)'  13550 ? 
# 
_pdbx_struct_assembly_gen.assembly_id       1 
_pdbx_struct_assembly_gen.oper_expression   1,2 
_pdbx_struct_assembly_gen.asym_id_list      A,B 
# 
loop_
_pdbx_struct_oper_list.id 
_pdbx_struct_oper_list.type 
_pdbx_struct_oper_list.name 
_pdbx_struct_oper_list.symmetry_operation 
_pdbx_struct_oper_list.matrix[1][1] 
_pdbx_struct_oper_list.matrix[1][2] 
_pdbx_struct_oper_list.matrix[1][3] 
_pdbx_struct_oper_list.vector[1] 
_pdbx_struct_oper_list.matrix[2][1] 
_pdbx_struct_oper_list.matrix[2][2] 
_pdbx_struct_oper_list.matrix[2][3] 
_pdbx_struct_oper_list.vector[2] 
_pdbx_struct_oper_list.matrix[3][1] 
_pdbx_struct_oper_list.matrix[3][2] 
_pdbx_struct_oper_list.matrix[3][3] 
_pdbx_struct_oper_list.vector[3] 
1 'identity operation'         1_555  x,y,z                1.0000000000  0.0000000000  0.0000000000 0.0000000000 0.0000000000  1.0000000000  0.0000000000  0.0000000000 0.0000000000 0.0000000000  1.0000000000  0.0000000000  
2 'crystal symmetry operation' 24_454 -z-1/4,-y+3/4,-x-1/4 -0.1190859520 -0.7868109740 0.6055964227 8.1321298245 -0.7868109740 -0.2972395999 -0.5409039762 7.1777011622 0.6055964227 -0.5409039762 -0.5836744481 -2.5036696106 
# 
_struct_biol.id                    1 
_struct_biol.details               
'This protein existed as dimer. The second part of the biological assembly is generated by the crystallographic two fold axis' 
_struct_biol.pdbx_parent_biol_id   ? 
# 
loop_
_struct_conf.conf_type_id 
_struct_conf.id 
_struct_conf.pdbx_PDB_helix_id 
_struct_conf.beg_label_comp_id 
_struct_conf.beg_label_asym_id 
_struct_conf.beg_label_seq_id 
_struct_conf.pdbx_beg_PDB_ins_code 
_struct_conf.end_label_comp_id 
_struct_conf.end_label_asym_id 
_struct_conf.end_label_seq_id 
_struct_conf.pdbx_end_PDB_ins_code 
_struct_conf.beg_auth_comp_id 
_struct_conf.beg_auth_asym_id 
_struct_conf.beg_auth_seq_id 
_struct_conf.end_auth_comp_id 
_struct_conf.end_auth_asym_id 
_struct_conf.end_auth_seq_id 
_struct_conf.pdbx_PDB_helix_class 
_struct_conf.details 
_struct_conf.pdbx_PDB_helix_length 
HELX_P HELX_P1 1 ASP A 16  ? LEU A 20  ? ASP A 16  LEU A 20  5 ? 5  
HELX_P HELX_P2 2 PRO A 24  ? ALA A 45  ? PRO A 24  ALA A 45  1 ? 22 
HELX_P HELX_P3 3 SER A 56  ? THR A 59  ? SER A 56  THR A 59  5 ? 4  
HELX_P HELX_P4 4 ASP A 94  ? ALA A 103 ? ASP A 94  ALA A 103 1 ? 10 
HELX_P HELX_P5 5 LYS A 104 ? GLY A 111 ? LYS A 104 GLY A 111 5 ? 8  
# 
_struct_conf_type.id          HELX_P 
_struct_conf_type.criteria    ? 
_struct_conf_type.reference   ? 
# 
loop_
_struct_sheet.id 
_struct_sheet.type 
_struct_sheet.number_strands 
_struct_sheet.details 
A ? 4 ? 
B ? 2 ? 
# 
loop_
_struct_sheet_order.sheet_id 
_struct_sheet_order.range_id_1 
_struct_sheet_order.range_id_2 
_struct_sheet_order.offset 
_struct_sheet_order.sense 
A 1 2 ? anti-parallel 
A 2 3 ? anti-parallel 
A 3 4 ? anti-parallel 
B 1 2 ? anti-parallel 
# 
loop_
_struct_sheet_range.sheet_id 
_struct_sheet_range.id 
_struct_sheet_range.beg_label_comp_id 
_struct_sheet_range.beg_label_asym_id 
_struct_sheet_range.beg_label_seq_id 
_struct_sheet_range.pdbx_beg_PDB_ins_code 
_struct_sheet_range.end_label_comp_id 
_struct_sheet_range.end_label_asym_id 
_struct_sheet_range.end_label_seq_id 
_struct_sheet_range.pdbx_end_PDB_ins_code 
_struct_sheet_range.beg_auth_comp_id 
_struct_sheet_range.beg_auth_asym_id 
_struct_sheet_range.beg_auth_seq_id 
_struct_sheet_range.end_auth_comp_id 
_struct_sheet_range.end_auth_asym_id 
_struct_sheet_range.end_auth_seq_id 
A 1 TYR A 48  ? ALA A 53  ? TYR A 48  ALA A 53  
A 2 GLN A 83  ? ALA A 92  ? GLN A 83  ALA A 92  
A 3 MET A 7   ? PHE A 15  ? MET A 7   PHE A 15  
A 4 CYS A 112 ? PRO A 117 ? CYS A 112 PRO A 117 
B 1 THR A 61  ? HIS A 65  ? THR A 61  HIS A 65  
B 2 LEU A 70  ? ASP A 74  ? LEU A 70  ASP A 74  
# 
loop_
_pdbx_struct_sheet_hbond.sheet_id 
_pdbx_struct_sheet_hbond.range_id_1 
_pdbx_struct_sheet_hbond.range_id_2 
_pdbx_struct_sheet_hbond.range_1_label_atom_id 
_pdbx_struct_sheet_hbond.range_1_label_comp_id 
_pdbx_struct_sheet_hbond.range_1_label_asym_id 
_pdbx_struct_sheet_hbond.range_1_label_seq_id 
_pdbx_struct_sheet_hbond.range_1_PDB_ins_code 
_pdbx_struct_sheet_hbond.range_1_auth_atom_id 
_pdbx_struct_sheet_hbond.range_1_auth_comp_id 
_pdbx_struct_sheet_hbond.range_1_auth_asym_id 
_pdbx_struct_sheet_hbond.range_1_auth_seq_id 
_pdbx_struct_sheet_hbond.range_2_label_atom_id 
_pdbx_struct_sheet_hbond.range_2_label_comp_id 
_pdbx_struct_sheet_hbond.range_2_label_asym_id 
_pdbx_struct_sheet_hbond.range_2_label_seq_id 
_pdbx_struct_sheet_hbond.range_2_PDB_ins_code 
_pdbx_struct_sheet_hbond.range_2_auth_atom_id 
_pdbx_struct_sheet_hbond.range_2_auth_comp_id 
_pdbx_struct_sheet_hbond.range_2_auth_asym_id 
_pdbx_struct_sheet_hbond.range_2_auth_seq_id 
A 1 2 N ALA A 50 ? N ALA A 50 O LEU A 89  ? O LEU A 89  
A 2 3 O GLY A 85 ? O GLY A 85 N ILE A 13  ? N ILE A 13  
A 3 4 N LEU A 12 ? N LEU A 12 O GLU A 114 ? O GLU A 114 
B 1 2 N THR A 62 ? N THR A 62 O THR A 73  ? O THR A 73  
# 
loop_
_pdbx_validate_torsion.id 
_pdbx_validate_torsion.PDB_model_num 
_pdbx_validate_torsion.auth_comp_id 
_pdbx_validate_torsion.auth_asym_id 
_pdbx_validate_torsion.auth_seq_id 
_pdbx_validate_torsion.PDB_ins_code 
_pdbx_validate_torsion.label_alt_id 
_pdbx_validate_torsion.phi 
_pdbx_validate_torsion.psi 
1 1 ASN A 6  ? ? 83.79   58.47   
2 1 ALA A 18 ? ? -64.95  1.04    
3 1 ILE A 49 ? ? -126.16 -52.85  
4 1 GLN A 66 ? ? -96.52  -102.14 
# 
_pdbx_SG_project.id                    1 
_pdbx_SG_project.project_name          'PSI, Protein Structure Initiative' 
_pdbx_SG_project.full_name_of_center   'Midwest Center for Structural Genomics' 
_pdbx_SG_project.initial_of_center     MCSG 
# 
loop_
_chem_comp_atom.comp_id 
_chem_comp_atom.atom_id 
_chem_comp_atom.type_symbol 
_chem_comp_atom.pdbx_aromatic_flag 
_chem_comp_atom.pdbx_stereo_config 
_chem_comp_atom.pdbx_ordinal 
ALA N    N N N 1   
ALA CA   C N S 2   
ALA C    C N N 3   
ALA O    O N N 4   
ALA CB   C N N 5   
ALA OXT  O N N 6   
ALA H    H N N 7   
ALA H2   H N N 8   
ALA HA   H N N 9   
ALA HB1  H N N 10  
ALA HB2  H N N 11  
ALA HB3  H N N 12  
ALA HXT  H N N 13  
ARG N    N N N 14  
ARG CA   C N S 15  
ARG C    C N N 16  
ARG O    O N N 17  
ARG CB   C N N 18  
ARG CG   C N N 19  
ARG CD   C N N 20  
ARG NE   N N N 21  
ARG CZ   C N N 22  
ARG NH1  N N N 23  
ARG NH2  N N N 24  
ARG OXT  O N N 25  
ARG H    H N N 26  
ARG H2   H N N 27  
ARG HA   H N N 28  
ARG HB2  H N N 29  
ARG HB3  H N N 30  
ARG HG2  H N N 31  
ARG HG3  H N N 32  
ARG HD2  H N N 33  
ARG HD3  H N N 34  
ARG HE   H N N 35  
ARG HH11 H N N 36  
ARG HH12 H N N 37  
ARG HH21 H N N 38  
ARG HH22 H N N 39  
ARG HXT  H N N 40  
ASN N    N N N 41  
ASN CA   C N S 42  
ASN C    C N N 43  
ASN O    O N N 44  
ASN CB   C N N 45  
ASN CG   C N N 46  
ASN OD1  O N N 47  
ASN ND2  N N N 48  
ASN OXT  O N N 49  
ASN H    H N N 50  
ASN H2   H N N 51  
ASN HA   H N N 52  
ASN HB2  H N N 53  
ASN HB3  H N N 54  
ASN HD21 H N N 55  
ASN HD22 H N N 56  
ASN HXT  H N N 57  
ASP N    N N N 58  
ASP CA   C N S 59  
ASP C    C N N 60  
ASP O    O N N 61  
ASP CB   C N N 62  
ASP CG   C N N 63  
ASP OD1  O N N 64  
ASP OD2  O N N 65  
ASP OXT  O N N 66  
ASP H    H N N 67  
ASP H2   H N N 68  
ASP HA   H N N 69  
ASP HB2  H N N 70  
ASP HB3  H N N 71  
ASP HD2  H N N 72  
ASP HXT  H N N 73  
CYS N    N N N 74  
CYS CA   C N R 75  
CYS C    C N N 76  
CYS O    O N N 77  
CYS CB   C N N 78  
CYS SG   S N N 79  
CYS OXT  O N N 80  
CYS H    H N N 81  
CYS H2   H N N 82  
CYS HA   H N N 83  
CYS HB2  H N N 84  
CYS HB3  H N N 85  
CYS HG   H N N 86  
CYS HXT  H N N 87  
GLN N    N N N 88  
GLN CA   C N S 89  
GLN C    C N N 90  
GLN O    O N N 91  
GLN CB   C N N 92  
GLN CG   C N N 93  
GLN CD   C N N 94  
GLN OE1  O N N 95  
GLN NE2  N N N 96  
GLN OXT  O N N 97  
GLN H    H N N 98  
GLN H2   H N N 99  
GLN HA   H N N 100 
GLN HB2  H N N 101 
GLN HB3  H N N 102 
GLN HG2  H N N 103 
GLN HG3  H N N 104 
GLN HE21 H N N 105 
GLN HE22 H N N 106 
GLN HXT  H N N 107 
GLU N    N N N 108 
GLU CA   C N S 109 
GLU C    C N N 110 
GLU O    O N N 111 
GLU CB   C N N 112 
GLU CG   C N N 113 
GLU CD   C N N 114 
GLU OE1  O N N 115 
GLU OE2  O N N 116 
GLU OXT  O N N 117 
GLU H    H N N 118 
GLU H2   H N N 119 
GLU HA   H N N 120 
GLU HB2  H N N 121 
GLU HB3  H N N 122 
GLU HG2  H N N 123 
GLU HG3  H N N 124 
GLU HE2  H N N 125 
GLU HXT  H N N 126 
GLY N    N N N 127 
GLY CA   C N N 128 
GLY C    C N N 129 
GLY O    O N N 130 
GLY OXT  O N N 131 
GLY H    H N N 132 
GLY H2   H N N 133 
GLY HA2  H N N 134 
GLY HA3  H N N 135 
GLY HXT  H N N 136 
HIS N    N N N 137 
HIS CA   C N S 138 
HIS C    C N N 139 
HIS O    O N N 140 
HIS CB   C N N 141 
HIS CG   C Y N 142 
HIS ND1  N Y N 143 
HIS CD2  C Y N 144 
HIS CE1  C Y N 145 
HIS NE2  N Y N 146 
HIS OXT  O N N 147 
HIS H    H N N 148 
HIS H2   H N N 149 
HIS HA   H N N 150 
HIS HB2  H N N 151 
HIS HB3  H N N 152 
HIS HD1  H N N 153 
HIS HD2  H N N 154 
HIS HE1  H N N 155 
HIS HE2  H N N 156 
HIS HXT  H N N 157 
HOH O    O N N 158 
HOH H1   H N N 159 
HOH H2   H N N 160 
ILE N    N N N 161 
ILE CA   C N S 162 
ILE C    C N N 163 
ILE O    O N N 164 
ILE CB   C N S 165 
ILE CG1  C N N 166 
ILE CG2  C N N 167 
ILE CD1  C N N 168 
ILE OXT  O N N 169 
ILE H    H N N 170 
ILE H2   H N N 171 
ILE HA   H N N 172 
ILE HB   H N N 173 
ILE HG12 H N N 174 
ILE HG13 H N N 175 
ILE HG21 H N N 176 
ILE HG22 H N N 177 
ILE HG23 H N N 178 
ILE HD11 H N N 179 
ILE HD12 H N N 180 
ILE HD13 H N N 181 
ILE HXT  H N N 182 
LEU N    N N N 183 
LEU CA   C N S 184 
LEU C    C N N 185 
LEU O    O N N 186 
LEU CB   C N N 187 
LEU CG   C N N 188 
LEU CD1  C N N 189 
LEU CD2  C N N 190 
LEU OXT  O N N 191 
LEU H    H N N 192 
LEU H2   H N N 193 
LEU HA   H N N 194 
LEU HB2  H N N 195 
LEU HB3  H N N 196 
LEU HG   H N N 197 
LEU HD11 H N N 198 
LEU HD12 H N N 199 
LEU HD13 H N N 200 
LEU HD21 H N N 201 
LEU HD22 H N N 202 
LEU HD23 H N N 203 
LEU HXT  H N N 204 
LYS N    N N N 205 
LYS CA   C N S 206 
LYS C    C N N 207 
LYS O    O N N 208 
LYS CB   C N N 209 
LYS CG   C N N 210 
LYS CD   C N N 211 
LYS CE   C N N 212 
LYS NZ   N N N 213 
LYS OXT  O N N 214 
LYS H    H N N 215 
LYS H2   H N N 216 
LYS HA   H N N 217 
LYS HB2  H N N 218 
LYS HB3  H N N 219 
LYS HG2  H N N 220 
LYS HG3  H N N 221 
LYS HD2  H N N 222 
LYS HD3  H N N 223 
LYS HE2  H N N 224 
LYS HE3  H N N 225 
LYS HZ1  H N N 226 
LYS HZ2  H N N 227 
LYS HZ3  H N N 228 
LYS HXT  H N N 229 
MET N    N N N 230 
MET CA   C N S 231 
MET C    C N N 232 
MET O    O N N 233 
MET CB   C N N 234 
MET CG   C N N 235 
MET SD   S N N 236 
MET CE   C N N 237 
MET OXT  O N N 238 
MET H    H N N 239 
MET H2   H N N 240 
MET HA   H N N 241 
MET HB2  H N N 242 
MET HB3  H N N 243 
MET HG2  H N N 244 
MET HG3  H N N 245 
MET HE1  H N N 246 
MET HE2  H N N 247 
MET HE3  H N N 248 
MET HXT  H N N 249 
PHE N    N N N 250 
PHE CA   C N S 251 
PHE C    C N N 252 
PHE O    O N N 253 
PHE CB   C N N 254 
PHE CG   C Y N 255 
PHE CD1  C Y N 256 
PHE CD2  C Y N 257 
PHE CE1  C Y N 258 
PHE CE2  C Y N 259 
PHE CZ   C Y N 260 
PHE OXT  O N N 261 
PHE H    H N N 262 
PHE H2   H N N 263 
PHE HA   H N N 264 
PHE HB2  H N N 265 
PHE HB3  H N N 266 
PHE HD1  H N N 267 
PHE HD2  H N N 268 
PHE HE1  H N N 269 
PHE HE2  H N N 270 
PHE HZ   H N N 271 
PHE HXT  H N N 272 
PRO N    N N N 273 
PRO CA   C N S 274 
PRO C    C N N 275 
PRO O    O N N 276 
PRO CB   C N N 277 
PRO CG   C N N 278 
PRO CD   C N N 279 
PRO OXT  O N N 280 
PRO H    H N N 281 
PRO HA   H N N 282 
PRO HB2  H N N 283 
PRO HB3  H N N 284 
PRO HG2  H N N 285 
PRO HG3  H N N 286 
PRO HD2  H N N 287 
PRO HD3  H N N 288 
PRO HXT  H N N 289 
SER N    N N N 290 
SER CA   C N S 291 
SER C    C N N 292 
SER O    O N N 293 
SER CB   C N N 294 
SER OG   O N N 295 
SER OXT  O N N 296 
SER H    H N N 297 
SER H2   H N N 298 
SER HA   H N N 299 
SER HB2  H N N 300 
SER HB3  H N N 301 
SER HG   H N N 302 
SER HXT  H N N 303 
THR N    N N N 304 
THR CA   C N S 305 
THR C    C N N 306 
THR O    O N N 307 
THR CB   C N R 308 
THR OG1  O N N 309 
THR CG2  C N N 310 
THR OXT  O N N 311 
THR H    H N N 312 
THR H2   H N N 313 
THR HA   H N N 314 
THR HB   H N N 315 
THR HG1  H N N 316 
THR HG21 H N N 317 
THR HG22 H N N 318 
THR HG23 H N N 319 
THR HXT  H N N 320 
TRP N    N N N 321 
TRP CA   C N S 322 
TRP C    C N N 323 
TRP O    O N N 324 
TRP CB   C N N 325 
TRP CG   C Y N 326 
TRP CD1  C Y N 327 
TRP CD2  C Y N 328 
TRP NE1  N Y N 329 
TRP CE2  C Y N 330 
TRP CE3  C Y N 331 
TRP CZ2  C Y N 332 
TRP CZ3  C Y N 333 
TRP CH2  C Y N 334 
TRP OXT  O N N 335 
TRP H    H N N 336 
TRP H2   H N N 337 
TRP HA   H N N 338 
TRP HB2  H N N 339 
TRP HB3  H N N 340 
TRP HD1  H N N 341 
TRP HE1  H N N 342 
TRP HE3  H N N 343 
TRP HZ2  H N N 344 
TRP HZ3  H N N 345 
TRP HH2  H N N 346 
TRP HXT  H N N 347 
TYR N    N N N 348 
TYR CA   C N S 349 
TYR C    C N N 350 
TYR O    O N N 351 
TYR CB   C N N 352 
TYR CG   C Y N 353 
TYR CD1  C Y N 354 
TYR CD2  C Y N 355 
TYR CE1  C Y N 356 
TYR CE2  C Y N 357 
TYR CZ   C Y N 358 
TYR OH   O N N 359 
TYR OXT  O N N 360 
TYR H    H N N 361 
TYR H2   H N N 362 
TYR HA   H N N 363 
TYR HB2  H N N 364 
TYR HB3  H N N 365 
TYR HD1  H N N 366 
TYR HD2  H N N 367 
TYR HE1  H N N 368 
TYR HE2  H N N 369 
TYR HH   H N N 370 
TYR HXT  H N N 371 
VAL N    N N N 372 
VAL CA   C N S 373 
VAL C    C N N 374 
VAL O    O N N 375 
VAL CB   C N N 376 
VAL CG1  C N N 377 
VAL CG2  C N N 378 
VAL OXT  O N N 379 
VAL H    H N N 380 
VAL H2   H N N 381 
VAL HA   H N N 382 
VAL HB   H N N 383 
VAL HG11 H N N 384 
VAL HG12 H N N 385 
VAL HG13 H N N 386 
VAL HG21 H N N 387 
VAL HG22 H N N 388 
VAL HG23 H N N 389 
VAL HXT  H N N 390 
# 
loop_
_chem_comp_bond.comp_id 
_chem_comp_bond.atom_id_1 
_chem_comp_bond.atom_id_2 
_chem_comp_bond.value_order 
_chem_comp_bond.pdbx_aromatic_flag 
_chem_comp_bond.pdbx_stereo_config 
_chem_comp_bond.pdbx_ordinal 
ALA N   CA   sing N N 1   
ALA N   H    sing N N 2   
ALA N   H2   sing N N 3   
ALA CA  C    sing N N 4   
ALA CA  CB   sing N N 5   
ALA CA  HA   sing N N 6   
ALA C   O    doub N N 7   
ALA C   OXT  sing N N 8   
ALA CB  HB1  sing N N 9   
ALA CB  HB2  sing N N 10  
ALA CB  HB3  sing N N 11  
ALA OXT HXT  sing N N 12  
ARG N   CA   sing N N 13  
ARG N   H    sing N N 14  
ARG N   H2   sing N N 15  
ARG CA  C    sing N N 16  
ARG CA  CB   sing N N 17  
ARG CA  HA   sing N N 18  
ARG C   O    doub N N 19  
ARG C   OXT  sing N N 20  
ARG CB  CG   sing N N 21  
ARG CB  HB2  sing N N 22  
ARG CB  HB3  sing N N 23  
ARG CG  CD   sing N N 24  
ARG CG  HG2  sing N N 25  
ARG CG  HG3  sing N N 26  
ARG CD  NE   sing N N 27  
ARG CD  HD2  sing N N 28  
ARG CD  HD3  sing N N 29  
ARG NE  CZ   sing N N 30  
ARG NE  HE   sing N N 31  
ARG CZ  NH1  sing N N 32  
ARG CZ  NH2  doub N N 33  
ARG NH1 HH11 sing N N 34  
ARG NH1 HH12 sing N N 35  
ARG NH2 HH21 sing N N 36  
ARG NH2 HH22 sing N N 37  
ARG OXT HXT  sing N N 38  
ASN N   CA   sing N N 39  
ASN N   H    sing N N 40  
ASN N   H2   sing N N 41  
ASN CA  C    sing N N 42  
ASN CA  CB   sing N N 43  
ASN CA  HA   sing N N 44  
ASN C   O    doub N N 45  
ASN C   OXT  sing N N 46  
ASN CB  CG   sing N N 47  
ASN CB  HB2  sing N N 48  
ASN CB  HB3  sing N N 49  
ASN CG  OD1  doub N N 50  
ASN CG  ND2  sing N N 51  
ASN ND2 HD21 sing N N 52  
ASN ND2 HD22 sing N N 53  
ASN OXT HXT  sing N N 54  
ASP N   CA   sing N N 55  
ASP N   H    sing N N 56  
ASP N   H2   sing N N 57  
ASP CA  C    sing N N 58  
ASP CA  CB   sing N N 59  
ASP CA  HA   sing N N 60  
ASP C   O    doub N N 61  
ASP C   OXT  sing N N 62  
ASP CB  CG   sing N N 63  
ASP CB  HB2  sing N N 64  
ASP CB  HB3  sing N N 65  
ASP CG  OD1  doub N N 66  
ASP CG  OD2  sing N N 67  
ASP OD2 HD2  sing N N 68  
ASP OXT HXT  sing N N 69  
CYS N   CA   sing N N 70  
CYS N   H    sing N N 71  
CYS N   H2   sing N N 72  
CYS CA  C    sing N N 73  
CYS CA  CB   sing N N 74  
CYS CA  HA   sing N N 75  
CYS C   O    doub N N 76  
CYS C   OXT  sing N N 77  
CYS CB  SG   sing N N 78  
CYS CB  HB2  sing N N 79  
CYS CB  HB3  sing N N 80  
CYS SG  HG   sing N N 81  
CYS OXT HXT  sing N N 82  
GLN N   CA   sing N N 83  
GLN N   H    sing N N 84  
GLN N   H2   sing N N 85  
GLN CA  C    sing N N 86  
GLN CA  CB   sing N N 87  
GLN CA  HA   sing N N 88  
GLN C   O    doub N N 89  
GLN C   OXT  sing N N 90  
GLN CB  CG   sing N N 91  
GLN CB  HB2  sing N N 92  
GLN CB  HB3  sing N N 93  
GLN CG  CD   sing N N 94  
GLN CG  HG2  sing N N 95  
GLN CG  HG3  sing N N 96  
GLN CD  OE1  doub N N 97  
GLN CD  NE2  sing N N 98  
GLN NE2 HE21 sing N N 99  
GLN NE2 HE22 sing N N 100 
GLN OXT HXT  sing N N 101 
GLU N   CA   sing N N 102 
GLU N   H    sing N N 103 
GLU N   H2   sing N N 104 
GLU CA  C    sing N N 105 
GLU CA  CB   sing N N 106 
GLU CA  HA   sing N N 107 
GLU C   O    doub N N 108 
GLU C   OXT  sing N N 109 
GLU CB  CG   sing N N 110 
GLU CB  HB2  sing N N 111 
GLU CB  HB3  sing N N 112 
GLU CG  CD   sing N N 113 
GLU CG  HG2  sing N N 114 
GLU CG  HG3  sing N N 115 
GLU CD  OE1  doub N N 116 
GLU CD  OE2  sing N N 117 
GLU OE2 HE2  sing N N 118 
GLU OXT HXT  sing N N 119 
GLY N   CA   sing N N 120 
GLY N   H    sing N N 121 
GLY N   H2   sing N N 122 
GLY CA  C    sing N N 123 
GLY CA  HA2  sing N N 124 
GLY CA  HA3  sing N N 125 
GLY C   O    doub N N 126 
GLY C   OXT  sing N N 127 
GLY OXT HXT  sing N N 128 
HIS N   CA   sing N N 129 
HIS N   H    sing N N 130 
HIS N   H2   sing N N 131 
HIS CA  C    sing N N 132 
HIS CA  CB   sing N N 133 
HIS CA  HA   sing N N 134 
HIS C   O    doub N N 135 
HIS C   OXT  sing N N 136 
HIS CB  CG   sing N N 137 
HIS CB  HB2  sing N N 138 
HIS CB  HB3  sing N N 139 
HIS CG  ND1  sing Y N 140 
HIS CG  CD2  doub Y N 141 
HIS ND1 CE1  doub Y N 142 
HIS ND1 HD1  sing N N 143 
HIS CD2 NE2  sing Y N 144 
HIS CD2 HD2  sing N N 145 
HIS CE1 NE2  sing Y N 146 
HIS CE1 HE1  sing N N 147 
HIS NE2 HE2  sing N N 148 
HIS OXT HXT  sing N N 149 
HOH O   H1   sing N N 150 
HOH O   H2   sing N N 151 
ILE N   CA   sing N N 152 
ILE N   H    sing N N 153 
ILE N   H2   sing N N 154 
ILE CA  C    sing N N 155 
ILE CA  CB   sing N N 156 
ILE CA  HA   sing N N 157 
ILE C   O    doub N N 158 
ILE C   OXT  sing N N 159 
ILE CB  CG1  sing N N 160 
ILE CB  CG2  sing N N 161 
ILE CB  HB   sing N N 162 
ILE CG1 CD1  sing N N 163 
ILE CG1 HG12 sing N N 164 
ILE CG1 HG13 sing N N 165 
ILE CG2 HG21 sing N N 166 
ILE CG2 HG22 sing N N 167 
ILE CG2 HG23 sing N N 168 
ILE CD1 HD11 sing N N 169 
ILE CD1 HD12 sing N N 170 
ILE CD1 HD13 sing N N 171 
ILE OXT HXT  sing N N 172 
LEU N   CA   sing N N 173 
LEU N   H    sing N N 174 
LEU N   H2   sing N N 175 
LEU CA  C    sing N N 176 
LEU CA  CB   sing N N 177 
LEU CA  HA   sing N N 178 
LEU C   O    doub N N 179 
LEU C   OXT  sing N N 180 
LEU CB  CG   sing N N 181 
LEU CB  HB2  sing N N 182 
LEU CB  HB3  sing N N 183 
LEU CG  CD1  sing N N 184 
LEU CG  CD2  sing N N 185 
LEU CG  HG   sing N N 186 
LEU CD1 HD11 sing N N 187 
LEU CD1 HD12 sing N N 188 
LEU CD1 HD13 sing N N 189 
LEU CD2 HD21 sing N N 190 
LEU CD2 HD22 sing N N 191 
LEU CD2 HD23 sing N N 192 
LEU OXT HXT  sing N N 193 
LYS N   CA   sing N N 194 
LYS N   H    sing N N 195 
LYS N   H2   sing N N 196 
LYS CA  C    sing N N 197 
LYS CA  CB   sing N N 198 
LYS CA  HA   sing N N 199 
LYS C   O    doub N N 200 
LYS C   OXT  sing N N 201 
LYS CB  CG   sing N N 202 
LYS CB  HB2  sing N N 203 
LYS CB  HB3  sing N N 204 
LYS CG  CD   sing N N 205 
LYS CG  HG2  sing N N 206 
LYS CG  HG3  sing N N 207 
LYS CD  CE   sing N N 208 
LYS CD  HD2  sing N N 209 
LYS CD  HD3  sing N N 210 
LYS CE  NZ   sing N N 211 
LYS CE  HE2  sing N N 212 
LYS CE  HE3  sing N N 213 
LYS NZ  HZ1  sing N N 214 
LYS NZ  HZ2  sing N N 215 
LYS NZ  HZ3  sing N N 216 
LYS OXT HXT  sing N N 217 
MET N   CA   sing N N 218 
MET N   H    sing N N 219 
MET N   H2   sing N N 220 
MET CA  C    sing N N 221 
MET CA  CB   sing N N 222 
MET CA  HA   sing N N 223 
MET C   O    doub N N 224 
MET C   OXT  sing N N 225 
MET CB  CG   sing N N 226 
MET CB  HB2  sing N N 227 
MET CB  HB3  sing N N 228 
MET CG  SD   sing N N 229 
MET CG  HG2  sing N N 230 
MET CG  HG3  sing N N 231 
MET SD  CE   sing N N 232 
MET CE  HE1  sing N N 233 
MET CE  HE2  sing N N 234 
MET CE  HE3  sing N N 235 
MET OXT HXT  sing N N 236 
PHE N   CA   sing N N 237 
PHE N   H    sing N N 238 
PHE N   H2   sing N N 239 
PHE CA  C    sing N N 240 
PHE CA  CB   sing N N 241 
PHE CA  HA   sing N N 242 
PHE C   O    doub N N 243 
PHE C   OXT  sing N N 244 
PHE CB  CG   sing N N 245 
PHE CB  HB2  sing N N 246 
PHE CB  HB3  sing N N 247 
PHE CG  CD1  doub Y N 248 
PHE CG  CD2  sing Y N 249 
PHE CD1 CE1  sing Y N 250 
PHE CD1 HD1  sing N N 251 
PHE CD2 CE2  doub Y N 252 
PHE CD2 HD2  sing N N 253 
PHE CE1 CZ   doub Y N 254 
PHE CE1 HE1  sing N N 255 
PHE CE2 CZ   sing Y N 256 
PHE CE2 HE2  sing N N 257 
PHE CZ  HZ   sing N N 258 
PHE OXT HXT  sing N N 259 
PRO N   CA   sing N N 260 
PRO N   CD   sing N N 261 
PRO N   H    sing N N 262 
PRO CA  C    sing N N 263 
PRO CA  CB   sing N N 264 
PRO CA  HA   sing N N 265 
PRO C   O    doub N N 266 
PRO C   OXT  sing N N 267 
PRO CB  CG   sing N N 268 
PRO CB  HB2  sing N N 269 
PRO CB  HB3  sing N N 270 
PRO CG  CD   sing N N 271 
PRO CG  HG2  sing N N 272 
PRO CG  HG3  sing N N 273 
PRO CD  HD2  sing N N 274 
PRO CD  HD3  sing N N 275 
PRO OXT HXT  sing N N 276 
SER N   CA   sing N N 277 
SER N   H    sing N N 278 
SER N   H2   sing N N 279 
SER CA  C    sing N N 280 
SER CA  CB   sing N N 281 
SER CA  HA   sing N N 282 
SER C   O    doub N N 283 
SER C   OXT  sing N N 284 
SER CB  OG   sing N N 285 
SER CB  HB2  sing N N 286 
SER CB  HB3  sing N N 287 
SER OG  HG   sing N N 288 
SER OXT HXT  sing N N 289 
THR N   CA   sing N N 290 
THR N   H    sing N N 291 
THR N   H2   sing N N 292 
THR CA  C    sing N N 293 
THR CA  CB   sing N N 294 
THR CA  HA   sing N N 295 
THR C   O    doub N N 296 
THR C   OXT  sing N N 297 
THR CB  OG1  sing N N 298 
THR CB  CG2  sing N N 299 
THR CB  HB   sing N N 300 
THR OG1 HG1  sing N N 301 
THR CG2 HG21 sing N N 302 
THR CG2 HG22 sing N N 303 
THR CG2 HG23 sing N N 304 
THR OXT HXT  sing N N 305 
TRP N   CA   sing N N 306 
TRP N   H    sing N N 307 
TRP N   H2   sing N N 308 
TRP CA  C    sing N N 309 
TRP CA  CB   sing N N 310 
TRP CA  HA   sing N N 311 
TRP C   O    doub N N 312 
TRP C   OXT  sing N N 313 
TRP CB  CG   sing N N 314 
TRP CB  HB2  sing N N 315 
TRP CB  HB3  sing N N 316 
TRP CG  CD1  doub Y N 317 
TRP CG  CD2  sing Y N 318 
TRP CD1 NE1  sing Y N 319 
TRP CD1 HD1  sing N N 320 
TRP CD2 CE2  doub Y N 321 
TRP CD2 CE3  sing Y N 322 
TRP NE1 CE2  sing Y N 323 
TRP NE1 HE1  sing N N 324 
TRP CE2 CZ2  sing Y N 325 
TRP CE3 CZ3  doub Y N 326 
TRP CE3 HE3  sing N N 327 
TRP CZ2 CH2  doub Y N 328 
TRP CZ2 HZ2  sing N N 329 
TRP CZ3 CH2  sing Y N 330 
TRP CZ3 HZ3  sing N N 331 
TRP CH2 HH2  sing N N 332 
TRP OXT HXT  sing N N 333 
TYR N   CA   sing N N 334 
TYR N   H    sing N N 335 
TYR N   H2   sing N N 336 
TYR CA  C    sing N N 337 
TYR CA  CB   sing N N 338 
TYR CA  HA   sing N N 339 
TYR C   O    doub N N 340 
TYR C   OXT  sing N N 341 
TYR CB  CG   sing N N 342 
TYR CB  HB2  sing N N 343 
TYR CB  HB3  sing N N 344 
TYR CG  CD1  doub Y N 345 
TYR CG  CD2  sing Y N 346 
TYR CD1 CE1  sing Y N 347 
TYR CD1 HD1  sing N N 348 
TYR CD2 CE2  doub Y N 349 
TYR CD2 HD2  sing N N 350 
TYR CE1 CZ   doub Y N 351 
TYR CE1 HE1  sing N N 352 
TYR CE2 CZ   sing Y N 353 
TYR CE2 HE2  sing N N 354 
TYR CZ  OH   sing N N 355 
TYR OH  HH   sing N N 356 
TYR OXT HXT  sing N N 357 
VAL N   CA   sing N N 358 
VAL N   H    sing N N 359 
VAL N   H2   sing N N 360 
VAL CA  C    sing N N 361 
VAL CA  CB   sing N N 362 
VAL CA  HA   sing N N 363 
VAL C   O    doub N N 364 
VAL C   OXT  sing N N 365 
VAL CB  CG1  sing N N 366 
VAL CB  CG2  sing N N 367 
VAL CB  HB   sing N N 368 
VAL CG1 HG11 sing N N 369 
VAL CG1 HG12 sing N N 370 
VAL CG1 HG13 sing N N 371 
VAL CG2 HG21 sing N N 372 
VAL CG2 HG22 sing N N 373 
VAL CG2 HG23 sing N N 374 
VAL OXT HXT  sing N N 375 
# 
_atom_sites.entry_id                    1S7I 
_atom_sites.fract_transf_matrix[1][1]   0.00201798 
_atom_sites.fract_transf_matrix[1][2]   -0.00219480 
_atom_sites.fract_transf_matrix[1][3]   0.00919678 
_atom_sites.fract_transf_matrix[2][1]   0.00629358 
_atom_sites.fract_transf_matrix[2][2]   0.00732976 
_atom_sites.fract_transf_matrix[2][3]   0.00036829 
_atom_sites.fract_transf_matrix[3][1]   -0.00705612 
_atom_sites.fract_transf_matrix[3][2]   0.00590996 
_atom_sites.fract_transf_matrix[3][3]   0.00295867 
_atom_sites.fract_transf_vector[1]      -0.099573 
_atom_sites.fract_transf_vector[2]      0.323576 
_atom_sites.fract_transf_vector[3]      -0.128065 
# 
loop_
_atom_type.symbol 
C 
N 
O 
S 
# 
loop_
_atom_site.group_PDB 
_atom_site.id 
_atom_site.type_symbol 
_atom_site.label_atom_id 
_atom_site.label_alt_id 
_atom_site.label_comp_id 
_atom_site.label_asym_id 
_atom_site.label_entity_id 
_atom_site.label_seq_id 
_atom_site.pdbx_PDB_ins_code 
_atom_site.Cartn_x 
_atom_site.Cartn_y 
_atom_site.Cartn_z 
_atom_site.occupancy 
_atom_site.B_iso_or_equiv 
_atom_site.pdbx_formal_charge 
_atom_site.auth_seq_id 
_atom_site.auth_comp_id 
_atom_site.auth_asym_id 
_atom_site.auth_atom_id 
_atom_site.pdbx_PDB_model_num 
ATOM   1    N N   . LEU A 1 1   ? 20.609  -20.519 -19.003 1.00 43.41 ? 1   LEU A N   1 
ATOM   2    C CA  . LEU A 1 1   ? 20.443  -20.051 -17.597 1.00 43.17 ? 1   LEU A CA  1 
ATOM   3    C C   . LEU A 1 1   ? 19.546  -18.824 -17.591 1.00 42.84 ? 1   LEU A C   1 
ATOM   4    O O   . LEU A 1 1   ? 19.612  -17.985 -18.490 1.00 42.74 ? 1   LEU A O   1 
ATOM   5    C CB  . LEU A 1 1   ? 21.802  -19.703 -16.975 1.00 42.63 ? 1   LEU A CB  1 
ATOM   6    C CG  . LEU A 1 1   ? 22.123  -20.387 -15.641 1.00 44.27 ? 1   LEU A CG  1 
ATOM   7    C CD1 . LEU A 1 1   ? 23.520  -19.986 -15.204 1.00 45.00 ? 1   LEU A CD1 1 
ATOM   8    C CD2 . LEU A 1 1   ? 21.090  -20.011 -14.579 1.00 45.09 ? 1   LEU A CD2 1 
ATOM   9    N N   . TYR A 1 2   ? 18.705  -18.727 -16.571 1.00 41.79 ? 2   TYR A N   1 
ATOM   10   C CA  . TYR A 1 2   ? 17.781  -17.615 -16.454 1.00 40.54 ? 2   TYR A CA  1 
ATOM   11   C C   . TYR A 1 2   ? 18.152  -16.729 -15.281 1.00 40.93 ? 2   TYR A C   1 
ATOM   12   O O   . TYR A 1 2   ? 18.737  -17.200 -14.302 1.00 41.28 ? 2   TYR A O   1 
ATOM   13   C CB  . TYR A 1 2   ? 16.360  -18.141 -16.255 1.00 39.46 ? 2   TYR A CB  1 
ATOM   14   C CG  . TYR A 1 2   ? 16.003  -19.305 -17.153 1.00 38.80 ? 2   TYR A CG  1 
ATOM   15   C CD1 . TYR A 1 2   ? 16.336  -20.609 -16.799 1.00 38.47 ? 2   TYR A CD1 1 
ATOM   16   C CD2 . TYR A 1 2   ? 15.327  -19.101 -18.358 1.00 38.76 ? 2   TYR A CD2 1 
ATOM   17   C CE1 . TYR A 1 2   ? 16.001  -21.683 -17.620 1.00 39.10 ? 2   TYR A CE1 1 
ATOM   18   C CE2 . TYR A 1 2   ? 14.987  -20.165 -19.186 1.00 37.67 ? 2   TYR A CE2 1 
ATOM   19   C CZ  . TYR A 1 2   ? 15.327  -21.452 -18.811 1.00 39.47 ? 2   TYR A CZ  1 
ATOM   20   O OH  . TYR A 1 2   ? 14.991  -22.510 -19.617 1.00 40.43 ? 2   TYR A OH  1 
ATOM   21   N N   . PHE A 1 3   ? 17.827  -15.444 -15.387 1.00 40.21 ? 3   PHE A N   1 
ATOM   22   C CA  . PHE A 1 3   ? 18.097  -14.517 -14.301 1.00 40.62 ? 3   PHE A CA  1 
ATOM   23   C C   . PHE A 1 3   ? 17.281  -15.077 -13.140 1.00 41.58 ? 3   PHE A C   1 
ATOM   24   O O   . PHE A 1 3   ? 16.157  -15.531 -13.350 1.00 41.29 ? 3   PHE A O   1 
ATOM   25   C CB  . PHE A 1 3   ? 17.604  -13.117 -14.659 1.00 39.78 ? 3   PHE A CB  1 
ATOM   26   C CG  . PHE A 1 3   ? 17.908  -12.087 -13.612 1.00 40.65 ? 3   PHE A CG  1 
ATOM   27   C CD1 . PHE A 1 3   ? 19.210  -11.634 -13.422 1.00 40.15 ? 3   PHE A CD1 1 
ATOM   28   C CD2 . PHE A 1 3   ? 16.901  -11.589 -12.795 1.00 40.98 ? 3   PHE A CD2 1 
ATOM   29   C CE1 . PHE A 1 3   ? 19.505  -10.704 -12.435 1.00 40.66 ? 3   PHE A CE1 1 
ATOM   30   C CE2 . PHE A 1 3   ? 17.186  -10.657 -11.804 1.00 42.05 ? 3   PHE A CE2 1 
ATOM   31   C CZ  . PHE A 1 3   ? 18.493  -10.214 -11.624 1.00 41.06 ? 3   PHE A CZ  1 
ATOM   32   N N   . GLN A 1 4   ? 17.816  -15.049 -11.924 1.00 42.65 ? 4   GLN A N   1 
ATOM   33   C CA  . GLN A 1 4   ? 17.070  -15.616 -10.811 1.00 45.06 ? 4   GLN A CA  1 
ATOM   34   C C   . GLN A 1 4   ? 16.144  -14.723 -9.999  1.00 46.39 ? 4   GLN A C   1 
ATOM   35   O O   . GLN A 1 4   ? 16.560  -13.919 -9.167  1.00 46.01 ? 4   GLN A O   1 
ATOM   36   C CB  . GLN A 1 4   ? 18.012  -16.394 -9.895  1.00 45.22 ? 4   GLN A CB  1 
ATOM   37   C CG  . GLN A 1 4   ? 18.476  -17.701 -10.547 1.00 46.78 ? 4   GLN A CG  1 
ATOM   38   C CD  . GLN A 1 4   ? 17.313  -18.532 -11.110 1.00 47.94 ? 4   GLN A CD  1 
ATOM   39   O OE1 . GLN A 1 4   ? 17.336  -18.947 -12.270 1.00 48.29 ? 4   GLN A OE1 1 
ATOM   40   N NE2 . GLN A 1 4   ? 16.299  -18.778 -10.286 1.00 49.15 ? 4   GLN A NE2 1 
ATOM   41   N N   . GLY A 1 5   ? 14.861  -14.927 -10.292 1.00 49.52 ? 5   GLY A N   1 
ATOM   42   C CA  . GLY A 1 5   ? 13.725  -14.245 -9.688  1.00 49.93 ? 5   GLY A CA  1 
ATOM   43   C C   . GLY A 1 5   ? 13.788  -12.976 -8.867  1.00 48.79 ? 5   GLY A C   1 
ATOM   44   O O   . GLY A 1 5   ? 14.662  -12.125 -9.035  1.00 50.07 ? 5   GLY A O   1 
ATOM   45   N N   . ASN A 1 6   ? 12.798  -12.876 -7.979  1.00 48.00 ? 6   ASN A N   1 
ATOM   46   C CA  . ASN A 1 6   ? 12.595  -11.762 -7.057  1.00 46.10 ? 6   ASN A CA  1 
ATOM   47   C C   . ASN A 1 6   ? 11.843  -10.598 -7.704  1.00 42.99 ? 6   ASN A C   1 
ATOM   48   O O   . ASN A 1 6   ? 12.339  -9.474  -7.776  1.00 42.04 ? 6   ASN A O   1 
ATOM   49   C CB  . ASN A 1 6   ? 13.931  -11.287 -6.449  1.00 48.15 ? 6   ASN A CB  1 
ATOM   50   C CG  . ASN A 1 6   ? 14.512  -12.286 -5.428  1.00 50.98 ? 6   ASN A CG  1 
ATOM   51   O OD1 . ASN A 1 6   ? 15.667  -12.162 -5.013  1.00 51.96 ? 6   ASN A OD1 1 
ATOM   52   N ND2 . ASN A 1 6   ? 13.709  -13.272 -5.024  1.00 50.25 ? 6   ASN A ND2 1 
ATOM   53   N N   . MET A 1 7   ? 10.639  -10.897 -8.186  1.00 40.43 ? 7   MET A N   1 
ATOM   54   C CA  . MET A 1 7   ? 9.766   -9.898  -8.795  1.00 37.93 ? 7   MET A CA  1 
ATOM   55   C C   . MET A 1 7   ? 9.010   -9.251  -7.643  1.00 33.61 ? 7   MET A C   1 
ATOM   56   O O   . MET A 1 7   ? 8.307   -9.943  -6.907  1.00 31.35 ? 7   MET A O   1 
ATOM   57   C CB  . MET A 1 7   ? 8.761   -10.569 -9.728  1.00 43.02 ? 7   MET A CB  1 
ATOM   58   C CG  . MET A 1 7   ? 9.364   -11.159 -10.985 1.00 50.04 ? 7   MET A CG  1 
ATOM   59   S SD  . MET A 1 7   ? 9.590   -9.922  -12.289 1.00 59.24 ? 7   MET A SD  1 
ATOM   60   C CE  . MET A 1 7   ? 8.554   -10.631 -13.600 1.00 56.53 ? 7   MET A CE  1 
ATOM   61   N N   . LYS A 1 8   ? 9.156   -7.938  -7.478  1.00 29.52 ? 8   LYS A N   1 
ATOM   62   C CA  . LYS A 1 8   ? 8.470   -7.229  -6.400  1.00 26.08 ? 8   LYS A CA  1 
ATOM   63   C C   . LYS A 1 8   ? 7.347   -6.319  -6.899  1.00 25.29 ? 8   LYS A C   1 
ATOM   64   O O   . LYS A 1 8   ? 7.412   -5.771  -8.004  1.00 24.53 ? 8   LYS A O   1 
ATOM   65   C CB  . LYS A 1 8   ? 9.474   -6.423  -5.584  1.00 26.07 ? 8   LYS A CB  1 
ATOM   66   C CG  . LYS A 1 8   ? 10.507  -7.292  -4.898  1.00 26.07 ? 8   LYS A CG  1 
ATOM   67   C CD  . LYS A 1 8   ? 11.550  -6.451  -4.202  1.00 28.77 ? 8   LYS A CD  1 
ATOM   68   C CE  . LYS A 1 8   ? 12.675  -7.313  -3.675  1.00 29.17 ? 8   LYS A CE  1 
ATOM   69   N NZ  . LYS A 1 8   ? 13.741  -6.480  -3.067  1.00 33.51 ? 8   LYS A NZ  1 
ATOM   70   N N   . TYR A 1 9   ? 6.318   -6.168  -6.073  1.00 23.10 ? 9   TYR A N   1 
ATOM   71   C CA  . TYR A 1 9   ? 5.160   -5.355  -6.415  1.00 22.53 ? 9   TYR A CA  1 
ATOM   72   C C   . TYR A 1 9   ? 4.715   -4.510  -5.234  1.00 22.59 ? 9   TYR A C   1 
ATOM   73   O O   . TYR A 1 9   ? 4.736   -4.970  -4.091  1.00 22.39 ? 9   TYR A O   1 
ATOM   74   C CB  . TYR A 1 9   ? 3.996   -6.257  -6.824  1.00 22.65 ? 9   TYR A CB  1 
ATOM   75   C CG  . TYR A 1 9   ? 4.313   -7.196  -7.960  1.00 23.60 ? 9   TYR A CG  1 
ATOM   76   C CD1 . TYR A 1 9   ? 3.987   -6.868  -9.276  1.00 22.59 ? 9   TYR A CD1 1 
ATOM   77   C CD2 . TYR A 1 9   ? 4.977   -8.396  -7.722  1.00 24.13 ? 9   TYR A CD2 1 
ATOM   78   C CE1 . TYR A 1 9   ? 4.317   -7.710  -10.325 1.00 23.60 ? 9   TYR A CE1 1 
ATOM   79   C CE2 . TYR A 1 9   ? 5.316   -9.244  -8.763  1.00 26.21 ? 9   TYR A CE2 1 
ATOM   80   C CZ  . TYR A 1 9   ? 4.986   -8.895  -10.062 1.00 25.77 ? 9   TYR A CZ  1 
ATOM   81   O OH  . TYR A 1 9   ? 5.350   -9.729  -11.089 1.00 28.30 ? 9   TYR A OH  1 
ATOM   82   N N   . LEU A 1 10  ? 4.312   -3.275  -5.516  1.00 21.36 ? 10  LEU A N   1 
ATOM   83   C CA  . LEU A 1 10  ? 3.812   -2.378  -4.479  1.00 21.29 ? 10  LEU A CA  1 
ATOM   84   C C   . LEU A 1 10  ? 2.275   -2.405  -4.545  1.00 20.79 ? 10  LEU A C   1 
ATOM   85   O O   . LEU A 1 10  ? 1.674   -2.080  -5.570  1.00 21.02 ? 10  LEU A O   1 
ATOM   86   C CB  . LEU A 1 10  ? 4.336   -0.950  -4.694  1.00 19.36 ? 10  LEU A CB  1 
ATOM   87   C CG  . LEU A 1 10  ? 3.950   0.067   -3.610  1.00 21.08 ? 10  LEU A CG  1 
ATOM   88   C CD1 . LEU A 1 10  ? 4.493   -0.388  -2.265  1.00 20.56 ? 10  LEU A CD1 1 
ATOM   89   C CD2 . LEU A 1 10  ? 4.496   1.443   -3.955  1.00 20.16 ? 10  LEU A CD2 1 
ATOM   90   N N   . CYS A 1 11  ? 1.641   -2.830  -3.460  1.00 20.73 ? 11  CYS A N   1 
ATOM   91   C CA  . CYS A 1 11  ? 0.187   -2.896  -3.409  1.00 21.93 ? 11  CYS A CA  1 
ATOM   92   C C   . CYS A 1 11  ? -0.294  -1.672  -2.643  1.00 22.12 ? 11  CYS A C   1 
ATOM   93   O O   . CYS A 1 11  ? -0.171  -1.602  -1.417  1.00 21.05 ? 11  CYS A O   1 
ATOM   94   C CB  . CYS A 1 11  ? -0.253  -4.186  -2.719  1.00 23.06 ? 11  CYS A CB  1 
ATOM   95   S SG  . CYS A 1 11  ? 0.418   -5.675  -3.508  1.00 23.80 ? 11  CYS A SG  1 
ATOM   96   N N   . LEU A 1 12  ? -0.824  -0.706  -3.392  1.00 21.68 ? 12  LEU A N   1 
ATOM   97   C CA  . LEU A 1 12  ? -1.294  0.566   -2.846  1.00 21.36 ? 12  LEU A CA  1 
ATOM   98   C C   . LEU A 1 12  ? -2.747  0.517   -2.406  1.00 20.88 ? 12  LEU A C   1 
ATOM   99   O O   . LEU A 1 12  ? -3.637  0.220   -3.198  1.00 20.75 ? 12  LEU A O   1 
ATOM   100  C CB  . LEU A 1 12  ? -1.095  1.672   -3.891  1.00 20.39 ? 12  LEU A CB  1 
ATOM   101  C CG  . LEU A 1 12  ? 0.342   1.837   -4.398  1.00 19.47 ? 12  LEU A CG  1 
ATOM   102  C CD1 . LEU A 1 12  ? 0.353   2.628   -5.707  1.00 20.24 ? 12  LEU A CD1 1 
ATOM   103  C CD2 . LEU A 1 12  ? 1.182   2.523   -3.327  1.00 18.02 ? 12  LEU A CD2 1 
ATOM   104  N N   . ILE A 1 13  ? -2.971  0.825   -1.134  1.00 21.21 ? 13  ILE A N   1 
ATOM   105  C CA  . ILE A 1 13  ? -4.304  0.815   -0.549  1.00 21.42 ? 13  ILE A CA  1 
ATOM   106  C C   . ILE A 1 13  ? -4.920  2.206   -0.590  1.00 21.74 ? 13  ILE A C   1 
ATOM   107  O O   . ILE A 1 13  ? -4.481  3.123   0.107   1.00 21.65 ? 13  ILE A O   1 
ATOM   108  C CB  . ILE A 1 13  ? -4.234  0.300   0.892   1.00 22.88 ? 13  ILE A CB  1 
ATOM   109  C CG1 . ILE A 1 13  ? -3.690  -1.132  0.864   1.00 24.11 ? 13  ILE A CG1 1 
ATOM   110  C CG2 . ILE A 1 13  ? -5.608  0.371   1.562   1.00 21.30 ? 13  ILE A CG2 1 
ATOM   111  C CD1 . ILE A 1 13  ? -3.133  -1.593  2.178   1.00 27.02 ? 13  ILE A CD1 1 
ATOM   112  N N   . TYR A 1 14  ? -5.948  2.338   -1.421  1.00 20.76 ? 14  TYR A N   1 
ATOM   113  C CA  . TYR A 1 14  ? -6.652  3.593   -1.630  1.00 21.14 ? 14  TYR A CA  1 
ATOM   114  C C   . TYR A 1 14  ? -8.086  3.556   -1.100  1.00 22.60 ? 14  TYR A C   1 
ATOM   115  O O   . TYR A 1 14  ? -8.804  2.578   -1.300  1.00 22.85 ? 14  TYR A O   1 
ATOM   116  C CB  . TYR A 1 14  ? -6.689  3.908   -3.134  1.00 19.28 ? 14  TYR A CB  1 
ATOM   117  C CG  . TYR A 1 14  ? -5.394  4.432   -3.704  1.00 18.26 ? 14  TYR A CG  1 
ATOM   118  C CD1 . TYR A 1 14  ? -5.006  5.755   -3.487  1.00 18.61 ? 14  TYR A CD1 1 
ATOM   119  C CD2 . TYR A 1 14  ? -4.544  3.608   -4.446  1.00 17.53 ? 14  TYR A CD2 1 
ATOM   120  C CE1 . TYR A 1 14  ? -3.798  6.254   -3.998  1.00 19.32 ? 14  TYR A CE1 1 
ATOM   121  C CE2 . TYR A 1 14  ? -3.329  4.095   -4.961  1.00 18.08 ? 14  TYR A CE2 1 
ATOM   122  C CZ  . TYR A 1 14  ? -2.965  5.422   -4.735  1.00 19.25 ? 14  TYR A CZ  1 
ATOM   123  O OH  . TYR A 1 14  ? -1.792  5.934   -5.256  1.00 19.62 ? 14  TYR A OH  1 
ATOM   124  N N   . PHE A 1 15  ? -8.495  4.621   -0.421  1.00 23.20 ? 15  PHE A N   1 
ATOM   125  C CA  . PHE A 1 15  ? -9.859  4.723   0.084   1.00 23.89 ? 15  PHE A CA  1 
ATOM   126  C C   . PHE A 1 15  ? -10.167 6.135   0.542   1.00 24.48 ? 15  PHE A C   1 
ATOM   127  O O   . PHE A 1 15  ? -9.274  6.896   0.902   1.00 23.21 ? 15  PHE A O   1 
ATOM   128  C CB  . PHE A 1 15  ? -10.120 3.722   1.219   1.00 21.95 ? 15  PHE A CB  1 
ATOM   129  C CG  . PHE A 1 15  ? -9.273  3.932   2.438   1.00 22.47 ? 15  PHE A CG  1 
ATOM   130  C CD1 . PHE A 1 15  ? -9.554  4.959   3.331   1.00 22.87 ? 15  PHE A CD1 1 
ATOM   131  C CD2 . PHE A 1 15  ? -8.202  3.079   2.707   1.00 22.63 ? 15  PHE A CD2 1 
ATOM   132  C CE1 . PHE A 1 15  ? -8.782  5.138   4.482   1.00 23.93 ? 15  PHE A CE1 1 
ATOM   133  C CE2 . PHE A 1 15  ? -7.425  3.247   3.850   1.00 23.09 ? 15  PHE A CE2 1 
ATOM   134  C CZ  . PHE A 1 15  ? -7.716  4.281   4.742   1.00 22.92 ? 15  PHE A CZ  1 
ATOM   135  N N   . ASP A 1 16  ? -11.445 6.480   0.496   1.00 25.38 ? 16  ASP A N   1 
ATOM   136  C CA  . ASP A 1 16  ? -11.913 7.791   0.902   1.00 27.65 ? 16  ASP A CA  1 
ATOM   137  C C   . ASP A 1 16  ? -11.851 7.894   2.429   1.00 28.71 ? 16  ASP A C   1 
ATOM   138  O O   . ASP A 1 16  ? -12.587 7.196   3.127   1.00 30.17 ? 16  ASP A O   1 
ATOM   139  C CB  . ASP A 1 16  ? -13.357 7.966   0.425   1.00 28.89 ? 16  ASP A CB  1 
ATOM   140  C CG  . ASP A 1 16  ? -13.862 9.378   0.598   1.00 31.43 ? 16  ASP A CG  1 
ATOM   141  O OD1 . ASP A 1 16  ? -13.414 10.059  1.543   1.00 31.91 ? 16  ASP A OD1 1 
ATOM   142  O OD2 . ASP A 1 16  ? -14.717 9.801   -0.209  1.00 36.09 ? 16  ASP A OD2 1 
ATOM   143  N N   . GLU A 1 17  ? -10.977 8.753   2.951   1.00 28.96 ? 17  GLU A N   1 
ATOM   144  C CA  . GLU A 1 17  ? -10.852 8.922   4.402   1.00 30.32 ? 17  GLU A CA  1 
ATOM   145  C C   . GLU A 1 17  ? -12.159 9.371   5.042   1.00 32.52 ? 17  GLU A C   1 
ATOM   146  O O   . GLU A 1 17  ? -12.482 8.974   6.158   1.00 33.58 ? 17  GLU A O   1 
ATOM   147  C CB  . GLU A 1 17  ? -9.779  9.959   4.736   1.00 28.92 ? 17  GLU A CB  1 
ATOM   148  C CG  . GLU A 1 17  ? -8.355  9.445   4.739   1.00 28.34 ? 17  GLU A CG  1 
ATOM   149  C CD  . GLU A 1 17  ? -7.346  10.544  5.023   1.00 27.90 ? 17  GLU A CD  1 
ATOM   150  O OE1 . GLU A 1 17  ? -7.595  11.383  5.912   1.00 29.30 ? 17  GLU A OE1 1 
ATOM   151  O OE2 . GLU A 1 17  ? -6.294  10.567  4.366   1.00 27.93 ? 17  GLU A OE2 1 
ATOM   152  N N   . ALA A 1 18  ? -12.903 10.201  4.323   1.00 35.06 ? 18  ALA A N   1 
ATOM   153  C CA  . ALA A 1 18  ? -14.163 10.744  4.812   1.00 39.32 ? 18  ALA A CA  1 
ATOM   154  C C   . ALA A 1 18  ? -15.242 9.706   5.027   1.00 41.97 ? 18  ALA A C   1 
ATOM   155  O O   . ALA A 1 18  ? -16.352 10.043  5.424   1.00 44.51 ? 18  ALA A O   1 
ATOM   156  C CB  . ALA A 1 18  ? -14.671 11.815  3.859   1.00 39.05 ? 18  ALA A CB  1 
ATOM   157  N N   . LYS A 1 19  ? -14.925 8.445   4.774   1.00 45.52 ? 19  LYS A N   1 
ATOM   158  C CA  . LYS A 1 19  ? -15.906 7.392   4.949   1.00 48.00 ? 19  LYS A CA  1 
ATOM   159  C C   . LYS A 1 19  ? -15.510 6.376   6.008   1.00 50.09 ? 19  LYS A C   1 
ATOM   160  O O   . LYS A 1 19  ? -16.106 5.311   6.103   1.00 52.48 ? 19  LYS A O   1 
ATOM   161  C CB  . LYS A 1 19  ? -16.172 6.720   3.601   1.00 48.68 ? 19  LYS A CB  1 
ATOM   162  C CG  . LYS A 1 19  ? -16.807 7.691   2.612   1.00 50.41 ? 19  LYS A CG  1 
ATOM   163  C CD  . LYS A 1 19  ? -17.116 7.077   1.263   1.00 51.94 ? 19  LYS A CD  1 
ATOM   164  C CE  . LYS A 1 19  ? -17.840 8.093   0.394   1.00 52.49 ? 19  LYS A CE  1 
ATOM   165  N NZ  . LYS A 1 19  ? -18.145 7.567   -0.961  1.00 54.55 ? 19  LYS A NZ  1 
ATOM   166  N N   . LEU A 1 20  ? -14.504 6.717   6.807   1.00 51.89 ? 20  LEU A N   1 
ATOM   167  C CA  . LEU A 1 20  ? -14.048 5.848   7.889   1.00 53.51 ? 20  LEU A CA  1 
ATOM   168  C C   . LEU A 1 20  ? -14.895 6.158   9.117   1.00 55.29 ? 20  LEU A C   1 
ATOM   169  O O   . LEU A 1 20  ? -14.830 5.468   10.133  1.00 56.88 ? 20  LEU A O   1 
ATOM   170  C CB  . LEU A 1 20  ? -12.579 6.115   8.207   1.00 52.69 ? 20  LEU A CB  1 
ATOM   171  C CG  . LEU A 1 20  ? -11.560 5.717   7.143   1.00 52.28 ? 20  LEU A CG  1 
ATOM   172  C CD1 . LEU A 1 20  ? -10.183 6.188   7.566   1.00 52.60 ? 20  LEU A CD1 1 
ATOM   173  C CD2 . LEU A 1 20  ? -11.579 4.206   6.954   1.00 52.03 ? 20  LEU A CD2 1 
ATOM   174  N N   . ALA A 1 21  ? -15.678 7.224   9.011   1.00 56.00 ? 21  ALA A N   1 
ATOM   175  C CA  . ALA A 1 21  ? -16.551 7.637   10.093  1.00 56.51 ? 21  ALA A CA  1 
ATOM   176  C C   . ALA A 1 21  ? -17.787 6.758   10.018  1.00 56.84 ? 21  ALA A C   1 
ATOM   177  O O   . ALA A 1 21  ? -18.361 6.372   11.036  1.00 57.52 ? 21  ALA A O   1 
ATOM   178  C CB  . ALA A 1 21  ? -16.933 9.100   9.923   1.00 56.43 ? 21  ALA A CB  1 
ATOM   179  N N   . ALA A 1 22  ? -18.178 6.433   8.792   1.00 56.54 ? 22  ALA A N   1 
ATOM   180  C CA  . ALA A 1 22  ? -19.344 5.599   8.552   1.00 56.90 ? 22  ALA A CA  1 
ATOM   181  C C   . ALA A 1 22  ? -19.099 4.142   8.943   1.00 57.18 ? 22  ALA A C   1 
ATOM   182  O O   . ALA A 1 22  ? -20.042 3.404   9.234   1.00 57.63 ? 22  ALA A O   1 
ATOM   183  C CB  . ALA A 1 22  ? -19.741 5.685   7.081   1.00 57.94 ? 22  ALA A CB  1 
ATOM   184  N N   . VAL A 1 23  ? -17.836 3.726   8.949   1.00 56.83 ? 23  VAL A N   1 
ATOM   185  C CA  . VAL A 1 23  ? -17.504 2.350   9.296   1.00 56.15 ? 23  VAL A CA  1 
ATOM   186  C C   . VAL A 1 23  ? -17.464 2.151   10.801  1.00 56.81 ? 23  VAL A C   1 
ATOM   187  O O   . VAL A 1 23  ? -16.698 2.811   11.506  1.00 57.61 ? 23  VAL A O   1 
ATOM   188  C CB  . VAL A 1 23  ? -16.141 1.930   8.717   1.00 55.09 ? 23  VAL A CB  1 
ATOM   189  C CG1 . VAL A 1 23  ? -15.873 0.467   9.033   1.00 54.78 ? 23  VAL A CG1 1 
ATOM   190  C CG2 . VAL A 1 23  ? -16.124 2.159   7.223   1.00 54.38 ? 23  VAL A CG2 1 
ATOM   191  N N   . PRO A 1 24  ? -18.294 1.228   11.316  1.00 56.84 ? 24  PRO A N   1 
ATOM   192  C CA  . PRO A 1 24  ? -18.323 0.967   12.755  1.00 56.49 ? 24  PRO A CA  1 
ATOM   193  C C   . PRO A 1 24  ? -16.924 0.710   13.291  1.00 56.75 ? 24  PRO A C   1 
ATOM   194  O O   . PRO A 1 24  ? -16.176 -0.102  12.749  1.00 56.45 ? 24  PRO A O   1 
ATOM   195  C CB  . PRO A 1 24  ? -19.241 -0.249  12.870  1.00 56.69 ? 24  PRO A CB  1 
ATOM   196  C CG  . PRO A 1 24  ? -19.108 -0.916  11.532  1.00 57.49 ? 24  PRO A CG  1 
ATOM   197  C CD  . PRO A 1 24  ? -19.126 0.255   10.592  1.00 56.66 ? 24  PRO A CD  1 
ATOM   198  N N   . ALA A 1 25  ? -16.585 1.425   14.355  1.00 57.12 ? 25  ALA A N   1 
ATOM   199  C CA  . ALA A 1 25  ? -15.278 1.324   14.989  1.00 57.58 ? 25  ALA A CA  1 
ATOM   200  C C   . ALA A 1 25  ? -14.814 -0.101  15.280  1.00 58.22 ? 25  ALA A C   1 
ATOM   201  O O   . ALA A 1 25  ? -13.624 -0.399  15.181  1.00 58.65 ? 25  ALA A O   1 
ATOM   202  C CB  . ALA A 1 25  ? -15.277 2.138   16.279  1.00 57.68 ? 25  ALA A CB  1 
ATOM   203  N N   . GLU A 1 26  ? -15.741 -0.981  15.639  1.00 59.12 ? 26  GLU A N   1 
ATOM   204  C CA  . GLU A 1 26  ? -15.371 -2.354  15.960  1.00 59.96 ? 26  GLU A CA  1 
ATOM   205  C C   . GLU A 1 26  ? -14.970 -3.163  14.732  1.00 59.12 ? 26  GLU A C   1 
ATOM   206  O O   . GLU A 1 26  ? -14.072 -4.002  14.798  1.00 58.77 ? 26  GLU A O   1 
ATOM   207  C CB  . GLU A 1 26  ? -16.513 -3.051  16.692  1.00 62.31 ? 26  GLU A CB  1 
ATOM   208  C CG  . GLU A 1 26  ? -16.129 -4.418  17.218  1.00 66.88 ? 26  GLU A CG  1 
ATOM   209  C CD  . GLU A 1 26  ? -17.155 -4.978  18.179  1.00 69.87 ? 26  GLU A CD  1 
ATOM   210  O OE1 . GLU A 1 26  ? -17.434 -4.305  19.203  1.00 71.19 ? 26  GLU A OE1 1 
ATOM   211  O OE2 . GLU A 1 26  ? -17.677 -6.087  17.911  1.00 70.65 ? 26  GLU A OE2 1 
ATOM   212  N N   . GLU A 1 27  ? -15.645 -2.908  13.617  1.00 57.92 ? 27  GLU A N   1 
ATOM   213  C CA  . GLU A 1 27  ? -15.354 -3.596  12.366  1.00 57.17 ? 27  GLU A CA  1 
ATOM   214  C C   . GLU A 1 27  ? -14.030 -3.077  11.814  1.00 54.64 ? 27  GLU A C   1 
ATOM   215  O O   . GLU A 1 27  ? -13.272 -3.799  11.168  1.00 53.49 ? 27  GLU A O   1 
ATOM   216  C CB  . GLU A 1 27  ? -16.481 -3.334  11.375  1.00 59.15 ? 27  GLU A CB  1 
ATOM   217  C CG  . GLU A 1 27  ? -16.127 -3.612  9.940   1.00 63.52 ? 27  GLU A CG  1 
ATOM   218  C CD  . GLU A 1 27  ? -17.326 -3.456  9.034   1.00 67.16 ? 27  GLU A CD  1 
ATOM   219  O OE1 . GLU A 1 27  ? -18.078 -2.474  9.218   1.00 68.48 ? 27  GLU A OE1 1 
ATOM   220  O OE2 . GLU A 1 27  ? -17.514 -4.309  8.138   1.00 69.48 ? 27  GLU A OE2 1 
ATOM   221  N N   . LEU A 1 28  ? -13.771 -1.807  12.091  1.00 52.72 ? 28  LEU A N   1 
ATOM   222  C CA  . LEU A 1 28  ? -12.559 -1.129  11.663  1.00 49.94 ? 28  LEU A CA  1 
ATOM   223  C C   . LEU A 1 28  ? -11.374 -1.759  12.399  1.00 48.08 ? 28  LEU A C   1 
ATOM   224  O O   . LEU A 1 28  ? -10.264 -1.845  11.868  1.00 47.21 ? 28  LEU A O   1 
ATOM   225  C CB  . LEU A 1 28  ? -12.684 0.358   12.009  1.00 49.82 ? 28  LEU A CB  1 
ATOM   226  C CG  . LEU A 1 28  ? -12.255 1.434   11.013  1.00 50.88 ? 28  LEU A CG  1 
ATOM   227  C CD1 . LEU A 1 28  ? -12.846 1.163   9.642   1.00 50.59 ? 28  LEU A CD1 1 
ATOM   228  C CD2 . LEU A 1 28  ? -12.715 2.789   11.533  1.00 50.77 ? 28  LEU A CD2 1 
ATOM   229  N N   . ALA A 1 29  ? -11.629 -2.203  13.629  1.00 46.23 ? 29  ALA A N   1 
ATOM   230  C CA  . ALA A 1 29  ? -10.608 -2.835  14.457  1.00 44.46 ? 29  ALA A CA  1 
ATOM   231  C C   . ALA A 1 29  ? -10.336 -4.245  13.951  1.00 44.02 ? 29  ALA A C   1 
ATOM   232  O O   . ALA A 1 29  ? -9.213  -4.743  14.026  1.00 44.33 ? 29  ALA A O   1 
ATOM   233  C CB  . ALA A 1 29  ? -11.069 -2.880  15.901  1.00 43.55 ? 29  ALA A CB  1 
ATOM   234  N N   . ALA A 1 30  ? -11.380 -4.885  13.436  1.00 42.98 ? 30  ALA A N   1 
ATOM   235  C CA  . ALA A 1 30  ? -11.259 -6.229  12.896  1.00 42.22 ? 30  ALA A CA  1 
ATOM   236  C C   . ALA A 1 30  ? -10.302 -6.196  11.706  1.00 42.35 ? 30  ALA A C   1 
ATOM   237  O O   . ALA A 1 30  ? -9.421  -7.052  11.582  1.00 42.82 ? 30  ALA A O   1 
ATOM   238  C CB  . ALA A 1 30  ? -12.625 -6.735  12.461  1.00 41.08 ? 30  ALA A CB  1 
ATOM   239  N N   . ILE A 1 31  ? -10.484 -5.204  10.835  1.00 41.52 ? 31  ILE A N   1 
ATOM   240  C CA  . ILE A 1 31  ? -9.634  -5.037  9.656   1.00 40.25 ? 31  ILE A CA  1 
ATOM   241  C C   . ILE A 1 31  ? -8.181  -4.941  10.094  1.00 39.10 ? 31  ILE A C   1 
ATOM   242  O O   . ILE A 1 31  ? -7.293  -5.505  9.453   1.00 38.60 ? 31  ILE A O   1 
ATOM   243  C CB  . ILE A 1 31  ? -9.991  -3.747  8.868   1.00 40.40 ? 31  ILE A CB  1 
ATOM   244  C CG1 . ILE A 1 31  ? -11.360 -3.897  8.208   1.00 40.08 ? 31  ILE A CG1 1 
ATOM   245  C CG2 . ILE A 1 31  ? -8.932  -3.461  7.815   1.00 39.52 ? 31  ILE A CG2 1 
ATOM   246  C CD1 . ILE A 1 31  ? -11.857 -2.623  7.555   1.00 40.21 ? 31  ILE A CD1 1 
ATOM   247  N N   . VAL A 1 32  ? -7.947  -4.220  11.188  1.00 37.13 ? 32  VAL A N   1 
ATOM   248  C CA  . VAL A 1 32  ? -6.599  -4.060  11.709  1.00 37.12 ? 32  VAL A CA  1 
ATOM   249  C C   . VAL A 1 32  ? -6.044  -5.397  12.173  1.00 38.06 ? 32  VAL A C   1 
ATOM   250  O O   . VAL A 1 32  ? -4.862  -5.686  11.984  1.00 37.38 ? 32  VAL A O   1 
ATOM   251  C CB  . VAL A 1 32  ? -6.560  -3.059  12.887  1.00 36.48 ? 32  VAL A CB  1 
ATOM   252  C CG1 . VAL A 1 32  ? -5.156  -3.007  13.487  1.00 32.61 ? 32  VAL A CG1 1 
ATOM   253  C CG2 . VAL A 1 32  ? -6.974  -1.680  12.399  1.00 35.90 ? 32  VAL A CG2 1 
ATOM   254  N N   . ASP A 1 33  ? -6.898  -6.223  12.769  1.00 39.51 ? 33  ASP A N   1 
ATOM   255  C CA  . ASP A 1 33  ? -6.451  -7.524  13.245  1.00 41.55 ? 33  ASP A CA  1 
ATOM   256  C C   . ASP A 1 33  ? -6.203  -8.513  12.123  1.00 40.52 ? 33  ASP A C   1 
ATOM   257  O O   . ASP A 1 33  ? -5.202  -9.230  12.132  1.00 39.27 ? 33  ASP A O   1 
ATOM   258  C CB  . ASP A 1 33  ? -7.451  -8.101  14.239  1.00 45.42 ? 33  ASP A CB  1 
ATOM   259  C CG  . ASP A 1 33  ? -6.965  -7.979  15.664  1.00 50.40 ? 33  ASP A CG  1 
ATOM   260  O OD1 . ASP A 1 33  ? -5.934  -8.621  15.985  1.00 53.25 ? 33  ASP A OD1 1 
ATOM   261  O OD2 . ASP A 1 33  ? -7.596  -7.236  16.452  1.00 52.24 ? 33  ASP A OD2 1 
ATOM   262  N N   . GLU A 1 34  ? -7.118  -8.549  11.161  1.00 39.97 ? 34  GLU A N   1 
ATOM   263  C CA  . GLU A 1 34  ? -6.987  -9.442  10.021  1.00 39.74 ? 34  GLU A CA  1 
ATOM   264  C C   . GLU A 1 34  ? -5.737  -9.055  9.252   1.00 38.70 ? 34  GLU A C   1 
ATOM   265  O O   . GLU A 1 34  ? -5.067  -9.893  8.649   1.00 37.72 ? 34  GLU A O   1 
ATOM   266  C CB  . GLU A 1 34  ? -8.197  -9.303  9.115   1.00 40.66 ? 34  GLU A CB  1 
ATOM   267  C CG  . GLU A 1 34  ? -9.490  -9.669  9.781   1.00 45.00 ? 34  GLU A CG  1 
ATOM   268  C CD  . GLU A 1 34  ? -10.678 -9.412  8.887   1.00 48.91 ? 34  GLU A CD  1 
ATOM   269  O OE1 . GLU A 1 34  ? -10.627 -9.813  7.701   1.00 50.61 ? 34  GLU A OE1 1 
ATOM   270  O OE2 . GLU A 1 34  ? -11.663 -8.815  9.371   1.00 52.05 ? 34  GLU A OE2 1 
ATOM   271  N N   . CYS A 1 35  ? -5.433  -7.766  9.289   1.00 39.00 ? 35  CYS A N   1 
ATOM   272  C CA  . CYS A 1 35  ? -4.282  -7.242  8.590   1.00 39.83 ? 35  CYS A CA  1 
ATOM   273  C C   . CYS A 1 35  ? -2.986  -7.750  9.206   1.00 40.03 ? 35  CYS A C   1 
ATOM   274  O O   . CYS A 1 35  ? -2.059  -8.116  8.485   1.00 39.22 ? 35  CYS A O   1 
ATOM   275  C CB  . CYS A 1 35  ? -4.326  -5.716  8.602   1.00 40.77 ? 35  CYS A CB  1 
ATOM   276  S SG  . CYS A 1 35  ? -3.595  -4.989  7.137   1.00 45.07 ? 35  CYS A SG  1 
ATOM   277  N N   . MET A 1 36  ? -2.920  -7.780  10.536  1.00 40.43 ? 36  MET A N   1 
ATOM   278  C CA  . MET A 1 36  ? -1.718  -8.269  11.210  1.00 40.98 ? 36  MET A CA  1 
ATOM   279  C C   . MET A 1 36  ? -1.575  -9.762  10.936  1.00 38.96 ? 36  MET A C   1 
ATOM   280  O O   . MET A 1 36  ? -0.482  -10.250 10.667  1.00 38.21 ? 36  MET A O   1 
ATOM   281  C CB  . MET A 1 36  ? -1.790  -8.027  12.727  1.00 44.78 ? 36  MET A CB  1 
ATOM   282  C CG  . MET A 1 36  ? -1.958  -6.561  13.126  1.00 50.67 ? 36  MET A CG  1 
ATOM   283  S SD  . MET A 1 36  ? -0.941  -6.044  14.550  1.00 58.72 ? 36  MET A SD  1 
ATOM   284  C CE  . MET A 1 36  ? -1.569  -7.109  15.832  1.00 57.74 ? 36  MET A CE  1 
ATOM   285  N N   . THR A 1 37  ? -2.691  -10.479 10.998  1.00 37.24 ? 37  THR A N   1 
ATOM   286  C CA  . THR A 1 37  ? -2.693  -11.913 10.751  1.00 37.43 ? 37  THR A CA  1 
ATOM   287  C C   . THR A 1 37  ? -2.272  -12.225 9.313   1.00 38.25 ? 37  THR A C   1 
ATOM   288  O O   . THR A 1 37  ? -1.510  -13.167 9.074   1.00 38.86 ? 37  THR A O   1 
ATOM   289  C CB  . THR A 1 37  ? -4.095  -12.515 11.011  1.00 37.17 ? 37  THR A CB  1 
ATOM   290  O OG1 . THR A 1 37  ? -4.419  -12.391 12.400  1.00 38.57 ? 37  THR A OG1 1 
ATOM   291  C CG2 . THR A 1 37  ? -4.136  -13.977 10.622  1.00 37.72 ? 37  THR A CG2 1 
ATOM   292  N N   . TYR A 1 38  ? -2.764  -11.433 8.360   1.00 37.57 ? 38  TYR A N   1 
ATOM   293  C CA  . TYR A 1 38  ? -2.431  -11.642 6.954   1.00 36.10 ? 38  TYR A CA  1 
ATOM   294  C C   . TYR A 1 38  ? -0.948  -11.381 6.689   1.00 35.47 ? 38  TYR A C   1 
ATOM   295  O O   . TYR A 1 38  ? -0.306  -12.123 5.947   1.00 34.77 ? 38  TYR A O   1 
ATOM   296  C CB  . TYR A 1 38  ? -3.288  -10.746 6.049   1.00 36.02 ? 38  TYR A CB  1 
ATOM   297  C CG  . TYR A 1 38  ? -3.174  -11.117 4.589   1.00 34.72 ? 38  TYR A CG  1 
ATOM   298  C CD1 . TYR A 1 38  ? -3.583  -12.372 4.144   1.00 34.69 ? 38  TYR A CD1 1 
ATOM   299  C CD2 . TYR A 1 38  ? -2.608  -10.241 3.663   1.00 35.47 ? 38  TYR A CD2 1 
ATOM   300  C CE1 . TYR A 1 38  ? -3.427  -12.753 2.819   1.00 35.19 ? 38  TYR A CE1 1 
ATOM   301  C CE2 . TYR A 1 38  ? -2.445  -10.610 2.331   1.00 35.12 ? 38  TYR A CE2 1 
ATOM   302  C CZ  . TYR A 1 38  ? -2.857  -11.870 1.917   1.00 36.54 ? 38  TYR A CZ  1 
ATOM   303  O OH  . TYR A 1 38  ? -2.690  -12.262 0.610   1.00 36.08 ? 38  TYR A OH  1 
ATOM   304  N N   . SER A 1 39  ? -0.405  -10.331 7.297   1.00 35.28 ? 39  SER A N   1 
ATOM   305  C CA  . SER A 1 39  ? 1.009   -10.003 7.132   1.00 36.11 ? 39  SER A CA  1 
ATOM   306  C C   . SER A 1 39  ? 1.870   -11.157 7.626   1.00 36.62 ? 39  SER A C   1 
ATOM   307  O O   . SER A 1 39  ? 2.891   -11.476 7.022   1.00 36.61 ? 39  SER A O   1 
ATOM   308  C CB  . SER A 1 39  ? 1.370   -8.745  7.918   1.00 35.54 ? 39  SER A CB  1 
ATOM   309  O OG  . SER A 1 39  ? 0.640   -7.632  7.449   1.00 38.93 ? 39  SER A OG  1 
ATOM   310  N N   . ASP A 1 40  ? 1.452   -11.776 8.729   1.00 38.16 ? 40  ASP A N   1 
ATOM   311  C CA  . ASP A 1 40  ? 2.192   -12.900 9.300   1.00 39.53 ? 40  ASP A CA  1 
ATOM   312  C C   . ASP A 1 40  ? 2.170   -14.084 8.353   1.00 38.09 ? 40  ASP A C   1 
ATOM   313  O O   . ASP A 1 40  ? 3.183   -14.747 8.148   1.00 38.03 ? 40  ASP A O   1 
ATOM   314  C CB  . ASP A 1 40  ? 1.601   -13.316 10.650  1.00 43.80 ? 40  ASP A CB  1 
ATOM   315  C CG  . ASP A 1 40  ? 1.714   -12.223 11.699  1.00 48.71 ? 40  ASP A CG  1 
ATOM   316  O OD1 . ASP A 1 40  ? 2.799   -11.605 11.803  1.00 50.91 ? 40  ASP A OD1 1 
ATOM   317  O OD2 . ASP A 1 40  ? 0.722   -11.987 12.429  1.00 53.01 ? 40  ASP A OD2 1 
ATOM   318  N N   . GLN A 1 41  ? 1.011   -14.352 7.775   1.00 37.20 ? 41  GLN A N   1 
ATOM   319  C CA  . GLN A 1 41  ? 0.899   -15.454 6.837   1.00 38.63 ? 41  GLN A CA  1 
ATOM   320  C C   . GLN A 1 41  ? 1.754   -15.160 5.614   1.00 37.46 ? 41  GLN A C   1 
ATOM   321  O O   . GLN A 1 41  ? 2.403   -16.055 5.079   1.00 38.44 ? 41  GLN A O   1 
ATOM   322  C CB  . GLN A 1 41  ? -0.551  -15.642 6.422   1.00 41.57 ? 41  GLN A CB  1 
ATOM   323  C CG  . GLN A 1 41  ? -1.478  -15.862 7.589   1.00 46.28 ? 41  GLN A CG  1 
ATOM   324  C CD  . GLN A 1 41  ? -2.918  -15.943 7.151   1.00 49.70 ? 41  GLN A CD  1 
ATOM   325  O OE1 . GLN A 1 41  ? -3.513  -14.947 6.729   1.00 51.11 ? 41  GLN A OE1 1 
ATOM   326  N NE2 . GLN A 1 41  ? -3.488  -17.136 7.233   1.00 52.39 ? 41  GLN A NE2 1 
ATOM   327  N N   . LEU A 1 42  ? 1.751   -13.906 5.170   1.00 35.78 ? 42  LEU A N   1 
ATOM   328  C CA  . LEU A 1 42  ? 2.551   -13.521 4.012   1.00 34.48 ? 42  LEU A CA  1 
ATOM   329  C C   . LEU A 1 42  ? 4.021   -13.711 4.339   1.00 33.82 ? 42  LEU A C   1 
ATOM   330  O O   . LEU A 1 42  ? 4.793   -14.194 3.513   1.00 32.61 ? 42  LEU A O   1 
ATOM   331  C CB  . LEU A 1 42  ? 2.302   -12.059 3.621   1.00 32.80 ? 42  LEU A CB  1 
ATOM   332  C CG  . LEU A 1 42  ? 1.080   -11.717 2.765   1.00 30.58 ? 42  LEU A CG  1 
ATOM   333  C CD1 . LEU A 1 42  ? 1.128   -10.237 2.426   1.00 29.44 ? 42  LEU A CD1 1 
ATOM   334  C CD2 . LEU A 1 42  ? 1.068   -12.555 1.491   1.00 29.36 ? 42  LEU A CD2 1 
ATOM   335  N N   . GLY A 1 43  ? 4.401   -13.322 5.550   1.00 33.69 ? 43  GLY A N   1 
ATOM   336  C CA  . GLY A 1 43  ? 5.780   -13.468 5.971   1.00 35.11 ? 43  GLY A CA  1 
ATOM   337  C C   . GLY A 1 43  ? 6.214   -14.922 5.937   1.00 36.10 ? 43  GLY A C   1 
ATOM   338  O O   . GLY A 1 43  ? 7.269   -15.248 5.394   1.00 35.77 ? 43  GLY A O   1 
ATOM   339  N N   . LYS A 1 44  ? 5.396   -15.802 6.508   1.00 37.06 ? 44  LYS A N   1 
ATOM   340  C CA  . LYS A 1 44  ? 5.722   -17.221 6.527   1.00 38.91 ? 44  LYS A CA  1 
ATOM   341  C C   . LYS A 1 44  ? 5.794   -17.813 5.127   1.00 38.75 ? 44  LYS A C   1 
ATOM   342  O O   . LYS A 1 44  ? 6.559   -18.749 4.893   1.00 40.78 ? 44  LYS A O   1 
ATOM   343  C CB  . LYS A 1 44  ? 4.710   -18.006 7.372   1.00 40.32 ? 44  LYS A CB  1 
ATOM   344  C CG  . LYS A 1 44  ? 4.730   -17.654 8.861   1.00 44.06 ? 44  LYS A CG  1 
ATOM   345  C CD  . LYS A 1 44  ? 4.148   -18.775 9.734   1.00 47.51 ? 44  LYS A CD  1 
ATOM   346  C CE  . LYS A 1 44  ? 5.073   -20.006 9.772   1.00 51.00 ? 44  LYS A CE  1 
ATOM   347  N NZ  . LYS A 1 44  ? 4.594   -21.103 10.680  1.00 51.76 ? 44  LYS A NZ  1 
ATOM   348  N N   . ALA A 1 45  ? 5.010   -17.264 4.199   1.00 37.94 ? 45  ALA A N   1 
ATOM   349  C CA  . ALA A 1 45  ? 4.985   -17.742 2.815   1.00 35.62 ? 45  ALA A CA  1 
ATOM   350  C C   . ALA A 1 45  ? 6.164   -17.217 1.995   1.00 34.81 ? 45  ALA A C   1 
ATOM   351  O O   . ALA A 1 45  ? 6.464   -17.741 0.928   1.00 36.22 ? 45  ALA A O   1 
ATOM   352  C CB  . ALA A 1 45  ? 3.667   -17.347 2.147   1.00 35.60 ? 45  ALA A CB  1 
ATOM   353  N N   . GLY A 1 46  ? 6.830   -16.179 2.496   1.00 34.40 ? 46  GLY A N   1 
ATOM   354  C CA  . GLY A 1 46  ? 7.969   -15.614 1.789   1.00 32.71 ? 46  GLY A CA  1 
ATOM   355  C C   . GLY A 1 46  ? 7.645   -14.439 0.880   1.00 31.66 ? 46  GLY A C   1 
ATOM   356  O O   . GLY A 1 46  ? 8.508   -13.972 0.142   1.00 32.02 ? 46  GLY A O   1 
ATOM   357  N N   . HIS A 1 47  ? 6.406   -13.957 0.933   1.00 31.44 ? 47  HIS A N   1 
ATOM   358  C CA  . HIS A 1 47  ? 5.970   -12.835 0.101   1.00 30.82 ? 47  HIS A CA  1 
ATOM   359  C C   . HIS A 1 47  ? 6.212   -11.484 0.745   1.00 30.10 ? 47  HIS A C   1 
ATOM   360  O O   . HIS A 1 47  ? 6.501   -10.505 0.066   1.00 30.39 ? 47  HIS A O   1 
ATOM   361  C CB  . HIS A 1 47  ? 4.474   -12.939 -0.192  1.00 32.02 ? 47  HIS A CB  1 
ATOM   362  C CG  . HIS A 1 47  ? 4.088   -14.163 -0.962  1.00 33.18 ? 47  HIS A CG  1 
ATOM   363  N ND1 . HIS A 1 47  ? 4.518   -14.397 -2.252  1.00 32.76 ? 47  HIS A ND1 1 
ATOM   364  C CD2 . HIS A 1 47  ? 3.297   -15.212 -0.630  1.00 32.11 ? 47  HIS A CD2 1 
ATOM   365  C CE1 . HIS A 1 47  ? 4.006   -15.537 -2.682  1.00 32.59 ? 47  HIS A CE1 1 
ATOM   366  N NE2 . HIS A 1 47  ? 3.263   -16.052 -1.719  1.00 32.97 ? 47  HIS A NE2 1 
ATOM   367  N N   . TYR A 1 48  ? 6.082   -11.442 2.061   1.00 29.03 ? 48  TYR A N   1 
ATOM   368  C CA  . TYR A 1 48  ? 6.230   -10.204 2.805   1.00 28.54 ? 48  TYR A CA  1 
ATOM   369  C C   . TYR A 1 48  ? 7.595   -9.547  2.746   1.00 28.53 ? 48  TYR A C   1 
ATOM   370  O O   . TYR A 1 48  ? 8.622   -10.211 2.894   1.00 31.39 ? 48  TYR A O   1 
ATOM   371  C CB  . TYR A 1 48  ? 5.872   -10.444 4.270   1.00 28.62 ? 48  TYR A CB  1 
ATOM   372  C CG  . TYR A 1 48  ? 5.626   -9.183  5.057   1.00 27.61 ? 48  TYR A CG  1 
ATOM   373  C CD1 . TYR A 1 48  ? 4.361   -8.589  5.080   1.00 28.65 ? 48  TYR A CD1 1 
ATOM   374  C CD2 . TYR A 1 48  ? 6.654   -8.579  5.784   1.00 27.60 ? 48  TYR A CD2 1 
ATOM   375  C CE1 . TYR A 1 48  ? 4.125   -7.424  5.813   1.00 28.95 ? 48  TYR A CE1 1 
ATOM   376  C CE2 . TYR A 1 48  ? 6.430   -7.416  6.518   1.00 27.88 ? 48  TYR A CE2 1 
ATOM   377  C CZ  . TYR A 1 48  ? 5.163   -6.846  6.529   1.00 29.25 ? 48  TYR A CZ  1 
ATOM   378  O OH  . TYR A 1 48  ? 4.936   -5.703  7.257   1.00 30.36 ? 48  TYR A OH  1 
ATOM   379  N N   . ILE A 1 49  ? 7.592   -8.236  2.527   1.00 26.79 ? 49  ILE A N   1 
ATOM   380  C CA  . ILE A 1 49  ? 8.814   -7.438  2.509   1.00 26.68 ? 49  ILE A CA  1 
ATOM   381  C C   . ILE A 1 49  ? 8.578   -6.305  3.510   1.00 27.65 ? 49  ILE A C   1 
ATOM   382  O O   . ILE A 1 49  ? 9.379   -6.090  4.422   1.00 28.61 ? 49  ILE A O   1 
ATOM   383  C CB  . ILE A 1 49  ? 9.113   -6.829  1.120   1.00 26.84 ? 49  ILE A CB  1 
ATOM   384  C CG1 . ILE A 1 49  ? 9.385   -7.940  0.099   1.00 27.34 ? 49  ILE A CG1 1 
ATOM   385  C CG2 . ILE A 1 49  ? 10.310  -5.896  1.217   1.00 23.94 ? 49  ILE A CG2 1 
ATOM   386  C CD1 . ILE A 1 49  ? 9.709   -7.430  -1.290  1.00 26.54 ? 49  ILE A CD1 1 
ATOM   387  N N   . ALA A 1 50  ? 7.466   -5.590  3.338   1.00 26.86 ? 50  ALA A N   1 
ATOM   388  C CA  . ALA A 1 50  ? 7.103   -4.497  4.239   1.00 26.43 ? 50  ALA A CA  1 
ATOM   389  C C   . ALA A 1 50  ? 5.665   -4.054  4.023   1.00 26.89 ? 50  ALA A C   1 
ATOM   390  O O   . ALA A 1 50  ? 5.069   -4.315  2.978   1.00 27.11 ? 50  ALA A O   1 
ATOM   391  C CB  . ALA A 1 50  ? 8.037   -3.312  4.042   1.00 25.67 ? 50  ALA A CB  1 
ATOM   392  N N   . SER A 1 51  ? 5.106   -3.398  5.029   1.00 26.28 ? 51  SER A N   1 
ATOM   393  C CA  . SER A 1 51  ? 3.746   -2.882  4.941   1.00 26.79 ? 51  SER A CA  1 
ATOM   394  C C   . SER A 1 51  ? 3.523   -1.866  6.055   1.00 26.57 ? 51  SER A C   1 
ATOM   395  O O   . SER A 1 51  ? 4.092   -1.986  7.144   1.00 25.76 ? 51  SER A O   1 
ATOM   396  C CB  . SER A 1 51  ? 2.714   -4.012  5.049   1.00 26.26 ? 51  SER A CB  1 
ATOM   397  O OG  . SER A 1 51  ? 2.636   -4.528  6.369   1.00 29.88 ? 51  SER A OG  1 
ATOM   398  N N   . HIS A 1 52  ? 2.705   -0.859  5.767   1.00 24.74 ? 52  HIS A N   1 
ATOM   399  C CA  . HIS A 1 52  ? 2.391   0.188   6.730   1.00 23.50 ? 52  HIS A CA  1 
ATOM   400  C C   . HIS A 1 52  ? 1.055   0.823   6.416   1.00 23.43 ? 52  HIS A C   1 
ATOM   401  O O   . HIS A 1 52  ? 0.661   0.924   5.251   1.00 21.61 ? 52  HIS A O   1 
ATOM   402  C CB  . HIS A 1 52  ? 3.443   1.303   6.692   1.00 22.88 ? 52  HIS A CB  1 
ATOM   403  C CG  . HIS A 1 52  ? 4.709   0.974   7.416   1.00 25.79 ? 52  HIS A CG  1 
ATOM   404  N ND1 . HIS A 1 52  ? 4.776   0.865   8.788   1.00 26.68 ? 52  HIS A ND1 1 
ATOM   405  C CD2 . HIS A 1 52  ? 5.955   0.712   6.956   1.00 26.59 ? 52  HIS A CD2 1 
ATOM   406  C CE1 . HIS A 1 52  ? 6.008   0.546   9.143   1.00 27.53 ? 52  HIS A CE1 1 
ATOM   407  N NE2 . HIS A 1 52  ? 6.743   0.447   8.050   1.00 28.17 ? 52  HIS A NE2 1 
ATOM   408  N N   . ALA A 1 53  ? 0.356   1.232   7.468   1.00 22.91 ? 53  ALA A N   1 
ATOM   409  C CA  . ALA A 1 53  ? -0.898  1.952   7.318   1.00 21.61 ? 53  ALA A CA  1 
ATOM   410  C C   . ALA A 1 53  ? -0.378  3.384   7.439   1.00 21.70 ? 53  ALA A C   1 
ATOM   411  O O   . ALA A 1 53  ? 0.571   3.645   8.186   1.00 21.45 ? 53  ALA A O   1 
ATOM   412  C CB  . ALA A 1 53  ? -1.857  1.634   8.459   1.00 19.56 ? 53  ALA A CB  1 
ATOM   413  N N   . LEU A 1 54  ? -0.964  4.307   6.691   1.00 20.83 ? 54  LEU A N   1 
ATOM   414  C CA  . LEU A 1 54  ? -0.512  5.684   6.749   1.00 21.53 ? 54  LEU A CA  1 
ATOM   415  C C   . LEU A 1 54  ? -1.466  6.540   7.569   1.00 22.49 ? 54  LEU A C   1 
ATOM   416  O O   . LEU A 1 54  ? -2.663  6.255   7.650   1.00 22.85 ? 54  LEU A O   1 
ATOM   417  C CB  . LEU A 1 54  ? -0.396  6.265   5.333   1.00 20.73 ? 54  LEU A CB  1 
ATOM   418  C CG  . LEU A 1 54  ? 0.560   5.614   4.331   1.00 20.24 ? 54  LEU A CG  1 
ATOM   419  C CD1 . LEU A 1 54  ? 0.499   6.367   3.004   1.00 19.96 ? 54  LEU A CD1 1 
ATOM   420  C CD2 . LEU A 1 54  ? 1.974   5.642   4.881   1.00 20.47 ? 54  LEU A CD2 1 
ATOM   421  N N   . GLN A 1 55  ? -0.929  7.575   8.202   1.00 22.71 ? 55  GLN A N   1 
ATOM   422  C CA  . GLN A 1 55  ? -1.769  8.479   8.954   1.00 22.37 ? 55  GLN A CA  1 
ATOM   423  C C   . GLN A 1 55  ? -2.473  9.340   7.903   1.00 22.56 ? 55  GLN A C   1 
ATOM   424  O O   . GLN A 1 55  ? -2.110  9.321   6.726   1.00 20.89 ? 55  GLN A O   1 
ATOM   425  C CB  . GLN A 1 55  ? -0.927  9.337   9.902   1.00 22.58 ? 55  GLN A CB  1 
ATOM   426  C CG  . GLN A 1 55  ? -0.378  8.556   11.088  1.00 21.71 ? 55  GLN A CG  1 
ATOM   427  C CD  . GLN A 1 55  ? 0.296   9.449   12.108  1.00 23.75 ? 55  GLN A CD  1 
ATOM   428  O OE1 . GLN A 1 55  ? -0.253  10.475  12.506  1.00 25.90 ? 55  GLN A OE1 1 
ATOM   429  N NE2 . GLN A 1 55  ? 1.489   9.059   12.543  1.00 21.32 ? 55  GLN A NE2 1 
ATOM   430  N N   . SER A 1 56  ? -3.491  10.074  8.331   1.00 23.43 ? 56  SER A N   1 
ATOM   431  C CA  . SER A 1 56  ? -4.277  10.934  7.448   1.00 23.94 ? 56  SER A CA  1 
ATOM   432  C C   . SER A 1 56  ? -3.442  11.867  6.572   1.00 23.79 ? 56  SER A C   1 
ATOM   433  O O   . SER A 1 56  ? -2.350  12.287  6.960   1.00 23.24 ? 56  SER A O   1 
ATOM   434  C CB  . SER A 1 56  ? -5.245  11.770  8.288   1.00 23.05 ? 56  SER A CB  1 
ATOM   435  O OG  . SER A 1 56  ? -5.919  12.715  7.486   1.00 27.32 ? 56  SER A OG  1 
ATOM   436  N N   . VAL A 1 57  ? -3.967  12.191  5.390   1.00 23.34 ? 57  VAL A N   1 
ATOM   437  C CA  . VAL A 1 57  ? -3.280  13.095  4.476   1.00 23.59 ? 57  VAL A CA  1 
ATOM   438  C C   . VAL A 1 57  ? -3.145  14.439  5.162   1.00 25.11 ? 57  VAL A C   1 
ATOM   439  O O   . VAL A 1 57  ? -2.368  15.287  4.732   1.00 26.42 ? 57  VAL A O   1 
ATOM   440  C CB  . VAL A 1 57  ? -4.055  13.301  3.148   1.00 24.22 ? 57  VAL A CB  1 
ATOM   441  C CG1 . VAL A 1 57  ? -4.004  12.030  2.304   1.00 21.14 ? 57  VAL A CG1 1 
ATOM   442  C CG2 . VAL A 1 57  ? -5.494  13.694  3.436   1.00 21.16 ? 57  VAL A CG2 1 
ATOM   443  N N   . GLN A 1 58  ? -3.914  14.632  6.232   1.00 26.63 ? 58  GLN A N   1 
ATOM   444  C CA  . GLN A 1 58  ? -3.862  15.874  7.000   1.00 27.10 ? 58  GLN A CA  1 
ATOM   445  C C   . GLN A 1 58  ? -2.501  16.007  7.676   1.00 24.92 ? 58  GLN A C   1 
ATOM   446  O O   . GLN A 1 58  ? -2.057  17.115  7.979   1.00 24.51 ? 58  GLN A O   1 
ATOM   447  C CB  . GLN A 1 58  ? -4.957  15.896  8.063   1.00 29.48 ? 58  GLN A CB  1 
ATOM   448  C CG  . GLN A 1 58  ? -6.350  16.014  7.498   1.00 38.69 ? 58  GLN A CG  1 
ATOM   449  C CD  . GLN A 1 58  ? -7.404  16.099  8.586   1.00 44.61 ? 58  GLN A CD  1 
ATOM   450  O OE1 . GLN A 1 58  ? -8.586  16.311  8.309   1.00 48.97 ? 58  GLN A OE1 1 
ATOM   451  N NE2 . GLN A 1 58  ? -6.980  15.930  9.835   1.00 47.43 ? 58  GLN A NE2 1 
ATOM   452  N N   . THR A 1 59  ? -1.844  14.871  7.905   1.00 22.07 ? 59  THR A N   1 
ATOM   453  C CA  . THR A 1 59  ? -0.529  14.857  8.539   1.00 21.54 ? 59  THR A CA  1 
ATOM   454  C C   . THR A 1 59  ? 0.587   14.993  7.517   1.00 21.79 ? 59  THR A C   1 
ATOM   455  O O   . THR A 1 59  ? 1.751   15.122  7.882   1.00 22.05 ? 59  THR A O   1 
ATOM   456  C CB  . THR A 1 59  ? -0.283  13.548  9.296   1.00 21.50 ? 59  THR A CB  1 
ATOM   457  O OG1 . THR A 1 59  ? -0.144  12.474  8.355   1.00 19.53 ? 59  THR A OG1 1 
ATOM   458  C CG2 . THR A 1 59  ? -1.444  13.260  10.247  1.00 21.03 ? 59  THR A CG2 1 
ATOM   459  N N   . ALA A 1 60  ? 0.230   14.968  6.239   1.00 21.88 ? 60  ALA A N   1 
ATOM   460  C CA  . ALA A 1 60  ? 1.217   15.061  5.172   1.00 22.88 ? 60  ALA A CA  1 
ATOM   461  C C   . ALA A 1 60  ? 1.772   16.466  4.954   1.00 23.89 ? 60  ALA A C   1 
ATOM   462  O O   . ALA A 1 60  ? 1.153   17.467  5.317   1.00 24.12 ? 60  ALA A O   1 
ATOM   463  C CB  . ALA A 1 60  ? 0.616   14.536  3.864   1.00 20.41 ? 60  ALA A CB  1 
ATOM   464  N N   . THR A 1 61  ? 2.965   16.513  4.369   1.00 24.62 ? 61  THR A N   1 
ATOM   465  C CA  . THR A 1 61  ? 3.652   17.752  4.025   1.00 24.44 ? 61  THR A CA  1 
ATOM   466  C C   . THR A 1 61  ? 4.261   17.462  2.664   1.00 23.83 ? 61  THR A C   1 
ATOM   467  O O   . THR A 1 61  ? 4.879   16.414  2.475   1.00 24.02 ? 61  THR A O   1 
ATOM   468  C CB  . THR A 1 61  ? 4.788   18.078  4.999   1.00 25.29 ? 61  THR A CB  1 
ATOM   469  O OG1 . THR A 1 61  ? 4.262   18.180  6.326   1.00 27.51 ? 61  THR A OG1 1 
ATOM   470  C CG2 . THR A 1 61  ? 5.446   19.403  4.615   1.00 25.05 ? 61  THR A CG2 1 
ATOM   471  N N   . THR A 1 62  ? 4.080   18.367  1.712   1.00 21.89 ? 62  THR A N   1 
ATOM   472  C CA  . THR A 1 62  ? 4.625   18.150  0.382   1.00 22.35 ? 62  THR A CA  1 
ATOM   473  C C   . THR A 1 62  ? 5.728   19.150  0.044   1.00 22.81 ? 62  THR A C   1 
ATOM   474  O O   . THR A 1 62  ? 5.634   20.339  0.365   1.00 22.35 ? 62  THR A O   1 
ATOM   475  C CB  . THR A 1 62  ? 3.505   18.214  -0.693  1.00 21.09 ? 62  THR A CB  1 
ATOM   476  O OG1 . THR A 1 62  ? 2.517   17.223  -0.406  1.00 21.04 ? 62  THR A OG1 1 
ATOM   477  C CG2 . THR A 1 62  ? 4.065   17.956  -2.088  1.00 20.77 ? 62  THR A CG2 1 
ATOM   478  N N   . LEU A 1 63  ? 6.784   18.646  -0.588  1.00 22.74 ? 63  LEU A N   1 
ATOM   479  C CA  . LEU A 1 63  ? 7.913   19.469  -1.000  1.00 24.35 ? 63  LEU A CA  1 
ATOM   480  C C   . LEU A 1 63  ? 7.968   19.477  -2.522  1.00 25.61 ? 63  LEU A C   1 
ATOM   481  O O   . LEU A 1 63  ? 7.960   18.419  -3.159  1.00 25.31 ? 63  LEU A O   1 
ATOM   482  C CB  . LEU A 1 63  ? 9.220   18.895  -0.448  1.00 24.22 ? 63  LEU A CB  1 
ATOM   483  C CG  . LEU A 1 63  ? 9.353   18.827  1.070   1.00 24.30 ? 63  LEU A CG  1 
ATOM   484  C CD1 . LEU A 1 63  ? 10.594  18.034  1.433   1.00 25.54 ? 63  LEU A CD1 1 
ATOM   485  C CD2 . LEU A 1 63  ? 9.421   20.237  1.636   1.00 25.39 ? 63  LEU A CD2 1 
ATOM   486  N N   . ARG A 1 64  ? 8.017   20.666  -3.110  1.00 26.46 ? 64  ARG A N   1 
ATOM   487  C CA  . ARG A 1 64  ? 8.080   20.768  -4.560  1.00 28.62 ? 64  ARG A CA  1 
ATOM   488  C C   . ARG A 1 64  ? 9.227   21.663  -4.989  1.00 31.41 ? 64  ARG A C   1 
ATOM   489  O O   . ARG A 1 64  ? 9.422   22.749  -4.448  1.00 30.91 ? 64  ARG A O   1 
ATOM   490  C CB  . ARG A 1 64  ? 6.763   21.313  -5.122  1.00 27.23 ? 64  ARG A CB  1 
ATOM   491  C CG  . ARG A 1 64  ? 6.721   21.348  -6.643  1.00 25.91 ? 64  ARG A CG  1 
ATOM   492  C CD  . ARG A 1 64  ? 5.390   21.863  -7.149  1.00 25.17 ? 64  ARG A CD  1 
ATOM   493  N NE  . ARG A 1 64  ? 4.296   20.933  -6.881  1.00 25.21 ? 64  ARG A NE  1 
ATOM   494  C CZ  . ARG A 1 64  ? 4.082   19.805  -7.552  1.00 25.28 ? 64  ARG A CZ  1 
ATOM   495  N NH1 . ARG A 1 64  ? 4.885   19.444  -8.547  1.00 22.48 ? 64  ARG A NH1 1 
ATOM   496  N NH2 . ARG A 1 64  ? 3.056   19.033  -7.228  1.00 25.02 ? 64  ARG A NH2 1 
ATOM   497  N N   . HIS A 1 65  ? 9.996   21.180  -5.954  1.00 35.94 ? 65  HIS A N   1 
ATOM   498  C CA  . HIS A 1 65  ? 11.121  21.927  -6.494  1.00 41.64 ? 65  HIS A CA  1 
ATOM   499  C C   . HIS A 1 65  ? 10.525  22.656  -7.691  1.00 44.24 ? 65  HIS A C   1 
ATOM   500  O O   . HIS A 1 65  ? 10.052  22.025  -8.634  1.00 45.02 ? 65  HIS A O   1 
ATOM   501  C CB  . HIS A 1 65  ? 12.218  20.958  -6.948  1.00 43.64 ? 65  HIS A CB  1 
ATOM   502  C CG  . HIS A 1 65  ? 12.532  19.885  -5.947  1.00 45.32 ? 65  HIS A CG  1 
ATOM   503  N ND1 . HIS A 1 65  ? 13.568  19.984  -5.042  1.00 45.71 ? 65  HIS A ND1 1 
ATOM   504  C CD2 . HIS A 1 65  ? 11.923  18.700  -5.690  1.00 44.57 ? 65  HIS A CD2 1 
ATOM   505  C CE1 . HIS A 1 65  ? 13.583  18.909  -4.273  1.00 45.63 ? 65  HIS A CE1 1 
ATOM   506  N NE2 . HIS A 1 65  ? 12.594  18.115  -4.645  1.00 44.26 ? 65  HIS A NE2 1 
ATOM   507  N N   . GLN A 1 66  ? 10.517  23.981  -7.646  1.00 48.48 ? 66  GLN A N   1 
ATOM   508  C CA  . GLN A 1 66  ? 9.949   24.753  -8.739  1.00 52.38 ? 66  GLN A CA  1 
ATOM   509  C C   . GLN A 1 66  ? 11.066  25.185  -9.677  1.00 53.21 ? 66  GLN A C   1 
ATOM   510  O O   . GLN A 1 66  ? 11.536  24.380  -10.487 1.00 55.40 ? 66  GLN A O   1 
ATOM   511  C CB  . GLN A 1 66  ? 9.208   25.969  -8.188  1.00 56.32 ? 66  GLN A CB  1 
ATOM   512  C CG  . GLN A 1 66  ? 8.364   26.686  -9.224  1.00 61.31 ? 66  GLN A CG  1 
ATOM   513  C CD  . GLN A 1 66  ? 8.763   28.145  -9.384  1.00 63.85 ? 66  GLN A CD  1 
ATOM   514  O OE1 . GLN A 1 66  ? 8.774   28.908  -8.413  1.00 65.15 ? 66  GLN A OE1 1 
ATOM   515  N NE2 . GLN A 1 66  ? 9.094   28.542  -10.614 1.00 63.40 ? 66  GLN A NE2 1 
ATOM   516  N N   . GLY A 1 67  ? 11.489  26.447  -9.585  1.00 52.44 ? 67  GLY A N   1 
ATOM   517  C CA  . GLY A 1 67  ? 12.580  26.909  -10.439 1.00 52.19 ? 67  GLY A CA  1 
ATOM   518  C C   . GLY A 1 67  ? 13.790  26.105  -9.986  1.00 52.59 ? 67  GLY A C   1 
ATOM   519  O O   . GLY A 1 67  ? 14.112  25.044  -10.552 1.00 53.30 ? 67  GLY A O   1 
ATOM   520  N N   . GLY A 1 68  ? 14.452  26.609  -8.951  1.00 52.13 ? 68  GLY A N   1 
ATOM   521  C CA  . GLY A 1 68  ? 15.585  25.925  -8.354  1.00 50.57 ? 68  GLY A CA  1 
ATOM   522  C C   . GLY A 1 68  ? 15.275  26.093  -6.879  1.00 49.73 ? 68  GLY A C   1 
ATOM   523  O O   . GLY A 1 68  ? 16.097  25.841  -5.995  1.00 50.21 ? 68  GLY A O   1 
ATOM   524  N N   . ARG A 1 69  ? 14.038  26.533  -6.648  1.00 48.15 ? 69  ARG A N   1 
ATOM   525  C CA  . ARG A 1 69  ? 13.489  26.823  -5.332  1.00 45.76 ? 69  ARG A CA  1 
ATOM   526  C C   . ARG A 1 69  ? 12.652  25.672  -4.775  1.00 42.70 ? 69  ARG A C   1 
ATOM   527  O O   . ARG A 1 69  ? 11.943  24.990  -5.517  1.00 43.22 ? 69  ARG A O   1 
ATOM   528  C CB  . ARG A 1 69  ? 12.611  28.067  -5.438  1.00 48.84 ? 69  ARG A CB  1 
ATOM   529  C CG  . ARG A 1 69  ? 13.145  29.145  -6.385  1.00 52.50 ? 69  ARG A CG  1 
ATOM   530  C CD  . ARG A 1 69  ? 14.441  29.736  -5.857  1.00 56.02 ? 69  ARG A CD  1 
ATOM   531  N NE  . ARG A 1 69  ? 14.328  30.043  -4.431  1.00 59.96 ? 69  ARG A NE  1 
ATOM   532  C CZ  . ARG A 1 69  ? 13.535  30.985  -3.919  1.00 61.23 ? 69  ARG A CZ  1 
ATOM   533  N NH1 . ARG A 1 69  ? 12.779  31.737  -4.718  1.00 61.62 ? 69  ARG A NH1 1 
ATOM   534  N NH2 . ARG A 1 69  ? 13.480  31.158  -2.599  1.00 59.82 ? 69  ARG A NH2 1 
ATOM   535  N N   . LEU A 1 70  ? 12.728  25.470  -3.463  1.00 38.45 ? 70  LEU A N   1 
ATOM   536  C CA  . LEU A 1 70  ? 11.966  24.412  -2.807  1.00 33.54 ? 70  LEU A CA  1 
ATOM   537  C C   . LEU A 1 70  ? 10.813  25.033  -2.029  1.00 30.94 ? 70  LEU A C   1 
ATOM   538  O O   . LEU A 1 70  ? 11.018  25.924  -1.203  1.00 29.78 ? 70  LEU A O   1 
ATOM   539  C CB  . LEU A 1 70  ? 12.866  23.615  -1.853  1.00 32.60 ? 70  LEU A CB  1 
ATOM   540  C CG  . LEU A 1 70  ? 12.231  22.419  -1.131  1.00 31.37 ? 70  LEU A CG  1 
ATOM   541  C CD1 . LEU A 1 70  ? 11.722  21.406  -2.142  1.00 29.42 ? 70  LEU A CD1 1 
ATOM   542  C CD2 . LEU A 1 70  ? 13.252  21.772  -0.219  1.00 31.54 ? 70  LEU A CD2 1 
ATOM   543  N N   . ALA A 1 71  ? 9.599   24.567  -2.298  1.00 28.56 ? 71  ALA A N   1 
ATOM   544  C CA  . ALA A 1 71  ? 8.417   25.079  -1.617  1.00 26.72 ? 71  ALA A CA  1 
ATOM   545  C C   . ALA A 1 71  ? 7.790   23.997  -0.757  1.00 26.42 ? 71  ALA A C   1 
ATOM   546  O O   . ALA A 1 71  ? 7.623   22.859  -1.198  1.00 27.22 ? 71  ALA A O   1 
ATOM   547  C CB  . ALA A 1 71  ? 7.405   25.581  -2.630  1.00 25.33 ? 71  ALA A CB  1 
ATOM   548  N N   . MET A 1 72  ? 7.448   24.353  0.475   1.00 24.90 ? 72  MET A N   1 
ATOM   549  C CA  . MET A 1 72  ? 6.828   23.414  1.395   1.00 25.32 ? 72  MET A CA  1 
ATOM   550  C C   . MET A 1 72  ? 5.350   23.750  1.562   1.00 26.14 ? 72  MET A C   1 
ATOM   551  O O   . MET A 1 72  ? 4.988   24.901  1.819   1.00 25.36 ? 72  MET A O   1 
ATOM   552  C CB  . MET A 1 72  ? 7.514   23.475  2.762   1.00 25.58 ? 72  MET A CB  1 
ATOM   553  C CG  . MET A 1 72  ? 7.016   22.433  3.758   1.00 27.23 ? 72  MET A CG  1 
ATOM   554  S SD  . MET A 1 72  ? 7.624   22.684  5.466   1.00 30.01 ? 72  MET A SD  1 
ATOM   555  C CE  . MET A 1 72  ? 9.371   22.901  5.163   1.00 29.11 ? 72  MET A CE  1 
ATOM   556  N N   . THR A 1 73  ? 4.495   22.749  1.389   1.00 25.47 ? 73  THR A N   1 
ATOM   557  C CA  . THR A 1 73  ? 3.069   22.951  1.570   1.00 26.56 ? 73  THR A CA  1 
ATOM   558  C C   . THR A 1 73  ? 2.454   21.855  2.427   1.00 26.51 ? 73  THR A C   1 
ATOM   559  O O   . THR A 1 73  ? 2.871   20.695  2.417   1.00 25.93 ? 73  THR A O   1 
ATOM   560  C CB  . THR A 1 73  ? 2.317   23.012  0.245   1.00 24.83 ? 73  THR A CB  1 
ATOM   561  O OG1 . THR A 1 73  ? 2.570   21.818  -0.501  1.00 27.26 ? 73  THR A OG1 1 
ATOM   562  C CG2 . THR A 1 73  ? 2.756   24.217  -0.548  1.00 25.75 ? 73  THR A CG2 1 
ATOM   563  N N   . ASP A 1 74  ? 1.454   22.263  3.183   1.00 27.03 ? 74  ASP A N   1 
ATOM   564  C CA  . ASP A 1 74  ? 0.726   21.391  4.074   1.00 26.54 ? 74  ASP A CA  1 
ATOM   565  C C   . ASP A 1 74  ? -0.127  20.436  3.236   1.00 24.70 ? 74  ASP A C   1 
ATOM   566  O O   . ASP A 1 74  ? -0.541  20.776  2.130   1.00 25.61 ? 74  ASP A O   1 
ATOM   567  C CB  . ASP A 1 74  ? -0.156  22.274  4.962   1.00 29.57 ? 74  ASP A CB  1 
ATOM   568  C CG  . ASP A 1 74  ? -0.838  21.507  6.057   1.00 33.02 ? 74  ASP A CG  1 
ATOM   569  O OD1 . ASP A 1 74  ? -0.131  20.841  6.849   1.00 35.21 ? 74  ASP A OD1 1 
ATOM   570  O OD2 . ASP A 1 74  ? -2.085  21.579  6.128   1.00 36.44 ? 74  ASP A OD2 1 
ATOM   571  N N   . GLY A 1 75  ? -0.377  19.239  3.748   1.00 22.91 ? 75  GLY A N   1 
ATOM   572  C CA  . GLY A 1 75  ? -1.211  18.303  3.017   1.00 22.67 ? 75  GLY A CA  1 
ATOM   573  C C   . GLY A 1 75  ? -0.517  17.428  1.988   1.00 23.24 ? 75  GLY A C   1 
ATOM   574  O O   . GLY A 1 75  ? 0.706   17.492  1.816   1.00 22.18 ? 75  GLY A O   1 
ATOM   575  N N   . PRO A 1 76  ? -1.297  16.610  1.261   1.00 22.09 ? 76  PRO A N   1 
ATOM   576  C CA  . PRO A 1 76  ? -0.813  15.686  0.233   1.00 21.36 ? 76  PRO A CA  1 
ATOM   577  C C   . PRO A 1 76  ? -0.397  16.322  -1.096  1.00 21.55 ? 76  PRO A C   1 
ATOM   578  O O   . PRO A 1 76  ? -0.510  17.537  -1.285  1.00 20.80 ? 76  PRO A O   1 
ATOM   579  C CB  . PRO A 1 76  ? -1.981  14.717  0.086   1.00 21.87 ? 76  PRO A CB  1 
ATOM   580  C CG  . PRO A 1 76  ? -3.167  15.628  0.253   1.00 21.40 ? 76  PRO A CG  1 
ATOM   581  C CD  . PRO A 1 76  ? -2.762  16.511  1.413   1.00 20.69 ? 76  PRO A CD  1 
ATOM   582  N N   . PHE A 1 77  ? 0.078   15.484  -2.015  1.00 20.52 ? 77  PHE A N   1 
ATOM   583  C CA  . PHE A 1 77  ? 0.529   15.937  -3.329  1.00 21.37 ? 77  PHE A CA  1 
ATOM   584  C C   . PHE A 1 77  ? -0.592  16.595  -4.118  1.00 21.40 ? 77  PHE A C   1 
ATOM   585  O O   . PHE A 1 77  ? -0.348  17.469  -4.949  1.00 21.74 ? 77  PHE A O   1 
ATOM   586  C CB  . PHE A 1 77  ? 1.077   14.762  -4.148  1.00 21.01 ? 77  PHE A CB  1 
ATOM   587  C CG  . PHE A 1 77  ? 0.008   13.880  -4.736  1.00 20.58 ? 77  PHE A CG  1 
ATOM   588  C CD1 . PHE A 1 77  ? -0.823  13.124  -3.914  1.00 18.98 ? 77  PHE A CD1 1 
ATOM   589  C CD2 . PHE A 1 77  ? -0.184  13.827  -6.119  1.00 20.51 ? 77  PHE A CD2 1 
ATOM   590  C CE1 . PHE A 1 77  ? -1.834  12.327  -4.460  1.00 19.43 ? 77  PHE A CE1 1 
ATOM   591  C CE2 . PHE A 1 77  ? -1.195  13.032  -6.673  1.00 19.92 ? 77  PHE A CE2 1 
ATOM   592  C CZ  . PHE A 1 77  ? -2.020  12.283  -5.840  1.00 19.21 ? 77  PHE A CZ  1 
ATOM   593  N N   . ALA A 1 78  ? -1.817  16.154  -3.862  1.00 21.34 ? 78  ALA A N   1 
ATOM   594  C CA  . ALA A 1 78  ? -2.984  16.693  -4.545  1.00 23.06 ? 78  ALA A CA  1 
ATOM   595  C C   . ALA A 1 78  ? -4.251  16.189  -3.877  1.00 24.18 ? 78  ALA A C   1 
ATOM   596  O O   . ALA A 1 78  ? -4.213  15.237  -3.102  1.00 23.66 ? 78  ALA A O   1 
ATOM   597  C CB  . ALA A 1 78  ? -2.971  16.265  -6.005  1.00 21.97 ? 78  ALA A CB  1 
ATOM   598  N N   . GLU A 1 79  ? -5.370  16.832  -4.185  1.00 25.94 ? 79  GLU A N   1 
ATOM   599  C CA  . GLU A 1 79  ? -6.660  16.425  -3.642  1.00 28.87 ? 79  GLU A CA  1 
ATOM   600  C C   . GLU A 1 79  ? -7.193  15.335  -4.568  1.00 27.66 ? 79  GLU A C   1 
ATOM   601  O O   . GLU A 1 79  ? -7.216  15.508  -5.784  1.00 29.34 ? 79  GLU A O   1 
ATOM   602  C CB  . GLU A 1 79  ? -7.631  17.605  -3.629  1.00 33.30 ? 79  GLU A CB  1 
ATOM   603  C CG  . GLU A 1 79  ? -7.086  18.853  -2.950  1.00 44.96 ? 79  GLU A CG  1 
ATOM   604  C CD  . GLU A 1 79  ? -6.941  18.692  -1.442  1.00 51.78 ? 79  GLU A CD  1 
ATOM   605  O OE1 . GLU A 1 79  ? -7.985  18.546  -0.770  1.00 55.94 ? 79  GLU A OE1 1 
ATOM   606  O OE2 . GLU A 1 79  ? -5.792  18.713  -0.927  1.00 55.17 ? 79  GLU A OE2 1 
ATOM   607  N N   . THR A 1 80  ? -7.600  14.208  -3.997  1.00 26.09 ? 80  THR A N   1 
ATOM   608  C CA  . THR A 1 80  ? -8.128  13.103  -4.783  1.00 24.68 ? 80  THR A CA  1 
ATOM   609  C C   . THR A 1 80  ? -9.376  12.582  -4.091  1.00 24.97 ? 80  THR A C   1 
ATOM   610  O O   . THR A 1 80  ? -9.602  12.893  -2.925  1.00 25.72 ? 80  THR A O   1 
ATOM   611  C CB  . THR A 1 80  ? -7.101  11.961  -4.894  1.00 25.60 ? 80  THR A CB  1 
ATOM   612  O OG1 . THR A 1 80  ? -6.681  11.566  -3.581  1.00 24.28 ? 80  THR A OG1 1 
ATOM   613  C CG2 . THR A 1 80  ? -5.890  12.414  -5.707  1.00 25.22 ? 80  THR A CG2 1 
ATOM   614  N N   . LYS A 1 81  ? -10.185 11.804  -4.803  1.00 25.18 ? 81  LYS A N   1 
ATOM   615  C CA  . LYS A 1 81  ? -11.407 11.241  -4.227  1.00 26.15 ? 81  LYS A CA  1 
ATOM   616  C C   . LYS A 1 81  ? -11.033 10.225  -3.147  1.00 24.98 ? 81  LYS A C   1 
ATOM   617  O O   . LYS A 1 81  ? -11.620 10.215  -2.062  1.00 24.05 ? 81  LYS A O   1 
ATOM   618  C CB  . LYS A 1 81  ? -12.246 10.573  -5.320  1.00 29.64 ? 81  LYS A CB  1 
ATOM   619  C CG  . LYS A 1 81  ? -13.495 9.867   -4.812  1.00 37.60 ? 81  LYS A CG  1 
ATOM   620  C CD  . LYS A 1 81  ? -14.498 10.826  -4.169  1.00 41.30 ? 81  LYS A CD  1 
ATOM   621  C CE  . LYS A 1 81  ? -15.689 10.056  -3.595  1.00 44.51 ? 81  LYS A CE  1 
ATOM   622  N NZ  . LYS A 1 81  ? -16.773 10.955  -3.094  1.00 48.58 ? 81  LYS A NZ  1 
ATOM   623  N N   . GLU A 1 82  ? -10.056 9.376   -3.463  1.00 23.60 ? 82  GLU A N   1 
ATOM   624  C CA  . GLU A 1 82  ? -9.539  8.381   -2.532  1.00 22.23 ? 82  GLU A CA  1 
ATOM   625  C C   . GLU A 1 82  ? -8.075  8.737   -2.242  1.00 23.23 ? 82  GLU A C   1 
ATOM   626  O O   . GLU A 1 82  ? -7.320  9.086   -3.151  1.00 23.39 ? 82  GLU A O   1 
ATOM   627  C CB  . GLU A 1 82  ? -9.609  6.980   -3.139  1.00 22.62 ? 82  GLU A CB  1 
ATOM   628  C CG  . GLU A 1 82  ? -11.019 6.478   -3.390  1.00 23.01 ? 82  GLU A CG  1 
ATOM   629  C CD  . GLU A 1 82  ? -11.049 5.044   -3.894  1.00 23.67 ? 82  GLU A CD  1 
ATOM   630  O OE1 . GLU A 1 82  ? -10.391 4.758   -4.914  1.00 22.79 ? 82  GLU A OE1 1 
ATOM   631  O OE2 . GLU A 1 82  ? -11.736 4.203   -3.272  1.00 25.15 ? 82  GLU A OE2 1 
ATOM   632  N N   . GLN A 1 83  ? -7.681  8.662   -0.973  1.00 22.40 ? 83  GLN A N   1 
ATOM   633  C CA  . GLN A 1 83  ? -6.315  8.970   -0.571  1.00 20.90 ? 83  GLN A CA  1 
ATOM   634  C C   . GLN A 1 83  ? -5.533  7.680   -0.371  1.00 20.85 ? 83  GLN A C   1 
ATOM   635  O O   . GLN A 1 83  ? -6.119  6.628   -0.117  1.00 20.06 ? 83  GLN A O   1 
ATOM   636  C CB  . GLN A 1 83  ? -6.301  9.761   0.741   1.00 20.29 ? 83  GLN A CB  1 
ATOM   637  C CG  . GLN A 1 83  ? -7.016  11.104  0.696   1.00 20.43 ? 83  GLN A CG  1 
ATOM   638  C CD  . GLN A 1 83  ? -8.523  10.977  0.545   1.00 19.71 ? 83  GLN A CD  1 
ATOM   639  O OE1 . GLN A 1 83  ? -9.179  10.259  1.296   1.00 19.89 ? 83  GLN A OE1 1 
ATOM   640  N NE2 . GLN A 1 83  ? -9.077  11.689  -0.421  1.00 20.33 ? 83  GLN A NE2 1 
ATOM   641  N N   . LEU A 1 84  ? -4.210  7.768   -0.497  1.00 21.33 ? 84  LEU A N   1 
ATOM   642  C CA  . LEU A 1 84  ? -3.331  6.621   -0.302  1.00 21.08 ? 84  LEU A CA  1 
ATOM   643  C C   . LEU A 1 84  ? -3.311  6.416   1.205   1.00 21.31 ? 84  LEU A C   1 
ATOM   644  O O   . LEU A 1 84  ? -2.814  7.272   1.937   1.00 21.72 ? 84  LEU A O   1 
ATOM   645  C CB  . LEU A 1 84  ? -1.918  6.956   -0.774  1.00 21.07 ? 84  LEU A CB  1 
ATOM   646  C CG  . LEU A 1 84  ? -1.045  5.847   -1.358  1.00 23.17 ? 84  LEU A CG  1 
ATOM   647  C CD1 . LEU A 1 84  ? 0.403   6.150   -1.014  1.00 20.24 ? 84  LEU A CD1 1 
ATOM   648  C CD2 . LEU A 1 84  ? -1.455  4.492   -0.839  1.00 22.28 ? 84  LEU A CD2 1 
ATOM   649  N N   . GLY A 1 85  ? -3.846  5.291   1.669   1.00 21.25 ? 85  GLY A N   1 
ATOM   650  C CA  . GLY A 1 85  ? -3.893  5.047   3.100   1.00 21.45 ? 85  GLY A CA  1 
ATOM   651  C C   . GLY A 1 85  ? -2.983  3.958   3.640   1.00 21.95 ? 85  GLY A C   1 
ATOM   652  O O   . GLY A 1 85  ? -2.982  3.702   4.844   1.00 22.48 ? 85  GLY A O   1 
ATOM   653  N N   . GLY A 1 86  ? -2.209  3.316   2.769   1.00 20.47 ? 86  GLY A N   1 
ATOM   654  C CA  . GLY A 1 86  ? -1.310  2.263   3.218   1.00 20.96 ? 86  GLY A CA  1 
ATOM   655  C C   . GLY A 1 86  ? -0.737  1.458   2.064   1.00 21.68 ? 86  GLY A C   1 
ATOM   656  O O   . GLY A 1 86  ? -1.103  1.678   0.910   1.00 21.36 ? 86  GLY A O   1 
ATOM   657  N N   . PHE A 1 87  ? 0.160   0.523   2.361   1.00 20.67 ? 87  PHE A N   1 
ATOM   658  C CA  . PHE A 1 87  ? 0.751   -0.291  1.309   1.00 21.65 ? 87  PHE A CA  1 
ATOM   659  C C   . PHE A 1 87  ? 1.341   -1.585  1.838   1.00 22.46 ? 87  PHE A C   1 
ATOM   660  O O   . PHE A 1 87  ? 1.610   -1.719  3.031   1.00 22.51 ? 87  PHE A O   1 
ATOM   661  C CB  . PHE A 1 87  ? 1.886   0.464   0.604   1.00 21.79 ? 87  PHE A CB  1 
ATOM   662  C CG  . PHE A 1 87  ? 3.136   0.599   1.447   1.00 22.34 ? 87  PHE A CG  1 
ATOM   663  C CD1 . PHE A 1 87  ? 3.291   1.669   2.325   1.00 20.63 ? 87  PHE A CD1 1 
ATOM   664  C CD2 . PHE A 1 87  ? 4.128   -0.381  1.405   1.00 21.82 ? 87  PHE A CD2 1 
ATOM   665  C CE1 . PHE A 1 87  ? 4.406   1.764   3.149   1.00 21.43 ? 87  PHE A CE1 1 
ATOM   666  C CE2 . PHE A 1 87  ? 5.252   -0.295  2.230   1.00 21.98 ? 87  PHE A CE2 1 
ATOM   667  C CZ  . PHE A 1 87  ? 5.389   0.780   3.103   1.00 21.74 ? 87  PHE A CZ  1 
ATOM   668  N N   . TYR A 1 88  ? 1.547   -2.516  0.914   1.00 22.80 ? 88  TYR A N   1 
ATOM   669  C CA  . TYR A 1 88  ? 2.173   -3.805  1.170   1.00 23.81 ? 88  TYR A CA  1 
ATOM   670  C C   . TYR A 1 88  ? 3.211   -3.923  0.057   1.00 24.64 ? 88  TYR A C   1 
ATOM   671  O O   . TYR A 1 88  ? 2.873   -3.794  -1.118  1.00 24.81 ? 88  TYR A O   1 
ATOM   672  C CB  . TYR A 1 88  ? 1.195   -4.965  1.001   1.00 23.85 ? 88  TYR A CB  1 
ATOM   673  C CG  . TYR A 1 88  ? 0.518   -5.459  2.258   1.00 28.37 ? 88  TYR A CG  1 
ATOM   674  C CD1 . TYR A 1 88  ? -0.512  -4.734  2.849   1.00 28.18 ? 88  TYR A CD1 1 
ATOM   675  C CD2 . TYR A 1 88  ? 0.856   -6.698  2.815   1.00 31.29 ? 88  TYR A CD2 1 
ATOM   676  C CE1 . TYR A 1 88  ? -1.201  -5.230  3.956   1.00 30.53 ? 88  TYR A CE1 1 
ATOM   677  C CE2 . TYR A 1 88  ? 0.173   -7.205  3.927   1.00 32.31 ? 88  TYR A CE2 1 
ATOM   678  C CZ  . TYR A 1 88  ? -0.858  -6.463  4.487   1.00 32.63 ? 88  TYR A CZ  1 
ATOM   679  O OH  . TYR A 1 88  ? -1.571  -6.958  5.558   1.00 35.39 ? 88  TYR A OH  1 
ATOM   680  N N   . LEU A 1 89  ? 4.466   -4.143  0.420   1.00 24.54 ? 89  LEU A N   1 
ATOM   681  C CA  . LEU A 1 89  ? 5.521   -4.319  -0.572  1.00 25.21 ? 89  LEU A CA  1 
ATOM   682  C C   . LEU A 1 89  ? 5.754   -5.824  -0.508  1.00 26.04 ? 89  LEU A C   1 
ATOM   683  O O   . LEU A 1 89  ? 6.131   -6.353  0.541   1.00 26.42 ? 89  LEU A O   1 
ATOM   684  C CB  . LEU A 1 89  ? 6.786   -3.581  -0.145  1.00 24.67 ? 89  LEU A CB  1 
ATOM   685  C CG  . LEU A 1 89  ? 7.742   -3.014  -1.198  1.00 27.25 ? 89  LEU A CG  1 
ATOM   686  C CD1 . LEU A 1 89  ? 9.156   -3.219  -0.681  1.00 25.06 ? 89  LEU A CD1 1 
ATOM   687  C CD2 . LEU A 1 89  ? 7.559   -3.660  -2.559  1.00 24.90 ? 89  LEU A CD2 1 
ATOM   688  N N   . ILE A 1 90  ? 5.518   -6.517  -1.614  1.00 25.46 ? 90  ILE A N   1 
ATOM   689  C CA  . ILE A 1 90  ? 5.663   -7.964  -1.633  1.00 25.24 ? 90  ILE A CA  1 
ATOM   690  C C   . ILE A 1 90  ? 6.448   -8.434  -2.834  1.00 27.32 ? 90  ILE A C   1 
ATOM   691  O O   . ILE A 1 90  ? 6.761   -7.658  -3.730  1.00 27.27 ? 90  ILE A O   1 
ATOM   692  C CB  . ILE A 1 90  ? 4.287   -8.660  -1.737  1.00 24.41 ? 90  ILE A CB  1 
ATOM   693  C CG1 . ILE A 1 90  ? 3.670   -8.342  -3.113  1.00 24.16 ? 90  ILE A CG1 1 
ATOM   694  C CG2 . ILE A 1 90  ? 3.375   -8.205  -0.592  1.00 23.09 ? 90  ILE A CG2 1 
ATOM   695  C CD1 . ILE A 1 90  ? 2.399   -9.109  -3.466  1.00 22.00 ? 90  ILE A CD1 1 
ATOM   696  N N   . GLU A 1 91  ? 6.779   -9.718  -2.835  1.00 30.10 ? 91  GLU A N   1 
ATOM   697  C CA  . GLU A 1 91  ? 7.439   -10.301 -3.983  1.00 32.22 ? 91  GLU A CA  1 
ATOM   698  C C   . GLU A 1 91  ? 6.597   -11.529 -4.278  1.00 31.12 ? 91  GLU A C   1 
ATOM   699  O O   . GLU A 1 91  ? 6.129   -12.204 -3.362  1.00 29.90 ? 91  GLU A O   1 
ATOM   700  C CB  . GLU A 1 91  ? 8.917   -10.632 -3.714  1.00 34.76 ? 91  GLU A CB  1 
ATOM   701  C CG  . GLU A 1 91  ? 9.243   -11.886 -2.952  1.00 41.89 ? 91  GLU A CG  1 
ATOM   702  C CD  . GLU A 1 91  ? 10.728  -12.249 -3.102  1.00 47.04 ? 91  GLU A CD  1 
ATOM   703  O OE1 . GLU A 1 91  ? 11.592  -11.369 -2.881  1.00 48.82 ? 91  GLU A OE1 1 
ATOM   704  O OE2 . GLU A 1 91  ? 11.035  -13.412 -3.445  1.00 49.87 ? 91  GLU A OE2 1 
ATOM   705  N N   . ALA A 1 92  ? 6.347   -11.763 -5.560  1.00 30.38 ? 92  ALA A N   1 
ATOM   706  C CA  . ALA A 1 92  ? 5.534   -12.882 -6.005  1.00 30.28 ? 92  ALA A CA  1 
ATOM   707  C C   . ALA A 1 92  ? 6.170   -13.421 -7.280  1.00 31.39 ? 92  ALA A C   1 
ATOM   708  O O   . ALA A 1 92  ? 7.067   -12.785 -7.834  1.00 32.06 ? 92  ALA A O   1 
ATOM   709  C CB  . ALA A 1 92  ? 4.110   -12.404 -6.275  1.00 28.38 ? 92  ALA A CB  1 
ATOM   710  N N   . ARG A 1 93  ? 5.720   -14.583 -7.749  1.00 32.53 ? 93  ARG A N   1 
ATOM   711  C CA  . ARG A 1 93  ? 6.297   -15.160 -8.960  1.00 34.89 ? 93  ARG A CA  1 
ATOM   712  C C   . ARG A 1 93  ? 5.937   -14.365 -10.203 1.00 34.73 ? 93  ARG A C   1 
ATOM   713  O O   . ARG A 1 93  ? 6.693   -14.348 -11.169 1.00 36.63 ? 93  ARG A O   1 
ATOM   714  C CB  . ARG A 1 93  ? 5.875   -16.623 -9.145  1.00 39.05 ? 93  ARG A CB  1 
ATOM   715  C CG  . ARG A 1 93  ? 4.379   -16.872 -9.222  1.00 45.71 ? 93  ARG A CG  1 
ATOM   716  C CD  . ARG A 1 93  ? 4.085   -18.183 -9.957  1.00 49.82 ? 93  ARG A CD  1 
ATOM   717  N NE  . ARG A 1 93  ? 2.706   -18.637 -9.767  1.00 55.98 ? 93  ARG A NE  1 
ATOM   718  C CZ  . ARG A 1 93  ? 1.618   -17.911 -10.027 1.00 58.59 ? 93  ARG A CZ  1 
ATOM   719  N NH1 . ARG A 1 93  ? 1.720   -16.676 -10.496 1.00 58.90 ? 93  ARG A NH1 1 
ATOM   720  N NH2 . ARG A 1 93  ? 0.413   -18.420 -9.808  1.00 61.09 ? 93  ARG A NH2 1 
ATOM   721  N N   . ASP A 1 94  ? 4.783   -13.708 -10.178 1.00 33.81 ? 94  ASP A N   1 
ATOM   722  C CA  . ASP A 1 94  ? 4.340   -12.893 -11.302 1.00 33.02 ? 94  ASP A CA  1 
ATOM   723  C C   . ASP A 1 94  ? 3.178   -11.993 -10.891 1.00 32.28 ? 94  ASP A C   1 
ATOM   724  O O   . ASP A 1 94  ? 2.688   -12.069 -9.760  1.00 31.13 ? 94  ASP A O   1 
ATOM   725  C CB  . ASP A 1 94  ? 3.923   -13.773 -12.476 1.00 34.84 ? 94  ASP A CB  1 
ATOM   726  C CG  . ASP A 1 94  ? 2.882   -14.802 -12.092 1.00 37.64 ? 94  ASP A CG  1 
ATOM   727  O OD1 . ASP A 1 94  ? 1.919   -14.455 -11.367 1.00 37.81 ? 94  ASP A OD1 1 
ATOM   728  O OD2 . ASP A 1 94  ? 3.023   -15.962 -12.527 1.00 40.10 ? 94  ASP A OD2 1 
ATOM   729  N N   . LEU A 1 95  ? 2.733   -11.147 -11.811 1.00 30.36 ? 95  LEU A N   1 
ATOM   730  C CA  . LEU A 1 95  ? 1.651   -10.228 -11.512 1.00 28.98 ? 95  LEU A CA  1 
ATOM   731  C C   . LEU A 1 95  ? 0.386   -10.948 -11.093 1.00 28.17 ? 95  LEU A C   1 
ATOM   732  O O   . LEU A 1 95  ? -0.316  -10.488 -10.198 1.00 28.14 ? 95  LEU A O   1 
ATOM   733  C CB  . LEU A 1 95  ? 1.349   -9.323  -12.711 1.00 28.39 ? 95  LEU A CB  1 
ATOM   734  C CG  . LEU A 1 95  ? 0.198   -8.323  -12.486 1.00 29.43 ? 95  LEU A CG  1 
ATOM   735  C CD1 . LEU A 1 95  ? 0.534   -7.389  -11.326 1.00 29.20 ? 95  LEU A CD1 1 
ATOM   736  C CD2 . LEU A 1 95  ? -0.041  -7.515  -13.748 1.00 28.81 ? 95  LEU A CD2 1 
ATOM   737  N N   . ASN A 1 96  ? 0.079   -12.069 -11.735 1.00 27.42 ? 96  ASN A N   1 
ATOM   738  C CA  . ASN A 1 96  ? -1.124  -12.797 -11.370 1.00 27.96 ? 96  ASN A CA  1 
ATOM   739  C C   . ASN A 1 96  ? -1.086  -13.245 -9.916  1.00 27.53 ? 96  ASN A C   1 
ATOM   740  O O   . ASN A 1 96  ? -2.089  -13.146 -9.213  1.00 26.89 ? 96  ASN A O   1 
ATOM   741  C CB  . ASN A 1 96  ? -1.332  -13.988 -12.298 1.00 29.99 ? 96  ASN A CB  1 
ATOM   742  C CG  . ASN A 1 96  ? -2.101  -13.612 -13.553 1.00 32.44 ? 96  ASN A CG  1 
ATOM   743  O OD1 . ASN A 1 96  ? -2.099  -14.351 -14.535 1.00 35.85 ? 96  ASN A OD1 1 
ATOM   744  N ND2 . ASN A 1 96  ? -2.773  -12.462 -13.521 1.00 31.15 ? 96  ASN A ND2 1 
ATOM   745  N N   . GLN A 1 97  ? 0.064   -13.721 -9.447  1.00 27.29 ? 97  GLN A N   1 
ATOM   746  C CA  . GLN A 1 97  ? 0.142   -14.132 -8.056  1.00 25.90 ? 97  GLN A CA  1 
ATOM   747  C C   . GLN A 1 97  ? 0.065   -12.895 -7.160  1.00 25.62 ? 97  GLN A C   1 
ATOM   748  O O   . GLN A 1 97  ? -0.529  -12.942 -6.086  1.00 25.35 ? 97  GLN A O   1 
ATOM   749  C CB  . GLN A 1 97  ? 1.427   -14.906 -7.769  1.00 26.88 ? 97  GLN A CB  1 
ATOM   750  C CG  . GLN A 1 97  ? 1.489   -15.367 -6.319  1.00 29.32 ? 97  GLN A CG  1 
ATOM   751  C CD  . GLN A 1 97  ? 2.679   -16.240 -6.021  1.00 31.14 ? 97  GLN A CD  1 
ATOM   752  O OE1 . GLN A 1 97  ? 3.828   -15.815 -6.141  1.00 31.40 ? 97  GLN A OE1 1 
ATOM   753  N NE2 . GLN A 1 97  ? 2.412   -17.475 -5.626  1.00 32.95 ? 97  GLN A NE2 1 
ATOM   754  N N   . ALA A 1 98  ? 0.659   -11.789 -7.604  1.00 24.62 ? 98  ALA A N   1 
ATOM   755  C CA  . ALA A 1 98  ? 0.623   -10.544 -6.837  1.00 24.28 ? 98  ALA A CA  1 
ATOM   756  C C   . ALA A 1 98  ? -0.829  -10.073 -6.654  1.00 23.92 ? 98  ALA A C   1 
ATOM   757  O O   . ALA A 1 98  ? -1.209  -9.604  -5.574  1.00 23.66 ? 98  ALA A O   1 
ATOM   758  C CB  . ALA A 1 98  ? 1.452   -9.465  -7.543  1.00 22.23 ? 98  ALA A CB  1 
ATOM   759  N N   . LEU A 1 99  ? -1.641  -10.210 -7.701  1.00 22.96 ? 99  LEU A N   1 
ATOM   760  C CA  . LEU A 1 99  ? -3.042  -9.807  -7.644  1.00 22.68 ? 99  LEU A CA  1 
ATOM   761  C C   . LEU A 1 99  ? -3.832  -10.707 -6.700  1.00 23.63 ? 99  LEU A C   1 
ATOM   762  O O   . LEU A 1 99  ? -4.766  -10.248 -6.043  1.00 24.26 ? 99  LEU A O   1 
ATOM   763  C CB  . LEU A 1 99  ? -3.666  -9.844  -9.040  1.00 22.87 ? 99  LEU A CB  1 
ATOM   764  C CG  . LEU A 1 99  ? -3.156  -8.765  -9.998  1.00 24.51 ? 99  LEU A CG  1 
ATOM   765  C CD1 . LEU A 1 99  ? -3.543  -9.096  -11.427 1.00 23.59 ? 99  LEU A CD1 1 
ATOM   766  C CD2 . LEU A 1 99  ? -3.718  -7.421  -9.579  1.00 23.79 ? 99  LEU A CD2 1 
ATOM   767  N N   . GLN A 1 100 ? -3.467  -11.987 -6.639  1.00 23.98 ? 100 GLN A N   1 
ATOM   768  C CA  . GLN A 1 100 ? -4.142  -12.934 -5.749  1.00 25.40 ? 100 GLN A CA  1 
ATOM   769  C C   . GLN A 1 100 ? -3.912  -12.564 -4.286  1.00 25.58 ? 100 GLN A C   1 
ATOM   770  O O   . GLN A 1 100 ? -4.782  -12.763 -3.433  1.00 25.89 ? 100 GLN A O   1 
ATOM   771  C CB  . GLN A 1 100 ? -3.619  -14.341 -5.972  1.00 25.65 ? 100 GLN A CB  1 
ATOM   772  C CG  . GLN A 1 100 ? -4.234  -15.063 -7.131  1.00 28.20 ? 100 GLN A CG  1 
ATOM   773  C CD  . GLN A 1 100 ? -3.629  -16.433 -7.281  1.00 31.23 ? 100 GLN A CD  1 
ATOM   774  O OE1 . GLN A 1 100 ? -2.465  -16.571 -7.656  1.00 32.13 ? 100 GLN A OE1 1 
ATOM   775  N NE2 . GLN A 1 100 ? -4.406  -17.459 -6.962  1.00 32.99 ? 100 GLN A NE2 1 
ATOM   776  N N   . ILE A 1 101 ? -2.722  -12.047 -4.006  1.00 25.12 ? 101 ILE A N   1 
ATOM   777  C CA  . ILE A 1 101 ? -2.356  -11.613 -2.667  1.00 24.13 ? 101 ILE A CA  1 
ATOM   778  C C   . ILE A 1 101 ? -3.051  -10.287 -2.367  1.00 23.95 ? 101 ILE A C   1 
ATOM   779  O O   . ILE A 1 101 ? -3.682  -10.133 -1.322  1.00 25.08 ? 101 ILE A O   1 
ATOM   780  C CB  . ILE A 1 101 ? -0.829  -11.433 -2.554  1.00 23.05 ? 101 ILE A CB  1 
ATOM   781  C CG1 . ILE A 1 101 ? -0.148  -12.807 -2.611  1.00 21.76 ? 101 ILE A CG1 1 
ATOM   782  C CG2 . ILE A 1 101 ? -0.484  -10.685 -1.276  1.00 23.68 ? 101 ILE A CG2 1 
ATOM   783  C CD1 . ILE A 1 101 ? 1.348   -12.757 -2.717  1.00 21.92 ? 101 ILE A CD1 1 
ATOM   784  N N   . ALA A 1 102 ? -2.945  -9.337  -3.292  1.00 23.16 ? 102 ALA A N   1 
ATOM   785  C CA  . ALA A 1 102 ? -3.570  -8.028  -3.120  1.00 22.29 ? 102 ALA A CA  1 
ATOM   786  C C   . ALA A 1 102 ? -5.092  -8.124  -2.908  1.00 22.57 ? 102 ALA A C   1 
ATOM   787  O O   . ALA A 1 102 ? -5.675  -7.354  -2.141  1.00 21.46 ? 102 ALA A O   1 
ATOM   788  C CB  . ALA A 1 102 ? -3.260  -7.150  -4.322  1.00 19.46 ? 102 ALA A CB  1 
ATOM   789  N N   . ALA A 1 103 ? -5.734  -9.071  -3.583  1.00 23.78 ? 103 ALA A N   1 
ATOM   790  C CA  . ALA A 1 103 ? -7.178  -9.254  -3.448  1.00 25.47 ? 103 ALA A CA  1 
ATOM   791  C C   . ALA A 1 103 ? -7.544  -9.621  -2.015  1.00 26.87 ? 103 ALA A C   1 
ATOM   792  O O   . ALA A 1 103 ? -8.705  -9.499  -1.622  1.00 27.42 ? 103 ALA A O   1 
ATOM   793  C CB  . ALA A 1 103 ? -7.671  -10.356 -4.406  1.00 23.48 ? 103 ALA A CB  1 
ATOM   794  N N   . LYS A 1 104 ? -6.556  -10.064 -1.239  1.00 27.71 ? 104 LYS A N   1 
ATOM   795  C CA  . LYS A 1 104 ? -6.797  -10.474 0.141   1.00 28.69 ? 104 LYS A CA  1 
ATOM   796  C C   . LYS A 1 104 ? -6.356  -9.477  1.205   1.00 28.57 ? 104 LYS A C   1 
ATOM   797  O O   . LYS A 1 104 ? -6.542  -9.733  2.392   1.00 28.39 ? 104 LYS A O   1 
ATOM   798  C CB  . LYS A 1 104 ? -6.134  -11.828 0.418   1.00 30.40 ? 104 LYS A CB  1 
ATOM   799  C CG  . LYS A 1 104 ? -6.497  -12.901 -0.594  1.00 33.53 ? 104 LYS A CG  1 
ATOM   800  C CD  . LYS A 1 104 ? -6.879  -14.204 0.069   1.00 38.09 ? 104 LYS A CD  1 
ATOM   801  C CE  . LYS A 1 104 ? -8.242  -14.114 0.734   1.00 41.07 ? 104 LYS A CE  1 
ATOM   802  N NZ  . LYS A 1 104 ? -8.661  -15.446 1.269   1.00 43.92 ? 104 LYS A NZ  1 
ATOM   803  N N   . ILE A 1 105 ? -5.766  -8.356  0.800   1.00 26.95 ? 105 ILE A N   1 
ATOM   804  C CA  . ILE A 1 105 ? -5.347  -7.348  1.775   1.00 27.19 ? 105 ILE A CA  1 
ATOM   805  C C   . ILE A 1 105 ? -6.619  -6.781  2.413   1.00 27.93 ? 105 ILE A C   1 
ATOM   806  O O   . ILE A 1 105 ? -7.410  -6.109  1.741   1.00 28.45 ? 105 ILE A O   1 
ATOM   807  C CB  . ILE A 1 105 ? -4.545  -6.223  1.096   1.00 26.97 ? 105 ILE A CB  1 
ATOM   808  C CG1 . ILE A 1 105 ? -3.211  -6.786  0.581   1.00 25.89 ? 105 ILE A CG1 1 
ATOM   809  C CG2 . ILE A 1 105 ? -4.321  -5.081  2.079   1.00 26.10 ? 105 ILE A CG2 1 
ATOM   810  C CD1 . ILE A 1 105 ? -2.399  -5.812  -0.279  1.00 25.00 ? 105 ILE A CD1 1 
ATOM   811  N N   . PRO A 1 106 ? -6.827  -7.042  3.723   1.00 27.87 ? 106 PRO A N   1 
ATOM   812  C CA  . PRO A 1 106 ? -7.996  -6.594  4.493   1.00 28.17 ? 106 PRO A CA  1 
ATOM   813  C C   . PRO A 1 106 ? -8.473  -5.162  4.292   1.00 28.20 ? 106 PRO A C   1 
ATOM   814  O O   . PRO A 1 106 ? -9.641  -4.944  3.976   1.00 28.50 ? 106 PRO A O   1 
ATOM   815  C CB  . PRO A 1 106 ? -7.589  -6.877  5.939   1.00 28.29 ? 106 PRO A CB  1 
ATOM   816  C CG  . PRO A 1 106 ? -6.740  -8.091  5.793   1.00 28.17 ? 106 PRO A CG  1 
ATOM   817  C CD  . PRO A 1 106 ? -5.866  -7.717  4.612   1.00 27.21 ? 106 PRO A CD  1 
ATOM   818  N N   . PRO A 1 107 ? -7.580  -4.170  4.467   1.00 27.74 ? 107 PRO A N   1 
ATOM   819  C CA  . PRO A 1 107 ? -7.927  -2.751  4.307   1.00 28.00 ? 107 PRO A CA  1 
ATOM   820  C C   . PRO A 1 107 ? -8.425  -2.406  2.900   1.00 29.22 ? 107 PRO A C   1 
ATOM   821  O O   . PRO A 1 107 ? -9.121  -1.405  2.697   1.00 28.52 ? 107 PRO A O   1 
ATOM   822  C CB  . PRO A 1 107 ? -6.616  -2.033  4.626   1.00 27.03 ? 107 PRO A CB  1 
ATOM   823  C CG  . PRO A 1 107 ? -5.834  -3.032  5.418   1.00 28.23 ? 107 PRO A CG  1 
ATOM   824  C CD  . PRO A 1 107 ? -6.144  -4.320  4.748   1.00 27.34 ? 107 PRO A CD  1 
ATOM   825  N N   . GLY A 1 108 ? -8.050  -3.242  1.933   1.00 30.50 ? 108 GLY A N   1 
ATOM   826  C CA  . GLY A 1 108 ? -8.439  -3.024  0.551   1.00 29.96 ? 108 GLY A CA  1 
ATOM   827  C C   . GLY A 1 108 ? -9.936  -2.939  0.353   1.00 30.79 ? 108 GLY A C   1 
ATOM   828  O O   . GLY A 1 108 ? -10.405 -2.361  -0.625  1.00 31.11 ? 108 GLY A O   1 
ATOM   829  N N   . ARG A 1 109 ? -10.692 -3.504  1.288   1.00 30.72 ? 109 ARG A N   1 
ATOM   830  C CA  . ARG A 1 109 ? -12.146 -3.497  1.195   1.00 30.90 ? 109 ARG A CA  1 
ATOM   831  C C   . ARG A 1 109 ? -12.740 -2.122  1.471   1.00 29.53 ? 109 ARG A C   1 
ATOM   832  O O   . ARG A 1 109 ? -13.929 -1.901  1.257   1.00 28.80 ? 109 ARG A O   1 
ATOM   833  C CB  . ARG A 1 109 ? -12.728 -4.544  2.147   1.00 33.82 ? 109 ARG A CB  1 
ATOM   834  C CG  . ARG A 1 109 ? -12.214 -5.949  1.851   1.00 41.17 ? 109 ARG A CG  1 
ATOM   835  C CD  . ARG A 1 109 ? -12.876 -7.019  2.718   1.00 48.40 ? 109 ARG A CD  1 
ATOM   836  N NE  . ARG A 1 109 ? -11.960 -7.615  3.696   1.00 53.36 ? 109 ARG A NE  1 
ATOM   837  C CZ  . ARG A 1 109 ? -11.928 -7.305  4.992   1.00 54.73 ? 109 ARG A CZ  1 
ATOM   838  N NH1 . ARG A 1 109 ? -12.761 -6.397  5.493   1.00 54.62 ? 109 ARG A NH1 1 
ATOM   839  N NH2 . ARG A 1 109 ? -11.068 -7.919  5.793   1.00 56.30 ? 109 ARG A NH2 1 
ATOM   840  N N   . LEU A 1 110 ? -11.906 -1.195  1.939   1.00 28.04 ? 110 LEU A N   1 
ATOM   841  C CA  . LEU A 1 110 ? -12.361 0.163   2.217   1.00 27.64 ? 110 LEU A CA  1 
ATOM   842  C C   . LEU A 1 110 ? -12.411 0.993   0.932   1.00 26.82 ? 110 LEU A C   1 
ATOM   843  O O   . LEU A 1 110 ? -13.004 2.070   0.905   1.00 28.18 ? 110 LEU A O   1 
ATOM   844  C CB  . LEU A 1 110 ? -11.434 0.839   3.233   1.00 27.03 ? 110 LEU A CB  1 
ATOM   845  C CG  . LEU A 1 110 ? -11.490 0.331   4.677   1.00 28.50 ? 110 LEU A CG  1 
ATOM   846  C CD1 . LEU A 1 110 ? -10.347 0.922   5.474   1.00 28.32 ? 110 LEU A CD1 1 
ATOM   847  C CD2 . LEU A 1 110 ? -12.818 0.710   5.307   1.00 27.95 ? 110 LEU A CD2 1 
ATOM   848  N N   . GLY A 1 111 ? -11.786 0.488   -0.130  1.00 24.84 ? 111 GLY A N   1 
ATOM   849  C CA  . GLY A 1 111 ? -11.772 1.195   -1.403  1.00 22.62 ? 111 GLY A CA  1 
ATOM   850  C C   . GLY A 1 111 ? -11.241 0.299   -2.502  1.00 22.58 ? 111 GLY A C   1 
ATOM   851  O O   . GLY A 1 111 ? -11.968 -0.524  -3.055  1.00 22.72 ? 111 GLY A O   1 
ATOM   852  N N   . CYS A 1 112 ? -9.964  0.454   -2.826  1.00 22.24 ? 112 CYS A N   1 
ATOM   853  C CA  . CYS A 1 112 ? -9.351  -0.374  -3.853  1.00 22.04 ? 112 CYS A CA  1 
ATOM   854  C C   . CYS A 1 112 ? -7.888  -0.579  -3.528  1.00 21.85 ? 112 CYS A C   1 
ATOM   855  O O   . CYS A 1 112 ? -7.357  0.027   -2.593  1.00 21.80 ? 112 CYS A O   1 
ATOM   856  C CB  . CYS A 1 112 ? -9.481  0.280   -5.237  1.00 22.81 ? 112 CYS A CB  1 
ATOM   857  S SG  . CYS A 1 112 ? -8.506  1.800   -5.525  1.00 23.14 ? 112 CYS A SG  1 
ATOM   858  N N   . VAL A 1 113 ? -7.250  -1.462  -4.284  1.00 19.93 ? 113 VAL A N   1 
ATOM   859  C CA  . VAL A 1 113 ? -5.831  -1.726  -4.128  1.00 20.52 ? 113 VAL A CA  1 
ATOM   860  C C   . VAL A 1 113 ? -5.221  -1.676  -5.523  1.00 21.35 ? 113 VAL A C   1 
ATOM   861  O O   . VAL A 1 113 ? -5.686  -2.364  -6.439  1.00 21.73 ? 113 VAL A O   1 
ATOM   862  C CB  . VAL A 1 113 ? -5.549  -3.122  -3.503  1.00 20.12 ? 113 VAL A CB  1 
ATOM   863  C CG1 . VAL A 1 113 ? -4.067  -3.447  -3.602  1.00 17.97 ? 113 VAL A CG1 1 
ATOM   864  C CG2 . VAL A 1 113 ? -5.980  -3.139  -2.044  1.00 21.71 ? 113 VAL A CG2 1 
ATOM   865  N N   . GLU A 1 114 ? -4.203  -0.839  -5.690  1.00 20.82 ? 114 GLU A N   1 
ATOM   866  C CA  . GLU A 1 114 ? -3.523  -0.732  -6.969  1.00 20.20 ? 114 GLU A CA  1 
ATOM   867  C C   . GLU A 1 114 ? -2.228  -1.524  -6.862  1.00 20.41 ? 114 GLU A C   1 
ATOM   868  O O   . GLU A 1 114 ? -1.427  -1.288  -5.952  1.00 19.98 ? 114 GLU A O   1 
ATOM   869  C CB  . GLU A 1 114 ? -3.197  0.728   -7.294  1.00 20.93 ? 114 GLU A CB  1 
ATOM   870  C CG  . GLU A 1 114 ? -2.555  0.904   -8.664  1.00 19.82 ? 114 GLU A CG  1 
ATOM   871  C CD  . GLU A 1 114 ? -1.990  2.296   -8.880  1.00 20.10 ? 114 GLU A CD  1 
ATOM   872  O OE1 . GLU A 1 114 ? -2.665  3.286   -8.537  1.00 20.07 ? 114 GLU A OE1 1 
ATOM   873  O OE2 . GLU A 1 114 ? -0.869  2.401   -9.408  1.00 20.16 ? 114 GLU A OE2 1 
ATOM   874  N N   . VAL A 1 115 ? -2.030  -2.468  -7.778  1.00 20.24 ? 115 VAL A N   1 
ATOM   875  C CA  . VAL A 1 115 ? -0.815  -3.277  -7.789  1.00 19.97 ? 115 VAL A CA  1 
ATOM   876  C C   . VAL A 1 115 ? 0.127   -2.733  -8.864  1.00 20.12 ? 115 VAL A C   1 
ATOM   877  O O   . VAL A 1 115 ? -0.212  -2.720  -10.049 1.00 19.78 ? 115 VAL A O   1 
ATOM   878  C CB  . VAL A 1 115 ? -1.123  -4.769  -8.090  1.00 19.69 ? 115 VAL A CB  1 
ATOM   879  C CG1 . VAL A 1 115 ? 0.166   -5.577  -8.105  1.00 18.16 ? 115 VAL A CG1 1 
ATOM   880  C CG2 . VAL A 1 115 ? -2.081  -5.328  -7.041  1.00 18.72 ? 115 VAL A CG2 1 
ATOM   881  N N   . ARG A 1 116 ? 1.302   -2.273  -8.441  1.00 19.21 ? 116 ARG A N   1 
ATOM   882  C CA  . ARG A 1 116 ? 2.287   -1.724  -9.359  1.00 19.48 ? 116 ARG A CA  1 
ATOM   883  C C   . ARG A 1 116 ? 3.633   -2.426  -9.251  1.00 20.38 ? 116 ARG A C   1 
ATOM   884  O O   . ARG A 1 116 ? 4.199   -2.532  -8.167  1.00 19.36 ? 116 ARG A O   1 
ATOM   885  C CB  . ARG A 1 116 ? 2.506   -0.234  -9.083  1.00 18.63 ? 116 ARG A CB  1 
ATOM   886  C CG  . ARG A 1 116 ? 3.379   0.470   -10.123 1.00 17.94 ? 116 ARG A CG  1 
ATOM   887  C CD  . ARG A 1 116 ? 2.512   1.142   -11.184 1.00 18.03 ? 116 ARG A CD  1 
ATOM   888  N NE  . ARG A 1 116 ? 1.738   2.217   -10.577 1.00 18.94 ? 116 ARG A NE  1 
ATOM   889  C CZ  . ARG A 1 116 ? 2.174   3.462   -10.418 1.00 19.96 ? 116 ARG A CZ  1 
ATOM   890  N NH1 . ARG A 1 116 ? 3.379   3.810   -10.845 1.00 19.91 ? 116 ARG A NH1 1 
ATOM   891  N NH2 . ARG A 1 116 ? 1.426   4.349   -9.774  1.00 20.44 ? 116 ARG A NH2 1 
ATOM   892  N N   . PRO A 1 117 ? 4.160   -2.924  -10.379 1.00 21.81 ? 117 PRO A N   1 
ATOM   893  C CA  . PRO A 1 117 ? 5.456   -3.603  -10.379 1.00 21.82 ? 117 PRO A CA  1 
ATOM   894  C C   . PRO A 1 117 ? 6.535   -2.549  -10.130 1.00 21.95 ? 117 PRO A C   1 
ATOM   895  O O   . PRO A 1 117 ? 6.435   -1.426  -10.634 1.00 21.97 ? 117 PRO A O   1 
ATOM   896  C CB  . PRO A 1 117 ? 5.566   -4.153  -11.803 1.00 22.96 ? 117 PRO A CB  1 
ATOM   897  C CG  . PRO A 1 117 ? 4.145   -4.252  -12.269 1.00 23.55 ? 117 PRO A CG  1 
ATOM   898  C CD  . PRO A 1 117 ? 3.510   -3.028  -11.698 1.00 21.83 ? 117 PRO A CD  1 
ATOM   899  N N   . VAL A 1 118 ? 7.558   -2.890  -9.354  1.00 21.75 ? 118 VAL A N   1 
ATOM   900  C CA  . VAL A 1 118 ? 8.643   -1.941  -9.123  1.00 22.74 ? 118 VAL A CA  1 
ATOM   901  C C   . VAL A 1 118 ? 9.623   -2.117  -10.291 1.00 22.96 ? 118 VAL A C   1 
ATOM   902  O O   . VAL A 1 118 ? 9.537   -3.095  -11.039 1.00 22.63 ? 118 VAL A O   1 
ATOM   903  C CB  . VAL A 1 118 ? 9.377   -2.208  -7.778  1.00 22.17 ? 118 VAL A CB  1 
ATOM   904  C CG1 . VAL A 1 118 ? 8.380   -2.180  -6.621  1.00 20.81 ? 118 VAL A CG1 1 
ATOM   905  C CG2 . VAL A 1 118 ? 10.098  -3.547  -7.829  1.00 22.88 ? 118 VAL A CG2 1 
ATOM   906  N N   . LYS A 1 119 ? 10.543  -1.174  -10.461 1.00 23.47 ? 119 LYS A N   1 
ATOM   907  C CA  . LYS A 1 119 ? 11.510  -1.271  -11.546 1.00 23.39 ? 119 LYS A CA  1 
ATOM   908  C C   . LYS A 1 119 ? 12.659  -2.208  -11.211 1.00 24.37 ? 119 LYS A C   1 
ATOM   909  O O   . LYS A 1 119 ? 13.099  -2.985  -12.057 1.00 23.73 ? 119 LYS A O   1 
ATOM   910  C CB  . LYS A 1 119 ? 12.087  0.101   -11.883 1.00 23.07 ? 119 LYS A CB  1 
ATOM   911  C CG  . LYS A 1 119 ? 11.111  1.051   -12.542 1.00 25.54 ? 119 LYS A CG  1 
ATOM   912  C CD  . LYS A 1 119 ? 11.843  2.257   -13.116 1.00 26.41 ? 119 LYS A CD  1 
ATOM   913  C CE  . LYS A 1 119 ? 10.883  3.204   -13.813 1.00 28.45 ? 119 LYS A CE  1 
ATOM   914  N NZ  . LYS A 1 119 ? 11.601  4.364   -14.410 1.00 30.35 ? 119 LYS A NZ  1 
ATOM   915  N N   . GLU A 1 120 ? 13.137  -2.135  -9.972  1.00 24.29 ? 120 GLU A N   1 
ATOM   916  C CA  . GLU A 1 120 ? 14.265  -2.953  -9.528  1.00 25.82 ? 120 GLU A CA  1 
ATOM   917  C C   . GLU A 1 120 ? 14.023  -4.457  -9.573  1.00 27.56 ? 120 GLU A C   1 
ATOM   918  O O   . GLU A 1 120 ? 13.075  -4.969  -8.961  1.00 26.99 ? 120 GLU A O   1 
ATOM   919  C CB  . GLU A 1 120 ? 14.672  -2.582  -8.096  1.00 26.10 ? 120 GLU A CB  1 
ATOM   920  C CG  . GLU A 1 120 ? 15.045  -1.118  -7.861  1.00 27.90 ? 120 GLU A CG  1 
ATOM   921  C CD  . GLU A 1 120 ? 13.849  -0.172  -7.875  1.00 27.02 ? 120 GLU A CD  1 
ATOM   922  O OE1 . GLU A 1 120 ? 12.727  -0.613  -7.555  1.00 26.87 ? 120 GLU A OE1 1 
ATOM   923  O OE2 . GLU A 1 120 ? 14.041  1.020   -8.188  1.00 29.36 ? 120 GLU A OE2 1 
ATOM   924  N N   . TRP A 1 121 ? 14.891  -5.163  -10.294 1.00 27.70 ? 121 TRP A N   1 
ATOM   925  C CA  . TRP A 1 121 ? 14.801  -6.615  -10.388 1.00 29.28 ? 121 TRP A CA  1 
ATOM   926  C C   . TRP A 1 121 ? 16.067  -7.174  -9.739  1.00 31.40 ? 121 TRP A C   1 
ATOM   927  O O   . TRP A 1 121 ? 17.135  -7.209  -10.348 1.00 30.51 ? 121 TRP A O   1 
ATOM   928  C CB  . TRP A 1 121 ? 14.698  -7.059  -11.851 1.00 28.40 ? 121 TRP A CB  1 
ATOM   929  C CG  . TRP A 1 121 ? 14.185  -8.463  -12.021 1.00 26.36 ? 121 TRP A CG  1 
ATOM   930  C CD1 . TRP A 1 121 ? 13.711  -9.288  -11.040 1.00 25.98 ? 121 TRP A CD1 1 
ATOM   931  C CD2 . TRP A 1 121 ? 14.067  -9.190  -13.250 1.00 25.87 ? 121 TRP A CD2 1 
ATOM   932  N NE1 . TRP A 1 121 ? 13.304  -10.484 -11.582 1.00 25.14 ? 121 TRP A NE1 1 
ATOM   933  C CE2 . TRP A 1 121 ? 13.511  -10.452 -12.937 1.00 25.24 ? 121 TRP A CE2 1 
ATOM   934  C CE3 . TRP A 1 121 ? 14.377  -8.898  -14.587 1.00 25.01 ? 121 TRP A CE3 1 
ATOM   935  C CZ2 . TRP A 1 121 ? 13.257  -11.425 -13.915 1.00 23.17 ? 121 TRP A CZ2 1 
ATOM   936  C CZ3 . TRP A 1 121 ? 14.124  -9.868  -15.561 1.00 23.90 ? 121 TRP A CZ3 1 
ATOM   937  C CH2 . TRP A 1 121 ? 13.570  -11.116 -15.214 1.00 22.95 ? 121 TRP A CH2 1 
ATOM   938  N N   . GLU A 1 122 ? 15.922  -7.576  -8.482  1.00 36.35 ? 122 GLU A N   1 
ATOM   939  C CA  . GLU A 1 122 ? 17.005  -8.127  -7.671  1.00 41.62 ? 122 GLU A CA  1 
ATOM   940  C C   . GLU A 1 122 ? 17.210  -9.631  -7.914  1.00 43.68 ? 122 GLU A C   1 
ATOM   941  O O   . GLU A 1 122 ? 16.251  -10.405 -7.899  1.00 44.79 ? 122 GLU A O   1 
ATOM   942  C CB  . GLU A 1 122 ? 16.687  -7.872  -6.192  1.00 44.98 ? 122 GLU A CB  1 
ATOM   943  C CG  . GLU A 1 122 ? 17.410  -8.785  -5.213  1.00 52.11 ? 122 GLU A CG  1 
ATOM   944  C CD  . GLU A 1 122 ? 16.754  -8.816  -3.837  1.00 56.01 ? 122 GLU A CD  1 
ATOM   945  O OE1 . GLU A 1 122 ? 15.560  -9.194  -3.737  1.00 57.40 ? 122 GLU A OE1 1 
ATOM   946  O OE2 . GLU A 1 122 ? 17.439  -8.468  -2.852  1.00 59.11 ? 122 GLU A OE2 1 
ATOM   947  N N   . GLY A 1 123 ? 18.460  -10.039 -8.131  1.00 45.64 ? 123 GLY A N   1 
ATOM   948  C CA  . GLY A 1 123 ? 18.751  -11.446 -8.370  1.00 47.17 ? 123 GLY A CA  1 
ATOM   949  C C   . GLY A 1 123 ? 20.029  -11.648 -9.164  1.00 48.61 ? 123 GLY A C   1 
ATOM   950  O O   . GLY A 1 123 ? 20.910  -10.787 -9.152  1.00 48.78 ? 123 GLY A O   1 
ATOM   951  N N   . SER A 1 124 ? 20.127  -12.782 -9.860  1.00 49.23 ? 124 SER A N   1 
ATOM   952  C CA  . SER A 1 124 ? 21.304  -13.104 -10.670 1.00 49.20 ? 124 SER A CA  1 
ATOM   953  C C   . SER A 1 124 ? 21.097  -14.355 -11.535 1.00 49.51 ? 124 SER A C   1 
ATOM   954  O O   . SER A 1 124 ? 21.794  -14.489 -12.570 1.00 50.07 ? 124 SER A O   1 
ATOM   955  C CB  . SER A 1 124 ? 22.529  -13.292 -9.770  1.00 49.32 ? 124 SER A CB  1 
ATOM   956  O OG  . SER A 1 124 ? 22.251  -14.206 -8.725  1.00 51.71 ? 124 SER A OG  1 
ATOM   957  O OXT . SER A 1 124 ? 20.252  -15.197 -11.166 1.00 49.20 ? 124 SER A OXT 1 
HETATM 958  O O   . HOH B 2 .   ? -4.457  9.204   11.141  1.00 13.42 ? 201 HOH A O   1 
HETATM 959  O O   . HOH B 2 .   ? -0.969  5.219   -7.859  1.00 18.30 ? 202 HOH A O   1 
HETATM 960  O O   . HOH B 2 .   ? -4.063  9.680   -3.826  1.00 18.44 ? 203 HOH A O   1 
HETATM 961  O O   . HOH B 2 .   ? -12.970 4.598   -0.780  1.00 27.74 ? 204 HOH A O   1 
HETATM 962  O O   . HOH B 2 .   ? 1.583   19.456  -4.569  1.00 25.47 ? 205 HOH A O   1 
HETATM 963  O O   . HOH B 2 .   ? -10.216 6.573   -6.967  1.00 28.17 ? 206 HOH A O   1 
HETATM 964  O O   . HOH B 2 .   ? 0.396   20.052  -0.367  1.00 21.21 ? 207 HOH A O   1 
HETATM 965  O O   . HOH B 2 .   ? -6.617  6.677   2.663   1.00 25.73 ? 208 HOH A O   1 
HETATM 966  O O   . HOH B 2 .   ? -4.807  12.797  -1.902  1.00 22.04 ? 209 HOH A O   1 
HETATM 967  O O   . HOH B 2 .   ? 2.519   21.476  -4.212  1.00 35.07 ? 210 HOH A O   1 
HETATM 968  O O   . HOH B 2 .   ? 9.144   -0.971  8.183   1.00 31.61 ? 211 HOH A O   1 
HETATM 969  O O   . HOH B 2 .   ? 9.576   -6.687  -10.835 1.00 44.39 ? 212 HOH A O   1 
HETATM 970  O O   . HOH B 2 .   ? 16.579  26.928  -12.173 1.00 81.53 ? 213 HOH A O   1 
HETATM 971  O O   . HOH B 2 .   ? -7.143  14.064  -1.094  1.00 26.19 ? 214 HOH A O   1 
HETATM 972  O O   . HOH B 2 .   ? -5.021  6.913   6.620   1.00 32.98 ? 215 HOH A O   1 
HETATM 973  O O   . HOH B 2 .   ? 4.098   -11.005 -14.442 1.00 33.37 ? 216 HOH A O   1 
HETATM 974  O O   . HOH B 2 .   ? -9.235  9.021   -6.164  1.00 26.69 ? 217 HOH A O   1 
HETATM 975  O O   . HOH B 2 .   ? 4.926   6.372   -12.398 1.00 21.84 ? 218 HOH A O   1 
HETATM 976  O O   . HOH B 2 .   ? -5.256  18.923  -6.112  1.00 42.06 ? 220 HOH A O   1 
HETATM 977  O O   . HOH B 2 .   ? -0.378  13.265  14.323  1.00 44.01 ? 221 HOH A O   1 
HETATM 978  O O   . HOH B 2 .   ? 15.167  26.550  -2.282  1.00 44.03 ? 222 HOH A O   1 
HETATM 979  O O   . HOH B 2 .   ? 7.366   20.565  -10.079 1.00 30.97 ? 223 HOH A O   1 
HETATM 980  O O   . HOH B 2 .   ? -3.108  19.069  -1.543  1.00 33.74 ? 224 HOH A O   1 
HETATM 981  O O   . HOH B 2 .   ? 19.224  -22.242 -20.195 1.00 49.96 ? 225 HOH A O   1 
HETATM 982  O O   . HOH B 2 .   ? 18.796  -14.629 -6.588  1.00 57.68 ? 226 HOH A O   1 
HETATM 983  O O   . HOH B 2 .   ? 4.931   22.117  -2.283  1.00 32.41 ? 227 HOH A O   1 
HETATM 984  O O   . HOH B 2 .   ? -14.333 9.849   8.283   1.00 49.26 ? 228 HOH A O   1 
HETATM 985  O O   . HOH B 2 .   ? -15.863 -2.448  4.442   1.00 40.98 ? 229 HOH A O   1 
HETATM 986  O O   . HOH B 2 .   ? 8.420   -12.953 3.607   1.00 36.23 ? 230 HOH A O   1 
HETATM 987  O O   . HOH B 2 .   ? -0.608  7.371   -9.381  1.00 18.67 ? 231 HOH A O   1 
HETATM 988  O O   . HOH B 2 .   ? 13.074  15.956  -3.273  1.00 32.09 ? 232 HOH A O   1 
HETATM 989  O O   . HOH B 2 .   ? -9.475  11.104  -7.708  1.00 28.06 ? 233 HOH A O   1 
HETATM 990  O O   . HOH B 2 .   ? 7.532   -2.955  7.397   1.00 41.39 ? 235 HOH A O   1 
HETATM 991  O O   . HOH B 2 .   ? 13.275  -7.377  -7.362  1.00 41.60 ? 236 HOH A O   1 
HETATM 992  O O   . HOH B 2 .   ? 0.216   18.573  8.232   1.00 36.96 ? 237 HOH A O   1 
HETATM 993  O O   . HOH B 2 .   ? -4.885  4.286   6.593   1.00 39.05 ? 238 HOH A O   1 
HETATM 994  O O   . HOH B 2 .   ? 14.106  4.203   -15.858 1.00 37.99 ? 239 HOH A O   1 
HETATM 995  O O   . HOH B 2 .   ? 4.075   -2.538  9.997   1.00 45.65 ? 240 HOH A O   1 
HETATM 996  O O   . HOH B 2 .   ? -0.478  -18.446 -6.585  1.00 45.37 ? 241 HOH A O   1 
HETATM 997  O O   . HOH B 2 .   ? 4.359   -20.237 -7.132  1.00 56.53 ? 242 HOH A O   1 
HETATM 998  O O   . HOH B 2 .   ? 4.156   24.069  -3.994  1.00 38.14 ? 243 HOH A O   1 
HETATM 999  O O   . HOH B 2 .   ? 5.212   -8.629  -13.441 1.00 49.84 ? 244 HOH A O   1 
HETATM 1000 O O   . HOH B 2 .   ? -6.829  7.362   8.469   1.00 42.51 ? 245 HOH A O   1 
HETATM 1001 O O   . HOH B 2 .   ? -6.539  16.490  0.531   1.00 41.26 ? 246 HOH A O   1 
HETATM 1002 O O   . HOH B 2 .   ? -7.735  -11.950 3.896   1.00 42.76 ? 247 HOH A O   1 
HETATM 1003 O O   . HOH B 2 .   ? 2.577   15.414  10.481  1.00 43.01 ? 248 HOH A O   1 
HETATM 1004 O O   . HOH B 2 .   ? -6.483  14.877  -8.533  1.00 39.41 ? 249 HOH A O   1 
HETATM 1005 O O   . HOH B 2 .   ? 14.874  -5.013  -5.547  1.00 50.74 ? 250 HOH A O   1 
HETATM 1006 O O   . HOH B 2 .   ? -9.055  10.156  8.352   1.00 39.98 ? 251 HOH A O   1 
HETATM 1007 O O   . HOH B 2 .   ? 5.796   25.345  -5.899  1.00 46.46 ? 252 HOH A O   1 
HETATM 1008 O O   . HOH B 2 .   ? -1.652  21.571  -1.522  1.00 44.15 ? 253 HOH A O   1 
HETATM 1009 O O   . HOH B 2 .   ? -11.631 10.298  -9.139  1.00 50.44 ? 254 HOH A O   1 
HETATM 1010 O O   . HOH B 2 .   ? 7.389   -15.999 -3.890  1.00 47.07 ? 255 HOH A O   1 
HETATM 1011 O O   . HOH B 2 .   ? 1.508   -18.750 5.352   1.00 49.39 ? 256 HOH A O   1 
HETATM 1012 O O   . HOH B 2 .   ? 0.804   -12.787 -14.665 1.00 50.44 ? 257 HOH A O   1 
HETATM 1013 O O   . HOH B 2 .   ? 9.965   -13.497 -7.682  1.00 46.75 ? 258 HOH A O   1 
HETATM 1014 O O   . HOH B 2 .   ? -11.213 -10.924 -1.567  1.00 49.00 ? 259 HOH A O   1 
# 
